data_1VG5
#
_entry.id   1VG5
#
_entity_poly.entity_id   1
_entity_poly.type   'polypeptide(L)'
_entity_poly.pdbx_seq_one_letter_code
;GSSGSSGSRQAPIANAAVLPQSQGRVAASEEQIQKLVAMGFDRTQVEVALAAADDDLTVAVEILMSQSGPSSG
;
_entity_poly.pdbx_strand_id   A
#
# COMPACT_ATOMS: atom_id res chain seq x y z
N GLY A 1 10.87 -40.19 -19.18
CA GLY A 1 9.70 -39.77 -19.93
C GLY A 1 9.82 -38.32 -20.37
N SER A 2 8.68 -37.62 -20.35
CA SER A 2 8.65 -36.22 -20.74
C SER A 2 8.43 -35.34 -19.51
N SER A 3 9.28 -34.33 -19.40
CA SER A 3 9.19 -33.40 -18.28
C SER A 3 8.21 -32.28 -18.61
N GLY A 4 7.98 -32.10 -19.89
CA GLY A 4 7.07 -31.05 -20.35
C GLY A 4 7.52 -29.68 -19.86
N SER A 5 6.55 -28.79 -19.71
CA SER A 5 6.83 -27.45 -19.26
C SER A 5 7.73 -26.73 -20.25
N SER A 6 7.20 -25.66 -20.83
CA SER A 6 7.96 -24.88 -21.80
C SER A 6 7.17 -23.63 -22.18
N GLY A 7 7.42 -22.55 -21.45
CA GLY A 7 6.74 -21.30 -21.70
C GLY A 7 7.44 -20.14 -20.96
N SER A 8 6.63 -19.37 -20.26
CA SER A 8 7.16 -18.23 -19.51
C SER A 8 7.79 -17.22 -20.46
N ARG A 9 7.36 -15.97 -20.31
CA ARG A 9 7.87 -14.90 -21.16
C ARG A 9 7.30 -13.56 -20.71
N GLN A 10 8.09 -12.51 -20.92
CA GLN A 10 7.67 -11.17 -20.54
C GLN A 10 7.28 -11.13 -19.06
N ALA A 11 8.27 -10.84 -18.23
CA ALA A 11 8.05 -10.76 -16.80
C ALA A 11 8.61 -9.45 -16.26
N PRO A 12 7.92 -8.90 -15.22
CA PRO A 12 8.35 -7.65 -14.62
C PRO A 12 9.58 -7.87 -13.73
N ILE A 13 10.74 -7.62 -14.32
CA ILE A 13 11.99 -7.79 -13.59
C ILE A 13 12.54 -6.40 -13.22
N ALA A 14 13.17 -6.35 -12.05
CA ALA A 14 13.74 -5.10 -11.58
C ALA A 14 12.62 -4.13 -11.23
N ASN A 15 12.86 -3.35 -10.19
CA ASN A 15 11.88 -2.36 -9.74
C ASN A 15 11.90 -1.17 -10.69
N ALA A 16 10.81 -0.42 -10.67
CA ALA A 16 10.70 0.76 -11.51
C ALA A 16 11.19 1.99 -10.74
N ALA A 17 12.04 2.76 -11.40
CA ALA A 17 12.59 3.95 -10.80
C ALA A 17 11.50 5.02 -10.69
N VAL A 18 11.72 5.96 -9.78
CA VAL A 18 10.77 7.03 -9.56
C VAL A 18 11.51 8.29 -9.12
N LEU A 19 11.38 9.34 -9.92
CA LEU A 19 12.03 10.60 -9.62
C LEU A 19 11.36 11.24 -8.40
N PRO A 20 12.19 11.95 -7.60
CA PRO A 20 11.70 12.61 -6.40
C PRO A 20 10.89 13.86 -6.76
N GLN A 21 10.36 14.50 -5.73
CA GLN A 21 9.58 15.72 -5.92
C GLN A 21 8.52 15.49 -7.00
N SER A 22 7.75 16.55 -7.26
CA SER A 22 6.70 16.47 -8.25
C SER A 22 5.67 15.42 -7.85
N GLN A 23 5.88 14.22 -8.36
CA GLN A 23 4.98 13.11 -8.07
C GLN A 23 4.89 12.89 -6.57
N GLY A 24 3.82 13.41 -5.98
CA GLY A 24 3.60 13.28 -4.55
C GLY A 24 2.14 13.56 -4.18
N ARG A 25 1.28 12.61 -4.53
CA ARG A 25 -0.14 12.75 -4.24
C ARG A 25 -0.64 11.54 -3.44
N VAL A 26 -1.86 11.67 -2.95
CA VAL A 26 -2.46 10.60 -2.17
C VAL A 26 -2.55 9.34 -3.03
N ALA A 27 -2.59 8.20 -2.34
CA ALA A 27 -2.68 6.92 -3.02
C ALA A 27 -2.71 5.80 -1.98
N ALA A 28 -1.61 5.68 -1.25
CA ALA A 28 -1.50 4.66 -0.22
C ALA A 28 -2.83 4.53 0.50
N SER A 29 -3.33 3.30 0.56
CA SER A 29 -4.59 3.02 1.22
C SER A 29 -4.36 2.15 2.46
N GLU A 30 -5.18 2.37 3.46
CA GLU A 30 -5.07 1.62 4.70
C GLU A 30 -5.23 0.12 4.42
N GLU A 31 -6.23 -0.20 3.61
CA GLU A 31 -6.47 -1.59 3.26
C GLU A 31 -5.17 -2.29 2.87
N GLN A 32 -4.37 -1.57 2.10
CA GLN A 32 -3.10 -2.11 1.65
C GLN A 32 -2.13 -2.26 2.83
N ILE A 33 -1.86 -1.14 3.48
CA ILE A 33 -0.96 -1.13 4.62
C ILE A 33 -1.25 -2.35 5.49
N GLN A 34 -2.53 -2.67 5.61
CA GLN A 34 -2.94 -3.80 6.41
C GLN A 34 -2.65 -5.11 5.67
N LYS A 35 -2.97 -5.11 4.38
CA LYS A 35 -2.75 -6.28 3.56
C LYS A 35 -1.26 -6.63 3.57
N LEU A 36 -0.44 -5.62 3.82
CA LEU A 36 1.00 -5.81 3.87
C LEU A 36 1.44 -6.00 5.31
N VAL A 37 0.99 -5.09 6.16
CA VAL A 37 1.34 -5.15 7.57
C VAL A 37 0.91 -6.51 8.14
N ALA A 38 -0.21 -7.00 7.64
CA ALA A 38 -0.73 -8.28 8.08
C ALA A 38 0.24 -9.39 7.68
N MET A 39 0.79 -9.24 6.49
CA MET A 39 1.74 -10.22 5.97
C MET A 39 3.01 -10.26 6.82
N GLY A 40 3.23 -9.16 7.53
CA GLY A 40 4.41 -9.06 8.39
C GLY A 40 5.32 -7.91 7.93
N PHE A 41 4.70 -6.84 7.48
CA PHE A 41 5.44 -5.68 7.02
C PHE A 41 5.19 -4.48 7.92
N ASP A 42 5.99 -3.44 7.69
CA ASP A 42 5.86 -2.22 8.48
C ASP A 42 5.10 -1.17 7.67
N ARG A 43 4.12 -0.57 8.32
CA ARG A 43 3.30 0.45 7.68
C ARG A 43 4.18 1.37 6.83
N THR A 44 5.23 1.88 7.46
CA THR A 44 6.16 2.77 6.78
C THR A 44 6.66 2.12 5.49
N GLN A 45 7.26 0.95 5.64
CA GLN A 45 7.78 0.22 4.50
C GLN A 45 6.72 0.09 3.41
N VAL A 46 5.50 -0.15 3.86
CA VAL A 46 4.38 -0.30 2.94
C VAL A 46 4.16 1.02 2.19
N GLU A 47 4.08 2.09 2.96
CA GLU A 47 3.88 3.42 2.38
C GLU A 47 5.02 3.76 1.43
N VAL A 48 6.23 3.71 1.96
CA VAL A 48 7.41 4.02 1.16
C VAL A 48 7.32 3.28 -0.18
N ALA A 49 7.05 1.98 -0.08
CA ALA A 49 6.93 1.17 -1.27
C ALA A 49 5.71 1.60 -2.08
N LEU A 50 4.55 1.48 -1.45
CA LEU A 50 3.30 1.87 -2.11
C LEU A 50 3.54 3.14 -2.92
N ALA A 51 4.45 3.96 -2.43
CA ALA A 51 4.77 5.21 -3.11
C ALA A 51 5.47 4.91 -4.44
N ALA A 52 6.61 4.23 -4.34
CA ALA A 52 7.37 3.87 -5.52
C ALA A 52 6.54 2.93 -6.39
N ALA A 53 5.68 2.17 -5.73
CA ALA A 53 4.82 1.22 -6.43
C ALA A 53 3.78 1.99 -7.24
N ASP A 54 3.47 3.19 -6.77
CA ASP A 54 2.49 4.04 -7.44
C ASP A 54 1.09 3.62 -7.01
N ASP A 55 0.98 3.19 -5.76
CA ASP A 55 -0.29 2.76 -5.22
C ASP A 55 -0.57 1.32 -5.65
N ASP A 56 0.50 0.63 -6.01
CA ASP A 56 0.40 -0.75 -6.44
C ASP A 56 0.72 -1.68 -5.27
N LEU A 57 -0.07 -2.74 -5.16
CA LEU A 57 0.12 -3.70 -4.09
C LEU A 57 1.04 -4.82 -4.57
N THR A 58 0.61 -5.51 -5.62
CA THR A 58 1.38 -6.59 -6.18
C THR A 58 2.85 -6.17 -6.34
N VAL A 59 3.04 -4.88 -6.57
CA VAL A 59 4.38 -4.34 -6.74
C VAL A 59 4.98 -4.03 -5.36
N ALA A 60 4.21 -3.27 -4.57
CA ALA A 60 4.66 -2.89 -3.25
C ALA A 60 5.15 -4.14 -2.50
N VAL A 61 4.28 -5.13 -2.44
CA VAL A 61 4.61 -6.38 -1.77
C VAL A 61 6.02 -6.80 -2.17
N GLU A 62 6.27 -6.78 -3.47
CA GLU A 62 7.57 -7.17 -3.99
C GLU A 62 8.66 -6.30 -3.36
N ILE A 63 8.36 -5.02 -3.22
CA ILE A 63 9.30 -4.08 -2.64
C ILE A 63 9.50 -4.41 -1.15
N LEU A 64 8.38 -4.61 -0.47
CA LEU A 64 8.41 -4.93 0.95
C LEU A 64 9.26 -6.18 1.17
N MET A 65 9.02 -7.18 0.33
CA MET A 65 9.75 -8.42 0.41
C MET A 65 11.24 -8.20 0.16
N SER A 66 11.53 -7.44 -0.89
CA SER A 66 12.90 -7.14 -1.24
C SER A 66 13.17 -5.65 -1.12
N GLN A 67 12.98 -5.15 0.10
CA GLN A 67 13.20 -3.73 0.37
C GLN A 67 14.66 -3.48 0.74
N SER A 68 15.10 -4.17 1.80
CA SER A 68 16.47 -4.03 2.26
C SER A 68 17.41 -4.84 1.39
N GLY A 69 18.14 -4.13 0.54
CA GLY A 69 19.09 -4.78 -0.36
C GLY A 69 20.51 -4.69 0.19
N PRO A 70 21.47 -5.20 -0.63
CA PRO A 70 22.88 -5.19 -0.24
C PRO A 70 23.46 -3.79 -0.36
N SER A 71 22.85 -2.86 0.35
CA SER A 71 23.30 -1.47 0.33
C SER A 71 22.70 -0.70 1.51
N SER A 72 23.45 0.30 1.97
CA SER A 72 23.01 1.11 3.08
C SER A 72 21.81 1.97 2.66
N GLY A 73 22.05 2.79 1.65
CA GLY A 73 21.01 3.67 1.14
C GLY A 73 20.87 4.91 2.02
N GLY A 1 20.09 -22.19 -2.57
CA GLY A 1 19.51 -21.99 -1.26
C GLY A 1 20.48 -22.41 -0.15
N SER A 2 21.40 -21.50 0.14
CA SER A 2 22.39 -21.75 1.18
C SER A 2 21.89 -21.25 2.53
N SER A 3 22.33 -21.94 3.58
CA SER A 3 21.93 -21.58 4.92
C SER A 3 22.95 -20.62 5.53
N GLY A 4 23.48 -19.75 4.68
CA GLY A 4 24.46 -18.78 5.12
C GLY A 4 23.88 -17.36 5.12
N SER A 5 24.36 -16.56 6.06
CA SER A 5 23.90 -15.19 6.17
C SER A 5 24.82 -14.40 7.11
N SER A 6 25.37 -13.33 6.56
CA SER A 6 26.26 -12.48 7.34
C SER A 6 25.91 -11.01 7.13
N GLY A 7 25.95 -10.59 5.87
CA GLY A 7 25.64 -9.21 5.53
C GLY A 7 24.65 -9.16 4.36
N SER A 8 24.60 -7.99 3.73
CA SER A 8 23.70 -7.80 2.60
C SER A 8 24.34 -6.85 1.58
N ARG A 9 24.66 -5.65 2.06
CA ARG A 9 25.27 -4.65 1.21
C ARG A 9 24.31 -4.25 0.08
N GLN A 10 23.56 -3.19 0.34
CA GLN A 10 22.60 -2.69 -0.64
C GLN A 10 22.41 -1.18 -0.47
N ALA A 11 22.14 -0.53 -1.60
CA ALA A 11 21.93 0.91 -1.60
C ALA A 11 20.43 1.20 -1.60
N PRO A 12 19.97 1.87 -0.52
CA PRO A 12 18.57 2.23 -0.40
C PRO A 12 18.20 3.40 -1.31
N ILE A 13 17.68 3.05 -2.47
CA ILE A 13 17.29 4.06 -3.45
C ILE A 13 15.77 4.03 -3.63
N ALA A 14 15.16 5.19 -3.40
CA ALA A 14 13.72 5.31 -3.54
C ALA A 14 13.32 6.78 -3.38
N ASN A 15 13.77 7.58 -4.34
CA ASN A 15 13.46 9.01 -4.32
C ASN A 15 12.06 9.23 -4.87
N ALA A 16 11.46 10.33 -4.44
CA ALA A 16 10.12 10.67 -4.88
C ALA A 16 10.11 10.84 -6.41
N ALA A 17 9.18 10.16 -7.04
CA ALA A 17 9.06 10.23 -8.49
C ALA A 17 7.71 10.87 -8.86
N VAL A 18 7.64 11.36 -10.09
CA VAL A 18 6.43 11.99 -10.57
C VAL A 18 5.55 10.94 -11.26
N LEU A 19 4.36 10.76 -10.70
CA LEU A 19 3.41 9.79 -11.25
C LEU A 19 2.08 10.49 -11.53
N PRO A 20 1.40 10.02 -12.59
CA PRO A 20 0.11 10.58 -12.97
C PRO A 20 -0.99 10.12 -12.02
N GLN A 21 -1.88 11.05 -11.71
CA GLN A 21 -2.98 10.75 -10.81
C GLN A 21 -2.50 10.69 -9.36
N SER A 22 -3.44 10.52 -8.45
CA SER A 22 -3.12 10.44 -7.03
C SER A 22 -2.28 11.65 -6.63
N GLN A 23 -2.97 12.76 -6.40
CA GLN A 23 -2.30 13.98 -5.99
C GLN A 23 -2.95 14.55 -4.72
N GLY A 24 -4.27 14.55 -4.72
CA GLY A 24 -5.02 15.06 -3.59
C GLY A 24 -4.73 14.24 -2.33
N ARG A 25 -5.69 13.38 -1.99
CA ARG A 25 -5.55 12.53 -0.82
C ARG A 25 -4.33 11.62 -0.97
N VAL A 26 -3.85 11.14 0.17
CA VAL A 26 -2.69 10.25 0.18
C VAL A 26 -3.00 9.00 -0.64
N ALA A 27 -1.94 8.38 -1.13
CA ALA A 27 -2.08 7.18 -1.94
C ALA A 27 -2.24 5.97 -1.01
N ALA A 28 -1.18 5.70 -0.26
CA ALA A 28 -1.19 4.58 0.67
C ALA A 28 -2.56 4.50 1.34
N SER A 29 -3.17 3.32 1.22
CA SER A 29 -4.48 3.10 1.81
C SER A 29 -4.38 2.07 2.94
N GLU A 30 -4.90 2.46 4.10
CA GLU A 30 -4.87 1.59 5.26
C GLU A 30 -5.12 0.14 4.84
N GLU A 31 -6.20 -0.06 4.10
CA GLU A 31 -6.56 -1.38 3.63
C GLU A 31 -5.31 -2.15 3.18
N GLN A 32 -4.43 -1.43 2.49
CA GLN A 32 -3.20 -2.02 2.00
C GLN A 32 -2.21 -2.20 3.15
N ILE A 33 -1.90 -1.09 3.81
CA ILE A 33 -0.96 -1.13 4.92
C ILE A 33 -1.23 -2.37 5.77
N GLN A 34 -2.51 -2.67 5.95
CA GLN A 34 -2.90 -3.82 6.74
C GLN A 34 -2.66 -5.11 5.94
N LYS A 35 -3.14 -5.10 4.70
CA LYS A 35 -2.97 -6.25 3.83
C LYS A 35 -1.49 -6.63 3.76
N LEU A 36 -0.65 -5.64 3.99
CA LEU A 36 0.79 -5.85 3.95
C LEU A 36 1.30 -6.09 5.37
N VAL A 37 0.94 -5.18 6.26
CA VAL A 37 1.36 -5.28 7.65
C VAL A 37 0.98 -6.66 8.19
N ALA A 38 -0.20 -7.12 7.78
CA ALA A 38 -0.68 -8.41 8.22
C ALA A 38 0.30 -9.50 7.79
N MET A 39 0.86 -9.31 6.59
CA MET A 39 1.81 -10.25 6.05
C MET A 39 3.12 -10.24 6.86
N GLY A 40 3.37 -9.10 7.48
CA GLY A 40 4.58 -8.95 8.28
C GLY A 40 5.46 -7.81 7.74
N PHE A 41 4.83 -6.68 7.50
CA PHE A 41 5.54 -5.52 6.99
C PHE A 41 5.27 -4.28 7.84
N ASP A 42 6.24 -3.38 7.82
CA ASP A 42 6.12 -2.14 8.58
C ASP A 42 5.26 -1.14 7.80
N ARG A 43 4.30 -0.56 8.51
CA ARG A 43 3.41 0.40 7.89
C ARG A 43 4.17 1.30 6.92
N THR A 44 5.28 1.84 7.41
CA THR A 44 6.11 2.71 6.60
C THR A 44 6.52 2.00 5.31
N GLN A 45 7.21 0.88 5.48
CA GLN A 45 7.67 0.10 4.34
C GLN A 45 6.56 0.00 3.29
N VAL A 46 5.35 -0.23 3.77
CA VAL A 46 4.21 -0.35 2.88
C VAL A 46 4.00 0.98 2.15
N GLU A 47 3.82 2.03 2.93
CA GLU A 47 3.61 3.35 2.37
C GLU A 47 4.75 3.71 1.42
N VAL A 48 5.97 3.64 1.95
CA VAL A 48 7.15 3.95 1.18
C VAL A 48 7.08 3.23 -0.17
N ALA A 49 6.94 1.92 -0.08
CA ALA A 49 6.86 1.10 -1.29
C ALA A 49 5.66 1.54 -2.12
N LEU A 50 4.49 1.39 -1.55
CA LEU A 50 3.26 1.77 -2.22
C LEU A 50 3.49 3.06 -3.00
N ALA A 51 4.38 3.89 -2.47
CA ALA A 51 4.70 5.15 -3.09
C ALA A 51 5.46 4.89 -4.40
N ALA A 52 6.58 4.19 -4.27
CA ALA A 52 7.39 3.87 -5.43
C ALA A 52 6.61 2.92 -6.35
N ALA A 53 5.69 2.17 -5.74
CA ALA A 53 4.88 1.23 -6.48
C ALA A 53 3.85 1.99 -7.31
N ASP A 54 3.61 3.23 -6.90
CA ASP A 54 2.65 4.08 -7.59
C ASP A 54 1.23 3.66 -7.21
N ASP A 55 1.11 3.18 -5.99
CA ASP A 55 -0.18 2.73 -5.48
C ASP A 55 -0.46 1.32 -5.98
N ASP A 56 0.61 0.62 -6.32
CA ASP A 56 0.50 -0.75 -6.80
C ASP A 56 0.97 -1.71 -5.72
N LEU A 57 0.03 -2.47 -5.18
CA LEU A 57 0.34 -3.43 -4.15
C LEU A 57 1.25 -4.52 -4.73
N THR A 58 0.78 -5.14 -5.80
CA THR A 58 1.53 -6.19 -6.46
C THR A 58 3.03 -5.86 -6.45
N VAL A 59 3.34 -4.68 -6.96
CA VAL A 59 4.73 -4.24 -7.02
C VAL A 59 5.23 -3.96 -5.59
N ALA A 60 4.44 -3.20 -4.87
CA ALA A 60 4.78 -2.85 -3.50
C ALA A 60 5.22 -4.11 -2.75
N VAL A 61 4.34 -5.09 -2.74
CA VAL A 61 4.61 -6.35 -2.07
C VAL A 61 6.06 -6.78 -2.36
N GLU A 62 6.39 -6.80 -3.65
CA GLU A 62 7.73 -7.17 -4.06
C GLU A 62 8.77 -6.32 -3.34
N ILE A 63 8.45 -5.05 -3.20
CA ILE A 63 9.35 -4.12 -2.54
C ILE A 63 9.43 -4.46 -1.06
N LEU A 64 8.27 -4.66 -0.46
CA LEU A 64 8.20 -5.02 0.95
C LEU A 64 9.03 -6.27 1.21
N MET A 65 8.84 -7.25 0.33
CA MET A 65 9.55 -8.51 0.45
C MET A 65 11.06 -8.28 0.52
N SER A 66 11.57 -7.59 -0.50
CA SER A 66 13.00 -7.29 -0.57
C SER A 66 13.44 -6.56 0.70
N GLN A 67 12.75 -5.47 0.97
CA GLN A 67 13.06 -4.67 2.15
C GLN A 67 13.40 -5.58 3.33
N SER A 68 12.53 -6.55 3.56
CA SER A 68 12.73 -7.49 4.65
C SER A 68 12.11 -8.84 4.29
N GLY A 69 10.81 -8.81 4.05
CA GLY A 69 10.09 -10.03 3.69
C GLY A 69 9.92 -10.94 4.90
N PRO A 70 9.16 -12.05 4.70
CA PRO A 70 8.91 -13.00 5.76
C PRO A 70 10.16 -13.87 6.02
N SER A 71 11.21 -13.20 6.44
CA SER A 71 12.46 -13.89 6.72
C SER A 71 13.05 -14.47 5.43
N SER A 72 14.09 -13.81 4.94
CA SER A 72 14.75 -14.24 3.73
C SER A 72 16.25 -13.95 3.80
N GLY A 73 16.98 -14.52 2.86
CA GLY A 73 18.42 -14.32 2.80
C GLY A 73 19.00 -14.89 1.51
N GLY A 1 -26.99 -24.70 -10.87
CA GLY A 1 -28.30 -24.10 -10.98
C GLY A 1 -28.65 -23.29 -9.72
N SER A 2 -29.79 -22.62 -9.78
CA SER A 2 -30.25 -21.82 -8.66
C SER A 2 -31.74 -22.00 -8.46
N SER A 3 -32.21 -21.59 -7.29
CA SER A 3 -33.62 -21.69 -6.96
C SER A 3 -34.37 -20.45 -7.43
N GLY A 4 -33.62 -19.36 -7.58
CA GLY A 4 -34.19 -18.11 -8.03
C GLY A 4 -35.38 -17.70 -7.14
N SER A 5 -35.91 -16.53 -7.43
CA SER A 5 -37.03 -16.00 -6.66
C SER A 5 -37.98 -15.26 -7.60
N SER A 6 -39.26 -15.31 -7.25
CA SER A 6 -40.29 -14.65 -8.03
C SER A 6 -40.95 -13.54 -7.21
N GLY A 7 -40.53 -12.31 -7.48
CA GLY A 7 -41.06 -11.16 -6.78
C GLY A 7 -40.53 -9.85 -7.38
N SER A 8 -39.81 -9.12 -6.55
CA SER A 8 -39.24 -7.85 -6.97
C SER A 8 -40.35 -6.89 -7.39
N ARG A 9 -40.66 -5.98 -6.49
CA ARG A 9 -41.70 -4.99 -6.74
C ARG A 9 -41.09 -3.59 -6.84
N GLN A 10 -40.00 -3.40 -6.12
CA GLN A 10 -39.33 -2.11 -6.11
C GLN A 10 -37.85 -2.30 -5.78
N ALA A 11 -37.01 -1.61 -6.55
CA ALA A 11 -35.58 -1.68 -6.37
C ALA A 11 -34.99 -0.28 -6.31
N PRO A 12 -33.92 -0.13 -5.49
CA PRO A 12 -33.26 1.15 -5.34
C PRO A 12 -32.40 1.48 -6.57
N ILE A 13 -32.16 2.76 -6.75
CA ILE A 13 -31.36 3.22 -7.88
C ILE A 13 -30.06 3.85 -7.35
N ALA A 14 -28.95 3.26 -7.76
CA ALA A 14 -27.65 3.75 -7.34
C ALA A 14 -26.57 3.16 -8.24
N ASN A 15 -25.92 4.03 -8.99
CA ASN A 15 -24.86 3.61 -9.89
C ASN A 15 -23.52 4.13 -9.39
N ALA A 16 -22.48 3.40 -9.72
CA ALA A 16 -21.13 3.77 -9.31
C ALA A 16 -20.36 4.30 -10.52
N ALA A 17 -19.46 5.22 -10.25
CA ALA A 17 -18.65 5.81 -11.30
C ALA A 17 -17.19 5.42 -11.10
N VAL A 18 -16.48 5.31 -12.21
CA VAL A 18 -15.07 4.93 -12.17
C VAL A 18 -14.21 6.17 -12.43
N LEU A 19 -13.44 6.54 -11.41
CA LEU A 19 -12.57 7.70 -11.52
C LEU A 19 -11.11 7.26 -11.37
N PRO A 20 -10.22 7.98 -12.09
CA PRO A 20 -8.80 7.66 -12.05
C PRO A 20 -8.17 8.15 -10.73
N GLN A 21 -6.88 7.89 -10.62
CA GLN A 21 -6.15 8.30 -9.43
C GLN A 21 -4.74 8.74 -9.79
N SER A 22 -4.41 9.96 -9.40
CA SER A 22 -3.10 10.52 -9.67
C SER A 22 -2.96 11.90 -9.03
N GLN A 23 -2.27 11.92 -7.90
CA GLN A 23 -2.07 13.17 -7.19
C GLN A 23 -0.61 13.28 -6.72
N GLY A 24 -0.19 14.51 -6.48
CA GLY A 24 1.17 14.77 -6.04
C GLY A 24 1.54 13.87 -4.85
N ARG A 25 0.82 14.07 -3.76
CA ARG A 25 1.06 13.29 -2.56
C ARG A 25 1.24 11.81 -2.91
N VAL A 26 1.89 11.09 -2.01
CA VAL A 26 2.13 9.68 -2.21
C VAL A 26 0.80 8.92 -2.11
N ALA A 27 0.77 7.76 -2.77
CA ALA A 27 -0.43 6.94 -2.75
C ALA A 27 -0.25 5.79 -1.76
N ALA A 28 -1.35 5.39 -1.14
CA ALA A 28 -1.33 4.32 -0.17
C ALA A 28 -2.62 4.36 0.65
N SER A 29 -3.29 3.22 0.70
CA SER A 29 -4.52 3.11 1.46
C SER A 29 -4.32 2.18 2.66
N GLU A 30 -5.11 2.44 3.70
CA GLU A 30 -5.03 1.64 4.92
C GLU A 30 -5.19 0.16 4.58
N GLU A 31 -6.22 -0.13 3.81
CA GLU A 31 -6.49 -1.51 3.41
C GLU A 31 -5.20 -2.20 2.98
N GLN A 32 -4.39 -1.47 2.24
CA GLN A 32 -3.13 -2.00 1.76
C GLN A 32 -2.15 -2.18 2.92
N ILE A 33 -1.85 -1.07 3.59
CA ILE A 33 -0.94 -1.10 4.71
C ILE A 33 -1.21 -2.34 5.56
N GLN A 34 -2.49 -2.65 5.71
CA GLN A 34 -2.90 -3.81 6.48
C GLN A 34 -2.63 -5.10 5.70
N LYS A 35 -3.06 -5.09 4.44
CA LYS A 35 -2.87 -6.25 3.59
C LYS A 35 -1.39 -6.62 3.56
N LEU A 36 -0.55 -5.62 3.82
CA LEU A 36 0.88 -5.83 3.82
C LEU A 36 1.36 -6.05 5.27
N VAL A 37 0.96 -5.14 6.13
CA VAL A 37 1.33 -5.23 7.54
C VAL A 37 0.94 -6.59 8.08
N ALA A 38 -0.20 -7.07 7.60
CA ALA A 38 -0.71 -8.37 8.02
C ALA A 38 0.28 -9.46 7.60
N MET A 39 0.93 -9.22 6.47
CA MET A 39 1.90 -10.16 5.96
C MET A 39 3.18 -10.17 6.80
N GLY A 40 3.31 -9.14 7.62
CA GLY A 40 4.48 -9.01 8.48
C GLY A 40 5.37 -7.85 8.03
N PHE A 41 4.73 -6.84 7.46
CA PHE A 41 5.46 -5.68 6.99
C PHE A 41 5.18 -4.46 7.89
N ASP A 42 6.03 -3.45 7.73
CA ASP A 42 5.89 -2.24 8.51
C ASP A 42 5.06 -1.22 7.72
N ARG A 43 4.19 -0.53 8.44
CA ARG A 43 3.34 0.47 7.81
C ARG A 43 4.17 1.39 6.92
N THR A 44 5.32 1.78 7.44
CA THR A 44 6.21 2.65 6.69
C THR A 44 6.66 1.98 5.38
N GLN A 45 7.32 0.85 5.53
CA GLN A 45 7.80 0.11 4.38
C GLN A 45 6.71 0.02 3.32
N VAL A 46 5.49 -0.25 3.78
CA VAL A 46 4.36 -0.35 2.88
C VAL A 46 4.16 0.98 2.15
N GLU A 47 4.00 2.02 2.94
CA GLU A 47 3.80 3.35 2.38
C GLU A 47 4.94 3.70 1.42
N VAL A 48 6.15 3.65 1.95
CA VAL A 48 7.33 3.96 1.15
C VAL A 48 7.25 3.22 -0.19
N ALA A 49 6.99 1.93 -0.10
CA ALA A 49 6.88 1.11 -1.29
C ALA A 49 5.68 1.57 -2.11
N LEU A 50 4.49 1.41 -1.52
CA LEU A 50 3.27 1.81 -2.19
C LEU A 50 3.51 3.11 -2.96
N ALA A 51 4.41 3.92 -2.41
CA ALA A 51 4.73 5.19 -3.03
C ALA A 51 5.43 4.94 -4.37
N ALA A 52 6.55 4.24 -4.29
CA ALA A 52 7.32 3.92 -5.49
C ALA A 52 6.52 2.96 -6.36
N ALA A 53 5.64 2.21 -5.71
CA ALA A 53 4.81 1.25 -6.41
C ALA A 53 3.76 1.99 -7.24
N ASP A 54 3.55 3.25 -6.88
CA ASP A 54 2.58 4.08 -7.57
C ASP A 54 1.17 3.67 -7.16
N ASP A 55 1.05 3.24 -5.91
CA ASP A 55 -0.23 2.81 -5.38
C ASP A 55 -0.50 1.37 -5.82
N ASP A 56 0.58 0.67 -6.14
CA ASP A 56 0.47 -0.72 -6.57
C ASP A 56 0.77 -1.64 -5.39
N LEU A 57 -0.15 -2.57 -5.15
CA LEU A 57 0.01 -3.51 -4.06
C LEU A 57 0.96 -4.64 -4.50
N THR A 58 0.52 -5.39 -5.50
CA THR A 58 1.31 -6.48 -6.02
C THR A 58 2.78 -6.09 -6.08
N VAL A 59 3.05 -4.97 -6.74
CA VAL A 59 4.40 -4.48 -6.88
C VAL A 59 4.98 -4.18 -5.49
N ALA A 60 4.27 -3.34 -4.76
CA ALA A 60 4.70 -2.96 -3.43
C ALA A 60 5.21 -4.20 -2.70
N VAL A 61 4.37 -5.22 -2.65
CA VAL A 61 4.71 -6.47 -1.98
C VAL A 61 6.17 -6.81 -2.30
N GLU A 62 6.46 -6.86 -3.59
CA GLU A 62 7.81 -7.17 -4.04
C GLU A 62 8.83 -6.28 -3.34
N ILE A 63 8.49 -5.01 -3.24
CA ILE A 63 9.36 -4.04 -2.59
C ILE A 63 9.50 -4.40 -1.11
N LEU A 64 8.36 -4.64 -0.48
CA LEU A 64 8.34 -4.99 0.93
C LEU A 64 9.20 -6.23 1.14
N MET A 65 9.01 -7.21 0.27
CA MET A 65 9.76 -8.44 0.36
C MET A 65 11.27 -8.18 0.38
N SER A 66 11.73 -7.50 -0.66
CA SER A 66 13.14 -7.16 -0.77
C SER A 66 13.62 -6.48 0.51
N GLN A 67 12.87 -5.46 0.92
CA GLN A 67 13.21 -4.73 2.12
C GLN A 67 13.50 -5.69 3.27
N SER A 68 12.53 -6.54 3.56
CA SER A 68 12.67 -7.51 4.62
C SER A 68 11.80 -8.73 4.33
N GLY A 69 12.36 -9.89 4.63
CA GLY A 69 11.65 -11.15 4.41
C GLY A 69 12.57 -12.19 3.76
N PRO A 70 12.22 -13.48 4.01
CA PRO A 70 13.01 -14.58 3.46
C PRO A 70 12.73 -14.75 1.97
N SER A 71 13.75 -15.23 1.26
CA SER A 71 13.62 -15.45 -0.17
C SER A 71 13.25 -16.90 -0.45
N SER A 72 11.95 -17.16 -0.39
CA SER A 72 11.45 -18.51 -0.64
C SER A 72 10.31 -18.46 -1.66
N GLY A 73 10.60 -18.97 -2.85
CA GLY A 73 9.62 -18.99 -3.92
C GLY A 73 10.22 -19.53 -5.22
N GLY A 1 -20.47 -15.76 -34.53
CA GLY A 1 -20.05 -14.46 -34.04
C GLY A 1 -18.67 -14.09 -34.57
N SER A 2 -17.66 -14.42 -33.79
CA SER A 2 -16.29 -14.13 -34.17
C SER A 2 -15.38 -15.32 -33.84
N SER A 3 -14.42 -15.57 -34.72
CA SER A 3 -13.49 -16.66 -34.53
C SER A 3 -12.10 -16.12 -34.20
N GLY A 4 -12.09 -15.02 -33.45
CA GLY A 4 -10.84 -14.40 -33.08
C GLY A 4 -10.19 -15.14 -31.90
N SER A 5 -9.02 -14.65 -31.51
CA SER A 5 -8.30 -15.26 -30.40
C SER A 5 -7.23 -14.29 -29.88
N SER A 6 -6.32 -13.93 -30.78
CA SER A 6 -5.25 -13.02 -30.42
C SER A 6 -4.34 -13.66 -29.37
N GLY A 7 -3.10 -13.17 -29.32
CA GLY A 7 -2.13 -13.69 -28.37
C GLY A 7 -0.99 -12.69 -28.18
N SER A 8 -0.49 -12.65 -26.94
CA SER A 8 0.60 -11.76 -26.61
C SER A 8 1.12 -12.06 -25.20
N ARG A 9 2.42 -11.83 -25.03
CA ARG A 9 3.05 -12.09 -23.75
C ARG A 9 3.46 -10.77 -23.08
N GLN A 10 3.67 -9.77 -23.92
CA GLN A 10 4.06 -8.45 -23.44
C GLN A 10 4.01 -7.43 -24.57
N ALA A 11 3.15 -6.44 -24.38
CA ALA A 11 2.98 -5.40 -25.37
C ALA A 11 3.04 -4.03 -24.70
N PRO A 12 4.28 -3.47 -24.64
CA PRO A 12 4.48 -2.18 -24.01
C PRO A 12 3.98 -1.04 -24.91
N ILE A 13 2.79 -0.56 -24.59
CA ILE A 13 2.18 0.52 -25.35
C ILE A 13 1.98 1.73 -24.45
N ALA A 14 2.71 2.79 -24.75
CA ALA A 14 2.63 4.02 -23.98
C ALA A 14 3.07 3.73 -22.54
N ASN A 15 3.29 4.81 -21.80
CA ASN A 15 3.71 4.70 -20.42
C ASN A 15 2.63 5.30 -19.51
N ALA A 16 2.69 4.91 -18.25
CA ALA A 16 1.73 5.41 -17.27
C ALA A 16 1.90 6.91 -17.11
N ALA A 17 0.76 7.59 -16.98
CA ALA A 17 0.77 9.03 -16.83
C ALA A 17 0.29 9.40 -15.42
N VAL A 18 0.71 10.57 -14.96
CA VAL A 18 0.33 11.04 -13.65
C VAL A 18 0.92 12.43 -13.41
N LEU A 19 0.05 13.42 -13.39
CA LEU A 19 0.47 14.79 -13.18
C LEU A 19 0.21 15.19 -11.73
N PRO A 20 1.14 16.00 -11.17
CA PRO A 20 1.01 16.46 -9.79
C PRO A 20 -0.05 17.55 -9.67
N GLN A 21 -1.30 17.11 -9.67
CA GLN A 21 -2.41 18.05 -9.56
C GLN A 21 -2.77 18.29 -8.09
N SER A 22 -2.83 19.56 -7.73
CA SER A 22 -3.16 19.93 -6.36
C SER A 22 -4.62 19.58 -6.06
N GLN A 23 -4.84 18.31 -5.75
CA GLN A 23 -6.17 17.84 -5.44
C GLN A 23 -6.14 16.35 -5.10
N GLY A 24 -5.30 15.63 -5.82
CA GLY A 24 -5.17 14.19 -5.61
C GLY A 24 -5.02 13.88 -4.11
N ARG A 25 -5.34 12.64 -3.77
CA ARG A 25 -5.24 12.20 -2.38
C ARG A 25 -4.04 11.26 -2.21
N VAL A 26 -3.77 10.93 -0.96
CA VAL A 26 -2.67 10.04 -0.64
C VAL A 26 -2.88 8.69 -1.33
N ALA A 27 -1.78 8.00 -1.57
CA ALA A 27 -1.84 6.70 -2.22
C ALA A 27 -1.99 5.61 -1.16
N ALA A 28 -0.95 5.45 -0.35
CA ALA A 28 -0.95 4.45 0.70
C ALA A 28 -2.33 4.42 1.34
N SER A 29 -3.00 3.28 1.18
CA SER A 29 -4.33 3.10 1.74
C SER A 29 -4.28 2.08 2.88
N GLU A 30 -4.93 2.42 3.98
CA GLU A 30 -4.97 1.54 5.12
C GLU A 30 -5.11 0.09 4.68
N GLU A 31 -6.14 -0.16 3.88
CA GLU A 31 -6.39 -1.50 3.37
C GLU A 31 -5.08 -2.18 3.00
N GLN A 32 -4.30 -1.49 2.17
CA GLN A 32 -3.02 -2.01 1.72
C GLN A 32 -2.08 -2.18 2.91
N ILE A 33 -1.81 -1.07 3.58
CA ILE A 33 -0.92 -1.09 4.73
C ILE A 33 -1.21 -2.34 5.57
N GLN A 34 -2.49 -2.65 5.69
CA GLN A 34 -2.91 -3.81 6.46
C GLN A 34 -2.61 -5.09 5.68
N LYS A 35 -3.07 -5.11 4.44
CA LYS A 35 -2.86 -6.27 3.57
C LYS A 35 -1.38 -6.63 3.56
N LEU A 36 -0.56 -5.63 3.83
CA LEU A 36 0.89 -5.83 3.85
C LEU A 36 1.34 -6.06 5.29
N VAL A 37 0.94 -5.15 6.16
CA VAL A 37 1.30 -5.24 7.57
C VAL A 37 0.92 -6.62 8.10
N ALA A 38 -0.22 -7.11 7.62
CA ALA A 38 -0.71 -8.41 8.03
C ALA A 38 0.29 -9.49 7.61
N MET A 39 0.84 -9.31 6.42
CA MET A 39 1.81 -10.25 5.89
C MET A 39 3.10 -10.24 6.73
N GLY A 40 3.24 -9.19 7.52
CA GLY A 40 4.41 -9.04 8.37
C GLY A 40 5.33 -7.93 7.86
N PHE A 41 4.70 -6.80 7.52
CA PHE A 41 5.45 -5.66 7.02
C PHE A 41 5.24 -4.45 7.92
N ASP A 42 6.06 -3.43 7.69
CA ASP A 42 5.98 -2.21 8.47
C ASP A 42 5.15 -1.18 7.70
N ARG A 43 4.20 -0.59 8.41
CA ARG A 43 3.33 0.41 7.83
C ARG A 43 4.13 1.33 6.90
N THR A 44 5.19 1.89 7.45
CA THR A 44 6.05 2.79 6.69
C THR A 44 6.54 2.10 5.41
N GLN A 45 7.20 0.97 5.60
CA GLN A 45 7.71 0.22 4.46
C GLN A 45 6.65 0.08 3.37
N VAL A 46 5.42 -0.18 3.83
CA VAL A 46 4.31 -0.32 2.91
C VAL A 46 4.09 0.97 2.15
N GLU A 47 3.96 2.05 2.91
CA GLU A 47 3.75 3.37 2.32
C GLU A 47 4.89 3.70 1.36
N VAL A 48 6.10 3.71 1.90
CA VAL A 48 7.28 4.02 1.10
C VAL A 48 7.20 3.26 -0.22
N ALA A 49 6.94 1.96 -0.10
CA ALA A 49 6.84 1.11 -1.29
C ALA A 49 5.62 1.54 -2.11
N LEU A 50 4.45 1.39 -1.50
CA LEU A 50 3.21 1.76 -2.17
C LEU A 50 3.43 3.04 -2.98
N ALA A 51 4.33 3.87 -2.48
CA ALA A 51 4.64 5.13 -3.15
C ALA A 51 5.37 4.82 -4.46
N ALA A 52 6.57 4.25 -4.31
CA ALA A 52 7.38 3.92 -5.47
C ALA A 52 6.62 2.92 -6.35
N ALA A 53 5.67 2.24 -5.73
CA ALA A 53 4.86 1.26 -6.44
C ALA A 53 3.78 1.98 -7.25
N ASP A 54 3.68 3.28 -7.02
CA ASP A 54 2.70 4.09 -7.71
C ASP A 54 1.30 3.68 -7.26
N ASP A 55 1.18 3.37 -5.98
CA ASP A 55 -0.09 2.96 -5.42
C ASP A 55 -0.38 1.51 -5.81
N ASP A 56 0.69 0.80 -6.15
CA ASP A 56 0.56 -0.59 -6.56
C ASP A 56 0.85 -1.50 -5.35
N LEU A 57 0.00 -2.51 -5.20
CA LEU A 57 0.15 -3.44 -4.10
C LEU A 57 1.05 -4.61 -4.53
N THR A 58 0.57 -5.32 -5.55
CA THR A 58 1.31 -6.46 -6.07
C THR A 58 2.79 -6.11 -6.21
N VAL A 59 3.05 -4.87 -6.59
CA VAL A 59 4.41 -4.39 -6.77
C VAL A 59 5.00 -4.04 -5.41
N ALA A 60 4.17 -3.42 -4.58
CA ALA A 60 4.61 -3.03 -3.25
C ALA A 60 5.09 -4.27 -2.49
N VAL A 61 4.21 -5.26 -2.42
CA VAL A 61 4.53 -6.50 -1.74
C VAL A 61 5.94 -6.95 -2.14
N GLU A 62 6.23 -6.80 -3.42
CA GLU A 62 7.53 -7.19 -3.94
C GLU A 62 8.63 -6.30 -3.34
N ILE A 63 8.31 -5.03 -3.19
CA ILE A 63 9.26 -4.08 -2.64
C ILE A 63 9.45 -4.39 -1.15
N LEU A 64 8.34 -4.59 -0.47
CA LEU A 64 8.38 -4.89 0.96
C LEU A 64 9.28 -6.11 1.20
N MET A 65 9.08 -7.13 0.36
CA MET A 65 9.86 -8.35 0.47
C MET A 65 11.36 -8.03 0.46
N SER A 66 11.76 -7.26 -0.55
CA SER A 66 13.16 -6.89 -0.68
C SER A 66 13.33 -5.40 -0.39
N GLN A 67 12.78 -4.98 0.74
CA GLN A 67 12.87 -3.60 1.15
C GLN A 67 14.10 -3.38 2.03
N SER A 68 14.15 -4.14 3.12
CA SER A 68 15.27 -4.05 4.05
C SER A 68 16.02 -5.38 4.10
N GLY A 69 17.16 -5.35 4.79
CA GLY A 69 17.98 -6.54 4.92
C GLY A 69 17.11 -7.78 5.18
N PRO A 70 17.73 -8.96 4.96
CA PRO A 70 17.03 -10.23 5.16
C PRO A 70 16.88 -10.53 6.65
N SER A 71 15.77 -11.19 6.98
CA SER A 71 15.50 -11.55 8.37
C SER A 71 15.88 -10.39 9.29
N SER A 72 14.91 -9.53 9.55
CA SER A 72 15.13 -8.39 10.42
C SER A 72 15.01 -8.81 11.88
N GLY A 73 15.82 -8.16 12.72
CA GLY A 73 15.82 -8.45 14.14
C GLY A 73 17.14 -8.04 14.78
N GLY A 1 31.97 -7.24 -15.96
CA GLY A 1 32.09 -7.11 -14.52
C GLY A 1 31.51 -5.79 -14.03
N SER A 2 31.13 -5.77 -12.76
CA SER A 2 30.56 -4.57 -12.16
C SER A 2 31.68 -3.61 -11.76
N SER A 3 31.44 -2.33 -12.02
CA SER A 3 32.39 -1.30 -11.69
C SER A 3 31.90 -0.47 -10.52
N GLY A 4 31.21 -1.13 -9.60
CA GLY A 4 30.66 -0.48 -8.43
C GLY A 4 29.23 -0.92 -8.17
N SER A 5 28.98 -1.30 -6.92
CA SER A 5 27.65 -1.75 -6.52
C SER A 5 27.01 -0.71 -5.60
N SER A 6 27.69 -0.45 -4.49
CA SER A 6 27.19 0.51 -3.52
C SER A 6 28.20 0.66 -2.38
N GLY A 7 28.10 1.79 -1.69
CA GLY A 7 28.99 2.06 -0.58
C GLY A 7 28.24 1.99 0.76
N SER A 8 28.99 2.09 1.84
CA SER A 8 28.41 2.04 3.17
C SER A 8 29.14 3.02 4.10
N ARG A 9 28.59 4.22 4.20
CA ARG A 9 29.18 5.24 5.04
C ARG A 9 28.10 6.22 5.50
N GLN A 10 27.76 6.10 6.78
CA GLN A 10 26.75 6.96 7.36
C GLN A 10 25.38 6.67 6.75
N ALA A 11 24.34 6.88 7.55
CA ALA A 11 22.99 6.64 7.10
C ALA A 11 22.52 7.82 6.24
N PRO A 12 21.69 7.50 5.23
CA PRO A 12 21.17 8.51 4.33
C PRO A 12 20.08 9.35 5.00
N ILE A 13 19.58 10.33 4.27
CA ILE A 13 18.54 11.20 4.79
C ILE A 13 17.18 10.64 4.40
N ALA A 14 16.51 10.05 5.37
CA ALA A 14 15.20 9.47 5.13
C ALA A 14 14.45 9.36 6.47
N ASN A 15 14.13 10.51 7.04
CA ASN A 15 13.42 10.55 8.31
C ASN A 15 11.98 11.01 8.07
N ALA A 16 11.05 10.12 8.39
CA ALA A 16 9.65 10.41 8.21
C ALA A 16 9.00 10.63 9.59
N ALA A 17 8.35 11.78 9.72
CA ALA A 17 7.70 12.13 10.97
C ALA A 17 6.18 12.12 10.76
N VAL A 18 5.47 12.01 11.87
CA VAL A 18 4.02 12.00 11.82
C VAL A 18 3.49 13.41 12.04
N LEU A 19 3.84 14.30 11.12
CA LEU A 19 3.40 15.68 11.21
C LEU A 19 2.57 16.03 9.98
N PRO A 20 1.56 16.92 10.19
CA PRO A 20 0.70 17.34 9.10
C PRO A 20 1.41 18.32 8.17
N GLN A 21 2.20 17.75 7.27
CA GLN A 21 2.94 18.56 6.31
C GLN A 21 3.91 17.68 5.53
N SER A 22 3.96 17.93 4.22
CA SER A 22 4.84 17.18 3.35
C SER A 22 4.53 17.49 1.88
N GLN A 23 5.58 17.63 1.10
CA GLN A 23 5.43 17.94 -0.31
C GLN A 23 5.54 16.66 -1.14
N GLY A 24 4.42 16.31 -1.76
CA GLY A 24 4.37 15.12 -2.60
C GLY A 24 2.92 14.69 -2.86
N ARG A 25 2.78 13.51 -3.44
CA ARG A 25 1.46 12.99 -3.75
C ARG A 25 1.14 11.81 -2.84
N VAL A 26 -0.14 11.46 -2.81
CA VAL A 26 -0.59 10.34 -1.98
C VAL A 26 -0.95 9.16 -2.88
N ALA A 27 -0.87 7.97 -2.29
CA ALA A 27 -1.17 6.75 -3.02
C ALA A 27 -1.48 5.63 -2.02
N ALA A 28 -0.45 5.24 -1.29
CA ALA A 28 -0.60 4.18 -0.30
C ALA A 28 -1.93 4.34 0.41
N SER A 29 -2.65 3.23 0.53
CA SER A 29 -3.94 3.24 1.19
C SER A 29 -3.92 2.26 2.37
N GLU A 30 -4.72 2.61 3.38
CA GLU A 30 -4.81 1.78 4.58
C GLU A 30 -5.00 0.31 4.20
N GLU A 31 -5.94 0.09 3.29
CA GLU A 31 -6.23 -1.25 2.83
C GLU A 31 -4.94 -2.01 2.52
N GLN A 32 -4.05 -1.32 1.82
CA GLN A 32 -2.77 -1.91 1.45
C GLN A 32 -1.89 -2.07 2.69
N ILE A 33 -1.66 -0.96 3.36
CA ILE A 33 -0.83 -0.96 4.55
C ILE A 33 -1.14 -2.21 5.37
N GLN A 34 -2.43 -2.45 5.56
CA GLN A 34 -2.87 -3.61 6.33
C GLN A 34 -2.58 -4.90 5.55
N LYS A 35 -3.00 -4.91 4.30
CA LYS A 35 -2.79 -6.07 3.44
C LYS A 35 -1.31 -6.47 3.49
N LEU A 36 -0.48 -5.50 3.79
CA LEU A 36 0.95 -5.73 3.88
C LEU A 36 1.35 -5.97 5.34
N VAL A 37 0.95 -5.04 6.19
CA VAL A 37 1.25 -5.14 7.61
C VAL A 37 0.79 -6.50 8.12
N ALA A 38 -0.37 -6.92 7.63
CA ALA A 38 -0.92 -8.21 8.03
C ALA A 38 0.04 -9.33 7.65
N MET A 39 0.63 -9.18 6.47
CA MET A 39 1.57 -10.16 5.96
C MET A 39 2.81 -10.23 6.85
N GLY A 40 3.11 -9.11 7.50
CA GLY A 40 4.26 -9.03 8.38
C GLY A 40 5.23 -7.95 7.92
N PHE A 41 4.66 -6.80 7.57
CA PHE A 41 5.45 -5.68 7.11
C PHE A 41 5.21 -4.43 7.97
N ASP A 42 6.16 -3.53 7.92
CA ASP A 42 6.07 -2.29 8.70
C ASP A 42 5.28 -1.26 7.89
N ARG A 43 4.30 -0.66 8.56
CA ARG A 43 3.47 0.34 7.92
C ARG A 43 4.31 1.23 7.00
N THR A 44 5.42 1.72 7.57
CA THR A 44 6.31 2.58 6.81
C THR A 44 6.76 1.89 5.52
N GLN A 45 7.46 0.78 5.69
CA GLN A 45 7.95 0.02 4.56
C GLN A 45 6.88 -0.05 3.46
N VAL A 46 5.63 -0.17 3.90
CA VAL A 46 4.52 -0.25 2.97
C VAL A 46 4.36 1.10 2.27
N GLU A 47 4.03 2.11 3.06
CA GLU A 47 3.85 3.44 2.52
C GLU A 47 4.96 3.78 1.53
N VAL A 48 6.19 3.67 2.00
CA VAL A 48 7.35 3.95 1.18
C VAL A 48 7.20 3.22 -0.16
N ALA A 49 6.96 1.93 -0.07
CA ALA A 49 6.80 1.11 -1.26
C ALA A 49 5.57 1.59 -2.03
N LEU A 50 4.42 1.45 -1.41
CA LEU A 50 3.17 1.86 -2.03
C LEU A 50 3.40 3.14 -2.82
N ALA A 51 4.32 3.96 -2.32
CA ALA A 51 4.64 5.22 -2.97
C ALA A 51 5.26 4.93 -4.34
N ALA A 52 6.38 4.21 -4.31
CA ALA A 52 7.08 3.86 -5.54
C ALA A 52 6.21 2.90 -6.36
N ALA A 53 5.45 2.09 -5.64
CA ALA A 53 4.58 1.12 -6.28
C ALA A 53 3.40 1.85 -6.93
N ASP A 54 3.26 3.13 -6.58
CA ASP A 54 2.18 3.94 -7.11
C ASP A 54 0.84 3.32 -6.73
N ASP A 55 0.72 2.97 -5.46
CA ASP A 55 -0.50 2.37 -4.95
C ASP A 55 -0.70 1.01 -5.60
N ASP A 56 0.42 0.31 -5.78
CA ASP A 56 0.37 -1.01 -6.39
C ASP A 56 0.86 -2.05 -5.37
N LEU A 57 -0.10 -2.76 -4.80
CA LEU A 57 0.21 -3.78 -3.82
C LEU A 57 1.15 -4.82 -4.44
N THR A 58 0.70 -5.39 -5.54
CA THR A 58 1.48 -6.39 -6.25
C THR A 58 2.95 -5.98 -6.29
N VAL A 59 3.19 -4.78 -6.80
CA VAL A 59 4.54 -4.26 -6.90
C VAL A 59 5.08 -3.98 -5.50
N ALA A 60 4.32 -3.21 -4.74
CA ALA A 60 4.70 -2.86 -3.38
C ALA A 60 5.21 -4.11 -2.67
N VAL A 61 4.36 -5.13 -2.63
CA VAL A 61 4.71 -6.38 -1.99
C VAL A 61 6.16 -6.74 -2.33
N GLU A 62 6.43 -6.75 -3.63
CA GLU A 62 7.77 -7.07 -4.10
C GLU A 62 8.81 -6.19 -3.42
N ILE A 63 8.47 -4.92 -3.28
CA ILE A 63 9.36 -3.96 -2.65
C ILE A 63 9.54 -4.34 -1.18
N LEU A 64 8.41 -4.59 -0.53
CA LEU A 64 8.43 -4.96 0.88
C LEU A 64 9.31 -6.19 1.06
N MET A 65 9.11 -7.17 0.20
CA MET A 65 9.87 -8.40 0.25
C MET A 65 11.37 -8.12 0.27
N SER A 66 11.80 -7.30 -0.68
CA SER A 66 13.20 -6.93 -0.78
C SER A 66 13.67 -6.27 0.52
N GLN A 67 13.00 -5.19 0.87
CA GLN A 67 13.33 -4.46 2.08
C GLN A 67 13.66 -5.43 3.21
N SER A 68 12.71 -6.33 3.46
CA SER A 68 12.88 -7.32 4.51
C SER A 68 11.82 -8.41 4.39
N GLY A 69 12.30 -9.65 4.33
CA GLY A 69 11.40 -10.79 4.20
C GLY A 69 12.18 -12.07 3.90
N PRO A 70 12.42 -12.85 4.98
CA PRO A 70 13.15 -14.11 4.85
C PRO A 70 12.28 -15.19 4.22
N SER A 71 12.63 -15.54 2.99
CA SER A 71 11.89 -16.56 2.26
C SER A 71 12.28 -17.95 2.75
N SER A 72 11.58 -18.40 3.78
CA SER A 72 11.85 -19.71 4.35
C SER A 72 10.58 -20.28 4.98
N GLY A 73 10.39 -21.57 4.80
CA GLY A 73 9.23 -22.26 5.35
C GLY A 73 8.32 -22.76 4.22
N GLY A 1 -11.25 6.20 37.58
CA GLY A 1 -12.43 6.88 38.09
C GLY A 1 -13.22 5.97 39.04
N SER A 2 -14.53 6.01 38.88
CA SER A 2 -15.41 5.20 39.71
C SER A 2 -15.68 3.85 39.04
N SER A 3 -16.30 2.96 39.80
CA SER A 3 -16.61 1.64 39.28
C SER A 3 -18.05 1.62 38.76
N GLY A 4 -18.46 2.75 38.20
CA GLY A 4 -19.80 2.87 37.65
C GLY A 4 -20.86 2.54 38.70
N SER A 5 -21.37 3.58 39.34
CA SER A 5 -22.38 3.42 40.37
C SER A 5 -23.55 4.37 40.11
N SER A 6 -24.55 3.86 39.42
CA SER A 6 -25.72 4.66 39.11
C SER A 6 -26.90 3.74 38.79
N GLY A 7 -26.71 2.90 37.79
CA GLY A 7 -27.75 1.96 37.37
C GLY A 7 -28.68 2.61 36.34
N SER A 8 -28.19 2.74 35.13
CA SER A 8 -28.96 3.33 34.05
C SER A 8 -28.26 3.11 32.72
N ARG A 9 -29.07 3.03 31.67
CA ARG A 9 -28.54 2.82 30.33
C ARG A 9 -27.54 3.93 29.98
N GLN A 10 -26.60 3.57 29.11
CA GLN A 10 -25.58 4.52 28.69
C GLN A 10 -24.99 4.09 27.34
N ALA A 11 -25.87 3.89 26.38
CA ALA A 11 -25.46 3.49 25.04
C ALA A 11 -25.94 4.53 24.03
N PRO A 12 -24.95 5.22 23.41
CA PRO A 12 -25.26 6.23 22.42
C PRO A 12 -25.69 5.60 21.09
N ILE A 13 -26.80 4.88 21.15
CA ILE A 13 -27.32 4.21 19.98
C ILE A 13 -28.33 5.14 19.27
N ALA A 14 -27.90 5.66 18.13
CA ALA A 14 -28.75 6.56 17.36
C ALA A 14 -28.29 6.55 15.90
N ASN A 15 -26.98 6.65 15.72
CA ASN A 15 -26.40 6.65 14.39
C ASN A 15 -25.55 5.40 14.20
N ALA A 16 -25.86 4.67 13.13
CA ALA A 16 -25.13 3.45 12.83
C ALA A 16 -24.46 3.60 11.47
N ALA A 17 -23.16 3.85 11.51
CA ALA A 17 -22.38 4.01 10.29
C ALA A 17 -21.34 2.90 10.20
N VAL A 18 -21.40 2.16 9.11
CA VAL A 18 -20.47 1.07 8.88
C VAL A 18 -19.84 1.21 7.49
N LEU A 19 -19.02 2.24 7.37
CA LEU A 19 -18.34 2.49 6.09
C LEU A 19 -16.84 2.62 6.35
N PRO A 20 -16.05 2.16 5.33
CA PRO A 20 -14.61 2.21 5.42
C PRO A 20 -14.10 3.64 5.23
N GLN A 21 -12.98 3.93 5.89
CA GLN A 21 -12.38 5.25 5.80
C GLN A 21 -10.88 5.14 5.61
N SER A 22 -10.28 6.23 5.16
CA SER A 22 -8.84 6.26 4.94
C SER A 22 -8.37 7.71 4.76
N GLN A 23 -7.11 7.93 5.06
CA GLN A 23 -6.52 9.25 4.94
C GLN A 23 -5.04 9.22 5.33
N GLY A 24 -4.31 10.18 4.79
CA GLY A 24 -2.88 10.27 5.08
C GLY A 24 -2.05 9.86 3.86
N ARG A 25 -1.15 10.76 3.47
CA ARG A 25 -0.29 10.50 2.33
C ARG A 25 -1.13 10.11 1.11
N VAL A 26 -0.43 9.88 0.00
CA VAL A 26 -1.10 9.51 -1.23
C VAL A 26 -0.74 8.07 -1.58
N ALA A 27 -1.63 7.44 -2.34
CA ALA A 27 -1.42 6.06 -2.75
C ALA A 27 -1.60 5.14 -1.54
N ALA A 28 -0.63 5.21 -0.65
CA ALA A 28 -0.67 4.38 0.56
C ALA A 28 -2.11 4.33 1.09
N SER A 29 -2.74 3.18 0.87
CA SER A 29 -4.11 2.99 1.32
C SER A 29 -4.14 1.99 2.47
N GLU A 30 -4.81 2.40 3.55
CA GLU A 30 -4.92 1.55 4.72
C GLU A 30 -5.12 0.09 4.30
N GLU A 31 -6.07 -0.11 3.42
CA GLU A 31 -6.37 -1.44 2.92
C GLU A 31 -5.08 -2.21 2.63
N GLN A 32 -4.16 -1.51 1.97
CA GLN A 32 -2.87 -2.10 1.62
C GLN A 32 -1.99 -2.23 2.86
N ILE A 33 -1.77 -1.09 3.51
CA ILE A 33 -0.94 -1.07 4.70
C ILE A 33 -1.28 -2.28 5.58
N GLN A 34 -2.57 -2.52 5.73
CA GLN A 34 -3.04 -3.64 6.53
C GLN A 34 -2.75 -4.95 5.82
N LYS A 35 -3.02 -4.96 4.52
CA LYS A 35 -2.80 -6.14 3.71
C LYS A 35 -1.34 -6.57 3.81
N LEU A 36 -0.48 -5.57 3.88
CA LEU A 36 0.96 -5.81 3.99
C LEU A 36 1.33 -6.02 5.45
N VAL A 37 0.91 -5.07 6.27
CA VAL A 37 1.19 -5.12 7.70
C VAL A 37 0.77 -6.49 8.24
N ALA A 38 -0.30 -7.01 7.67
CA ALA A 38 -0.82 -8.31 8.08
C ALA A 38 0.17 -9.40 7.67
N MET A 39 0.80 -9.19 6.53
CA MET A 39 1.77 -10.15 6.02
C MET A 39 3.02 -10.16 6.89
N GLY A 40 3.28 -9.03 7.54
CA GLY A 40 4.44 -8.90 8.39
C GLY A 40 5.37 -7.79 7.90
N PHE A 41 4.77 -6.65 7.60
CA PHE A 41 5.53 -5.51 7.12
C PHE A 41 5.23 -4.26 7.94
N ASP A 42 6.20 -3.35 7.97
CA ASP A 42 6.05 -2.11 8.71
C ASP A 42 5.21 -1.13 7.88
N ARG A 43 4.22 -0.54 8.55
CA ARG A 43 3.36 0.42 7.88
C ARG A 43 4.16 1.30 6.94
N THR A 44 5.25 1.85 7.47
CA THR A 44 6.10 2.71 6.68
C THR A 44 6.58 2.00 5.42
N GLN A 45 7.23 0.86 5.63
CA GLN A 45 7.74 0.07 4.53
C GLN A 45 6.67 -0.06 3.44
N VAL A 46 5.43 -0.20 3.88
CA VAL A 46 4.31 -0.34 2.96
C VAL A 46 4.13 0.98 2.19
N GLU A 47 4.00 2.06 2.96
CA GLU A 47 3.82 3.37 2.37
C GLU A 47 4.99 3.71 1.44
N VAL A 48 6.19 3.62 2.01
CA VAL A 48 7.39 3.92 1.25
C VAL A 48 7.32 3.21 -0.11
N ALA A 49 7.07 1.91 -0.04
CA ALA A 49 6.98 1.11 -1.25
C ALA A 49 5.75 1.55 -2.06
N LEU A 50 4.59 1.38 -1.44
CA LEU A 50 3.35 1.76 -2.09
C LEU A 50 3.55 3.06 -2.87
N ALA A 51 4.43 3.90 -2.33
CA ALA A 51 4.73 5.17 -2.97
C ALA A 51 5.42 4.93 -4.31
N ALA A 52 6.51 4.19 -4.25
CA ALA A 52 7.27 3.88 -5.45
C ALA A 52 6.46 2.94 -6.33
N ALA A 53 5.57 2.19 -5.68
CA ALA A 53 4.73 1.24 -6.39
C ALA A 53 3.65 2.01 -7.17
N ASP A 54 3.30 3.18 -6.64
CA ASP A 54 2.30 4.01 -7.27
C ASP A 54 0.90 3.50 -6.88
N ASP A 55 0.79 3.07 -5.63
CA ASP A 55 -0.47 2.56 -5.13
C ASP A 55 -0.71 1.15 -5.67
N ASP A 56 0.40 0.48 -5.98
CA ASP A 56 0.33 -0.87 -6.51
C ASP A 56 0.83 -1.86 -5.45
N LEU A 57 -0.12 -2.62 -4.91
CA LEU A 57 0.20 -3.60 -3.89
C LEU A 57 1.13 -4.66 -4.49
N THR A 58 0.67 -5.26 -5.57
CA THR A 58 1.44 -6.30 -6.24
C THR A 58 2.91 -5.91 -6.30
N VAL A 59 3.16 -4.73 -6.85
CA VAL A 59 4.51 -4.23 -6.98
C VAL A 59 5.08 -3.97 -5.58
N ALA A 60 4.35 -3.17 -4.82
CA ALA A 60 4.77 -2.83 -3.47
C ALA A 60 5.27 -4.08 -2.76
N VAL A 61 4.41 -5.08 -2.72
CA VAL A 61 4.76 -6.34 -2.08
C VAL A 61 6.18 -6.73 -2.46
N GLU A 62 6.43 -6.75 -3.77
CA GLU A 62 7.75 -7.10 -4.27
C GLU A 62 8.82 -6.26 -3.58
N ILE A 63 8.49 -5.00 -3.37
CA ILE A 63 9.42 -4.08 -2.72
C ILE A 63 9.56 -4.47 -1.25
N LEU A 64 8.42 -4.67 -0.60
CA LEU A 64 8.41 -5.04 0.80
C LEU A 64 9.25 -6.31 0.99
N MET A 65 9.03 -7.27 0.11
CA MET A 65 9.75 -8.53 0.18
C MET A 65 11.25 -8.29 0.31
N SER A 66 11.78 -7.48 -0.61
CA SER A 66 13.19 -7.17 -0.61
C SER A 66 13.63 -6.73 0.78
N GLN A 67 13.04 -5.63 1.24
CA GLN A 67 13.35 -5.10 2.55
C GLN A 67 13.54 -6.23 3.56
N SER A 68 12.53 -7.09 3.63
CA SER A 68 12.57 -8.22 4.53
C SER A 68 13.43 -9.34 3.94
N GLY A 69 13.72 -10.33 4.79
CA GLY A 69 14.53 -11.45 4.36
C GLY A 69 15.93 -11.38 4.97
N PRO A 70 16.59 -12.57 5.02
CA PRO A 70 17.94 -12.65 5.58
C PRO A 70 18.97 -12.08 4.60
N SER A 71 18.96 -12.64 3.40
CA SER A 71 19.89 -12.19 2.37
C SER A 71 19.42 -12.70 1.00
N SER A 72 19.86 -12.00 -0.04
CA SER A 72 19.51 -12.37 -1.40
C SER A 72 20.49 -13.41 -1.93
N GLY A 73 20.04 -14.14 -2.94
CA GLY A 73 20.87 -15.17 -3.55
C GLY A 73 20.47 -16.56 -3.06
N GLY A 1 -20.57 -8.40 -65.98
CA GLY A 1 -21.33 -8.66 -64.77
C GLY A 1 -20.82 -9.91 -64.06
N SER A 2 -20.71 -9.81 -62.75
CA SER A 2 -20.24 -10.92 -61.94
C SER A 2 -21.32 -11.34 -60.94
N SER A 3 -21.28 -12.61 -60.58
CA SER A 3 -22.25 -13.15 -59.63
C SER A 3 -21.53 -13.68 -58.40
N GLY A 4 -20.45 -12.99 -58.03
CA GLY A 4 -19.67 -13.38 -56.88
C GLY A 4 -18.80 -12.22 -56.38
N SER A 5 -17.51 -12.52 -56.24
CA SER A 5 -16.58 -11.50 -55.77
C SER A 5 -16.94 -11.06 -54.36
N SER A 6 -16.02 -11.32 -53.44
CA SER A 6 -16.23 -10.95 -52.05
C SER A 6 -14.99 -11.32 -51.22
N GLY A 7 -14.74 -10.49 -50.21
CA GLY A 7 -13.59 -10.71 -49.34
C GLY A 7 -13.62 -9.75 -48.15
N SER A 8 -14.45 -10.09 -47.17
CA SER A 8 -14.58 -9.27 -45.99
C SER A 8 -15.49 -9.97 -44.96
N ARG A 9 -15.40 -9.50 -43.73
CA ARG A 9 -16.21 -10.06 -42.66
C ARG A 9 -16.48 -9.01 -41.59
N GLN A 10 -15.44 -8.28 -41.24
CA GLN A 10 -15.56 -7.23 -40.22
C GLN A 10 -14.19 -6.61 -39.94
N ALA A 11 -14.22 -5.46 -39.29
CA ALA A 11 -13.01 -4.75 -38.95
C ALA A 11 -12.84 -4.73 -37.43
N PRO A 12 -12.10 -5.75 -36.92
CA PRO A 12 -11.86 -5.85 -35.48
C PRO A 12 -10.83 -4.83 -35.03
N ILE A 13 -11.28 -3.59 -34.89
CA ILE A 13 -10.41 -2.51 -34.45
C ILE A 13 -10.83 -2.04 -33.06
N ALA A 14 -10.02 -2.40 -32.08
CA ALA A 14 -10.30 -2.03 -30.70
C ALA A 14 -9.06 -1.36 -30.10
N ASN A 15 -9.16 -0.05 -29.91
CA ASN A 15 -8.06 0.71 -29.35
C ASN A 15 -8.47 1.25 -27.96
N ALA A 16 -7.58 1.07 -27.01
CA ALA A 16 -7.82 1.53 -25.66
C ALA A 16 -6.96 2.76 -25.37
N ALA A 17 -7.42 3.56 -24.43
CA ALA A 17 -6.71 4.77 -24.04
C ALA A 17 -6.15 4.60 -22.63
N VAL A 18 -5.11 5.37 -22.34
CA VAL A 18 -4.49 5.32 -21.03
C VAL A 18 -3.75 6.63 -20.77
N LEU A 19 -4.12 7.28 -19.68
CA LEU A 19 -3.50 8.54 -19.32
C LEU A 19 -2.69 8.35 -18.03
N PRO A 20 -1.35 8.15 -18.21
CA PRO A 20 -0.47 7.94 -17.08
C PRO A 20 -0.20 9.27 -16.36
N GLN A 21 -1.14 9.65 -15.51
CA GLN A 21 -1.02 10.88 -14.76
C GLN A 21 -1.40 10.65 -13.30
N SER A 22 -0.72 11.37 -12.41
CA SER A 22 -0.98 11.25 -10.99
C SER A 22 -1.34 12.62 -10.41
N GLN A 23 -2.62 12.77 -10.11
CA GLN A 23 -3.11 14.02 -9.55
C GLN A 23 -4.52 13.82 -8.97
N GLY A 24 -4.58 13.66 -7.66
CA GLY A 24 -5.84 13.48 -6.98
C GLY A 24 -5.80 12.23 -6.08
N ARG A 25 -5.62 11.08 -6.73
CA ARG A 25 -5.55 9.83 -6.01
C ARG A 25 -4.63 9.95 -4.80
N VAL A 26 -4.82 9.04 -3.85
CA VAL A 26 -4.02 9.04 -2.64
C VAL A 26 -2.99 7.89 -2.72
N ALA A 27 -1.90 8.07 -1.99
CA ALA A 27 -0.85 7.06 -1.97
C ALA A 27 -0.96 6.26 -0.68
N ALA A 28 -0.61 4.98 -0.78
CA ALA A 28 -0.66 4.09 0.37
C ALA A 28 -2.07 4.12 0.96
N SER A 29 -2.81 3.03 0.70
CA SER A 29 -4.16 2.91 1.20
C SER A 29 -4.21 1.90 2.34
N GLU A 30 -4.90 2.28 3.40
CA GLU A 30 -5.04 1.41 4.56
C GLU A 30 -5.20 -0.05 4.12
N GLU A 31 -6.20 -0.27 3.28
CA GLU A 31 -6.47 -1.61 2.77
C GLU A 31 -5.16 -2.33 2.48
N GLN A 32 -4.29 -1.65 1.75
CA GLN A 32 -3.00 -2.21 1.39
C GLN A 32 -2.10 -2.30 2.63
N ILE A 33 -1.88 -1.15 3.24
CA ILE A 33 -1.04 -1.08 4.43
C ILE A 33 -1.36 -2.27 5.34
N GLN A 34 -2.65 -2.57 5.45
CA GLN A 34 -3.09 -3.67 6.28
C GLN A 34 -2.79 -5.00 5.59
N LYS A 35 -2.98 -5.02 4.29
CA LYS A 35 -2.73 -6.22 3.51
C LYS A 35 -1.26 -6.60 3.62
N LEU A 36 -0.43 -5.58 3.85
CA LEU A 36 1.00 -5.80 3.98
C LEU A 36 1.37 -5.92 5.47
N VAL A 37 0.91 -4.93 6.23
CA VAL A 37 1.18 -4.91 7.66
C VAL A 37 0.70 -6.22 8.29
N ALA A 38 -0.31 -6.79 7.67
CA ALA A 38 -0.88 -8.04 8.15
C ALA A 38 0.03 -9.20 7.74
N MET A 39 0.64 -9.04 6.58
CA MET A 39 1.55 -10.06 6.07
C MET A 39 2.81 -10.17 6.92
N GLY A 40 3.13 -9.07 7.59
CA GLY A 40 4.31 -9.02 8.44
C GLY A 40 5.27 -7.93 7.98
N PHE A 41 4.71 -6.75 7.72
CA PHE A 41 5.52 -5.63 7.27
C PHE A 41 5.20 -4.38 8.09
N ASP A 42 6.11 -3.41 8.02
CA ASP A 42 5.94 -2.17 8.74
C ASP A 42 5.21 -1.16 7.85
N ARG A 43 4.29 -0.43 8.46
CA ARG A 43 3.52 0.57 7.73
C ARG A 43 4.44 1.41 6.85
N THR A 44 5.49 1.93 7.47
CA THR A 44 6.44 2.76 6.75
C THR A 44 6.95 2.03 5.50
N GLN A 45 7.45 0.83 5.73
CA GLN A 45 7.96 0.02 4.63
C GLN A 45 6.91 -0.09 3.52
N VAL A 46 5.66 -0.24 3.93
CA VAL A 46 4.57 -0.35 2.99
C VAL A 46 4.37 0.99 2.28
N GLU A 47 4.00 1.99 3.07
CA GLU A 47 3.76 3.31 2.53
C GLU A 47 4.88 3.68 1.54
N VAL A 48 6.11 3.58 2.01
CA VAL A 48 7.26 3.90 1.18
C VAL A 48 7.13 3.18 -0.16
N ALA A 49 6.96 1.86 -0.07
CA ALA A 49 6.82 1.05 -1.26
C ALA A 49 5.59 1.50 -2.05
N LEU A 50 4.43 1.34 -1.41
CA LEU A 50 3.17 1.72 -2.03
C LEU A 50 3.38 3.01 -2.83
N ALA A 51 4.29 3.84 -2.34
CA ALA A 51 4.58 5.11 -2.98
C ALA A 51 5.31 4.84 -4.31
N ALA A 52 6.47 4.21 -4.19
CA ALA A 52 7.26 3.89 -5.37
C ALA A 52 6.48 2.93 -6.26
N ALA A 53 5.52 2.24 -5.65
CA ALA A 53 4.70 1.29 -6.37
C ALA A 53 3.64 2.05 -7.18
N ASP A 54 3.36 3.26 -6.72
CA ASP A 54 2.37 4.10 -7.38
C ASP A 54 0.97 3.68 -6.93
N ASP A 55 0.90 3.23 -5.69
CA ASP A 55 -0.37 2.79 -5.12
C ASP A 55 -0.67 1.37 -5.58
N ASP A 56 0.40 0.63 -5.85
CA ASP A 56 0.27 -0.75 -6.29
C ASP A 56 0.65 -1.68 -5.14
N LEU A 57 -0.18 -2.71 -4.96
CA LEU A 57 0.05 -3.68 -3.90
C LEU A 57 1.00 -4.77 -4.42
N THR A 58 0.53 -5.48 -5.43
CA THR A 58 1.31 -6.54 -6.03
C THR A 58 2.77 -6.11 -6.17
N VAL A 59 2.96 -4.86 -6.55
CA VAL A 59 4.29 -4.32 -6.73
C VAL A 59 4.92 -4.07 -5.36
N ALA A 60 4.18 -3.34 -4.53
CA ALA A 60 4.66 -3.03 -3.19
C ALA A 60 5.27 -4.27 -2.56
N VAL A 61 4.46 -5.32 -2.49
CA VAL A 61 4.91 -6.58 -1.91
C VAL A 61 6.35 -6.87 -2.39
N GLU A 62 6.49 -6.93 -3.71
CA GLU A 62 7.78 -7.20 -4.30
C GLU A 62 8.86 -6.30 -3.68
N ILE A 63 8.46 -5.07 -3.42
CA ILE A 63 9.37 -4.10 -2.83
C ILE A 63 9.62 -4.47 -1.37
N LEU A 64 8.52 -4.62 -0.63
CA LEU A 64 8.60 -4.98 0.77
C LEU A 64 9.53 -6.18 0.94
N MET A 65 9.35 -7.16 0.06
CA MET A 65 10.15 -8.36 0.10
C MET A 65 11.65 -8.02 0.07
N SER A 66 11.97 -7.01 -0.71
CA SER A 66 13.36 -6.58 -0.84
C SER A 66 13.45 -5.07 -0.62
N GLN A 67 13.20 -4.66 0.61
CA GLN A 67 13.25 -3.25 0.97
C GLN A 67 13.66 -3.09 2.43
N SER A 68 14.89 -2.61 2.61
CA SER A 68 15.42 -2.41 3.95
C SER A 68 15.49 -3.74 4.70
N GLY A 69 16.71 -4.29 4.73
CA GLY A 69 16.92 -5.55 5.40
C GLY A 69 17.52 -6.59 4.45
N PRO A 70 18.18 -7.62 5.05
CA PRO A 70 18.80 -8.68 4.26
C PRO A 70 17.74 -9.63 3.70
N SER A 71 16.82 -10.03 4.57
CA SER A 71 15.76 -10.94 4.18
C SER A 71 14.70 -11.00 5.28
N SER A 72 13.46 -10.71 4.87
CA SER A 72 12.35 -10.74 5.82
C SER A 72 11.51 -11.99 5.59
N GLY A 73 11.00 -12.11 4.37
CA GLY A 73 10.17 -13.25 4.01
C GLY A 73 9.40 -12.99 2.72
N GLY A 1 -22.49 37.22 47.31
CA GLY A 1 -22.73 35.79 47.13
C GLY A 1 -24.14 35.53 46.63
N SER A 2 -24.29 34.44 45.89
CA SER A 2 -25.59 34.08 45.34
C SER A 2 -25.94 32.64 45.74
N SER A 3 -27.20 32.45 46.12
CA SER A 3 -27.67 31.15 46.53
C SER A 3 -28.66 30.60 45.49
N GLY A 4 -28.39 30.92 44.24
CA GLY A 4 -29.25 30.47 43.16
C GLY A 4 -28.60 29.30 42.40
N SER A 5 -29.40 28.26 42.20
CA SER A 5 -28.93 27.08 41.50
C SER A 5 -29.48 27.06 40.08
N SER A 6 -28.58 27.27 39.12
CA SER A 6 -28.96 27.28 37.73
C SER A 6 -27.88 26.58 36.89
N GLY A 7 -28.32 26.01 35.77
CA GLY A 7 -27.41 25.32 34.88
C GLY A 7 -27.25 26.08 33.56
N SER A 8 -26.01 26.51 33.31
CA SER A 8 -25.71 27.25 32.10
C SER A 8 -25.90 26.34 30.88
N ARG A 9 -25.91 26.98 29.71
CA ARG A 9 -26.10 26.26 28.46
C ARG A 9 -25.16 26.82 27.39
N GLN A 10 -24.08 26.09 27.15
CA GLN A 10 -23.10 26.50 26.15
C GLN A 10 -22.28 25.30 25.70
N ALA A 11 -22.27 25.08 24.41
CA ALA A 11 -21.52 23.97 23.83
C ALA A 11 -20.65 24.49 22.69
N PRO A 12 -19.41 24.92 23.07
CA PRO A 12 -18.47 25.45 22.09
C PRO A 12 -17.86 24.31 21.26
N ILE A 13 -18.57 23.93 20.22
CA ILE A 13 -18.11 22.87 19.34
C ILE A 13 -18.04 23.40 17.90
N ALA A 14 -16.88 23.19 17.29
CA ALA A 14 -16.67 23.64 15.92
C ALA A 14 -15.44 22.94 15.34
N ASN A 15 -15.68 21.94 14.51
CA ASN A 15 -14.61 21.19 13.90
C ASN A 15 -14.53 21.55 12.41
N ALA A 16 -13.56 22.39 12.09
CA ALA A 16 -13.36 22.82 10.72
C ALA A 16 -12.55 21.77 9.97
N ALA A 17 -13.10 21.31 8.86
CA ALA A 17 -12.44 20.30 8.04
C ALA A 17 -12.02 20.93 6.72
N VAL A 18 -10.72 20.94 6.49
CA VAL A 18 -10.17 21.50 5.27
C VAL A 18 -9.97 20.38 4.24
N LEU A 19 -10.71 20.46 3.16
CA LEU A 19 -10.62 19.46 2.10
C LEU A 19 -10.10 20.13 0.82
N PRO A 20 -8.76 19.98 0.61
CA PRO A 20 -8.13 20.56 -0.57
C PRO A 20 -8.46 19.76 -1.82
N GLN A 21 -9.67 19.95 -2.32
CA GLN A 21 -10.12 19.24 -3.51
C GLN A 21 -9.15 19.49 -4.66
N SER A 22 -8.93 18.44 -5.45
CA SER A 22 -8.03 18.53 -6.58
C SER A 22 -6.70 19.15 -6.16
N GLN A 23 -5.90 18.35 -5.47
CA GLN A 23 -4.60 18.81 -4.99
C GLN A 23 -3.77 17.62 -4.50
N GLY A 24 -3.16 16.93 -5.44
CA GLY A 24 -2.33 15.79 -5.11
C GLY A 24 -3.12 14.75 -4.31
N ARG A 25 -2.55 13.56 -4.21
CA ARG A 25 -3.19 12.48 -3.47
C ARG A 25 -2.15 11.44 -3.05
N VAL A 26 -2.55 10.59 -2.12
CA VAL A 26 -1.68 9.55 -1.62
C VAL A 26 -2.11 8.20 -2.21
N ALA A 27 -1.13 7.32 -2.36
CA ALA A 27 -1.39 6.00 -2.90
C ALA A 27 -1.59 5.01 -1.75
N ALA A 28 -0.53 4.81 -0.99
CA ALA A 28 -0.58 3.89 0.13
C ALA A 28 -1.93 4.03 0.84
N SER A 29 -2.74 2.99 0.69
CA SER A 29 -4.06 2.99 1.30
C SER A 29 -4.11 1.94 2.41
N GLU A 30 -4.82 2.29 3.48
CA GLU A 30 -4.95 1.39 4.61
C GLU A 30 -5.08 -0.06 4.13
N GLU A 31 -5.96 -0.24 3.15
CA GLU A 31 -6.18 -1.56 2.59
C GLU A 31 -4.85 -2.27 2.34
N GLN A 32 -3.97 -1.58 1.63
CA GLN A 32 -2.66 -2.13 1.31
C GLN A 32 -1.80 -2.20 2.58
N ILE A 33 -1.64 -1.05 3.20
CA ILE A 33 -0.85 -0.97 4.42
C ILE A 33 -1.15 -2.17 5.31
N GLN A 34 -2.44 -2.45 5.46
CA GLN A 34 -2.88 -3.57 6.28
C GLN A 34 -2.54 -4.89 5.59
N LYS A 35 -3.01 -5.01 4.36
CA LYS A 35 -2.77 -6.22 3.58
C LYS A 35 -1.29 -6.61 3.71
N LEU A 36 -0.46 -5.61 3.97
CA LEU A 36 0.96 -5.85 4.12
C LEU A 36 1.30 -5.98 5.61
N VAL A 37 0.87 -4.99 6.38
CA VAL A 37 1.11 -4.99 7.81
C VAL A 37 0.65 -6.32 8.41
N ALA A 38 -0.33 -6.92 7.74
CA ALA A 38 -0.88 -8.19 8.19
C ALA A 38 0.10 -9.31 7.82
N MET A 39 0.80 -9.11 6.71
CA MET A 39 1.76 -10.09 6.24
C MET A 39 2.99 -10.13 7.15
N GLY A 40 3.26 -9.00 7.78
CA GLY A 40 4.39 -8.89 8.67
C GLY A 40 5.33 -7.77 8.23
N PHE A 41 4.72 -6.68 7.79
CA PHE A 41 5.49 -5.53 7.33
C PHE A 41 5.16 -4.29 8.17
N ASP A 42 6.09 -3.35 8.16
CA ASP A 42 5.91 -2.12 8.90
C ASP A 42 5.16 -1.11 8.03
N ARG A 43 4.16 -0.49 8.63
CA ARG A 43 3.36 0.50 7.93
C ARG A 43 4.25 1.36 7.02
N THR A 44 5.31 1.89 7.63
CA THR A 44 6.24 2.72 6.89
C THR A 44 6.75 2.00 5.64
N GLN A 45 7.23 0.78 5.86
CA GLN A 45 7.74 -0.03 4.78
C GLN A 45 6.74 -0.07 3.63
N VAL A 46 5.47 -0.25 3.99
CA VAL A 46 4.41 -0.31 3.00
C VAL A 46 4.30 1.03 2.30
N GLU A 47 3.86 2.03 3.06
CA GLU A 47 3.70 3.38 2.52
C GLU A 47 4.84 3.69 1.55
N VAL A 48 6.06 3.54 2.06
CA VAL A 48 7.24 3.82 1.25
C VAL A 48 7.12 3.08 -0.08
N ALA A 49 6.76 1.80 0.01
CA ALA A 49 6.62 0.97 -1.17
C ALA A 49 5.48 1.54 -2.04
N LEU A 50 4.28 1.50 -1.48
CA LEU A 50 3.12 2.00 -2.20
C LEU A 50 3.50 3.26 -2.97
N ALA A 51 4.33 4.08 -2.33
CA ALA A 51 4.78 5.31 -2.96
C ALA A 51 5.49 4.99 -4.28
N ALA A 52 6.48 4.12 -4.19
CA ALA A 52 7.25 3.72 -5.35
C ALA A 52 6.45 2.68 -6.14
N ALA A 53 5.30 2.33 -5.60
CA ALA A 53 4.44 1.35 -6.24
C ALA A 53 3.34 2.08 -7.03
N ASP A 54 3.05 3.30 -6.59
CA ASP A 54 2.03 4.10 -7.24
C ASP A 54 0.65 3.50 -6.96
N ASP A 55 0.45 3.15 -5.70
CA ASP A 55 -0.82 2.57 -5.28
C ASP A 55 -0.94 1.16 -5.86
N ASP A 56 0.21 0.52 -6.02
CA ASP A 56 0.25 -0.83 -6.55
C ASP A 56 0.75 -1.79 -5.49
N LEU A 57 -0.14 -2.68 -5.06
CA LEU A 57 0.22 -3.66 -4.04
C LEU A 57 1.18 -4.68 -4.64
N THR A 58 0.69 -5.39 -5.64
CA THR A 58 1.49 -6.41 -6.30
C THR A 58 2.95 -5.95 -6.41
N VAL A 59 3.11 -4.67 -6.73
CA VAL A 59 4.44 -4.10 -6.87
C VAL A 59 5.01 -3.83 -5.48
N ALA A 60 4.20 -3.20 -4.64
CA ALA A 60 4.62 -2.89 -3.28
C ALA A 60 5.21 -4.14 -2.63
N VAL A 61 4.41 -5.19 -2.61
CA VAL A 61 4.84 -6.44 -2.01
C VAL A 61 6.27 -6.75 -2.44
N GLU A 62 6.47 -6.71 -3.76
CA GLU A 62 7.79 -6.97 -4.32
C GLU A 62 8.85 -6.15 -3.59
N ILE A 63 8.49 -4.91 -3.28
CA ILE A 63 9.40 -4.01 -2.60
C ILE A 63 9.59 -4.50 -1.15
N LEU A 64 8.48 -4.75 -0.49
CA LEU A 64 8.52 -5.22 0.88
C LEU A 64 9.32 -6.51 0.96
N MET A 65 9.09 -7.37 -0.03
CA MET A 65 9.80 -8.65 -0.08
C MET A 65 11.26 -8.45 -0.47
N SER A 66 11.56 -7.25 -0.98
CA SER A 66 12.91 -6.92 -1.38
C SER A 66 13.07 -5.40 -1.49
N GLN A 67 13.21 -4.78 -0.32
CA GLN A 67 13.37 -3.33 -0.28
C GLN A 67 14.71 -2.97 0.37
N SER A 68 15.08 -3.75 1.38
CA SER A 68 16.32 -3.53 2.08
C SER A 68 17.23 -4.75 1.94
N GLY A 69 18.40 -4.66 2.56
CA GLY A 69 19.36 -5.74 2.51
C GLY A 69 18.78 -7.02 3.13
N PRO A 70 18.53 -8.01 2.23
CA PRO A 70 17.97 -9.28 2.67
C PRO A 70 19.03 -10.13 3.38
N SER A 71 18.80 -10.36 4.66
CA SER A 71 19.72 -11.15 5.46
C SER A 71 19.97 -12.50 4.79
N SER A 72 21.24 -12.78 4.52
CA SER A 72 21.62 -14.03 3.88
C SER A 72 22.17 -14.99 4.93
N GLY A 73 23.22 -14.56 5.60
CA GLY A 73 23.85 -15.38 6.63
C GLY A 73 25.36 -15.45 6.42
N GLY A 1 -53.90 31.11 27.85
CA GLY A 1 -53.42 29.82 28.30
C GLY A 1 -54.56 28.80 28.38
N SER A 2 -54.39 27.69 27.68
CA SER A 2 -55.39 26.64 27.65
C SER A 2 -54.82 25.35 28.23
N SER A 3 -55.70 24.41 28.47
CA SER A 3 -55.30 23.12 29.01
C SER A 3 -55.12 22.10 27.89
N GLY A 4 -54.70 22.61 26.73
CA GLY A 4 -54.48 21.76 25.58
C GLY A 4 -53.39 22.33 24.67
N SER A 5 -52.41 21.49 24.38
CA SER A 5 -51.30 21.89 23.54
C SER A 5 -50.55 20.66 23.02
N SER A 6 -49.81 20.86 21.94
CA SER A 6 -49.05 19.78 21.34
C SER A 6 -47.65 20.26 20.98
N GLY A 7 -46.70 19.34 21.06
CA GLY A 7 -45.32 19.65 20.74
C GLY A 7 -45.08 19.61 19.23
N SER A 8 -43.81 19.57 18.87
CA SER A 8 -43.43 19.53 17.47
C SER A 8 -41.93 19.24 17.33
N ARG A 9 -41.63 18.07 16.81
CA ARG A 9 -40.25 17.66 16.62
C ARG A 9 -40.14 16.66 15.47
N GLN A 10 -39.48 17.11 14.41
CA GLN A 10 -39.29 16.27 13.23
C GLN A 10 -37.89 16.47 12.65
N ALA A 11 -36.98 15.63 13.11
CA ALA A 11 -35.60 15.70 12.64
C ALA A 11 -35.14 14.31 12.20
N PRO A 12 -34.27 14.31 11.16
CA PRO A 12 -33.76 13.05 10.62
C PRO A 12 -32.70 12.45 11.55
N ILE A 13 -32.90 11.19 11.88
CA ILE A 13 -31.99 10.48 12.76
C ILE A 13 -31.19 9.46 11.95
N ALA A 14 -29.97 9.20 12.42
CA ALA A 14 -29.11 8.25 11.74
C ALA A 14 -28.83 8.74 10.32
N ASN A 15 -27.60 9.17 10.10
CA ASN A 15 -27.19 9.66 8.80
C ASN A 15 -26.24 8.65 8.15
N ALA A 16 -26.24 8.67 6.82
CA ALA A 16 -25.39 7.75 6.07
C ALA A 16 -24.04 8.43 5.80
N ALA A 17 -23.00 7.61 5.80
CA ALA A 17 -21.66 8.12 5.56
C ALA A 17 -21.33 8.00 4.06
N VAL A 18 -20.38 8.81 3.64
CA VAL A 18 -19.96 8.81 2.24
C VAL A 18 -18.47 9.12 2.15
N LEU A 19 -17.72 8.18 1.61
CA LEU A 19 -16.29 8.34 1.46
C LEU A 19 -15.97 8.70 0.01
N PRO A 20 -14.91 9.54 -0.16
CA PRO A 20 -14.49 9.97 -1.48
C PRO A 20 -13.76 8.84 -2.22
N GLN A 21 -13.29 9.16 -3.41
CA GLN A 21 -12.58 8.19 -4.23
C GLN A 21 -12.21 8.79 -5.58
N SER A 22 -11.04 9.42 -5.61
CA SER A 22 -10.56 10.04 -6.84
C SER A 22 -9.10 10.45 -6.68
N GLN A 23 -8.50 10.85 -7.79
CA GLN A 23 -7.11 11.29 -7.78
C GLN A 23 -6.97 12.61 -7.03
N GLY A 24 -6.73 12.49 -5.73
CA GLY A 24 -6.57 13.66 -4.89
C GLY A 24 -5.78 13.32 -3.62
N ARG A 25 -6.40 12.49 -2.80
CA ARG A 25 -5.77 12.08 -1.56
C ARG A 25 -4.47 11.32 -1.83
N VAL A 26 -3.66 11.19 -0.80
CA VAL A 26 -2.39 10.49 -0.92
C VAL A 26 -2.64 9.06 -1.36
N ALA A 27 -1.63 8.47 -1.97
CA ALA A 27 -1.73 7.10 -2.44
C ALA A 27 -1.66 6.14 -1.25
N ALA A 28 -1.03 5.00 -1.48
CA ALA A 28 -0.89 3.99 -0.44
C ALA A 28 -2.22 3.84 0.29
N SER A 29 -3.08 3.00 -0.27
CA SER A 29 -4.39 2.75 0.31
C SER A 29 -4.23 1.94 1.59
N GLU A 30 -4.92 2.40 2.63
CA GLU A 30 -4.87 1.72 3.91
C GLU A 30 -4.85 0.20 3.72
N GLU A 31 -5.92 -0.30 3.12
CA GLU A 31 -6.03 -1.73 2.86
C GLU A 31 -4.66 -2.32 2.53
N GLN A 32 -3.97 -1.66 1.61
CA GLN A 32 -2.66 -2.12 1.20
C GLN A 32 -1.72 -2.22 2.42
N ILE A 33 -1.68 -1.13 3.18
CA ILE A 33 -0.84 -1.08 4.36
C ILE A 33 -1.14 -2.31 5.24
N GLN A 34 -2.42 -2.53 5.47
CA GLN A 34 -2.84 -3.65 6.29
C GLN A 34 -2.54 -4.97 5.58
N LYS A 35 -3.03 -5.06 4.35
CA LYS A 35 -2.83 -6.26 3.55
C LYS A 35 -1.35 -6.65 3.59
N LEU A 36 -0.52 -5.66 3.86
CA LEU A 36 0.91 -5.88 3.94
C LEU A 36 1.33 -6.06 5.40
N VAL A 37 0.91 -5.11 6.22
CA VAL A 37 1.22 -5.15 7.64
C VAL A 37 0.77 -6.50 8.21
N ALA A 38 -0.31 -7.01 7.66
CA ALA A 38 -0.84 -8.29 8.10
C ALA A 38 0.15 -9.40 7.77
N MET A 39 0.78 -9.27 6.61
CA MET A 39 1.75 -10.25 6.16
C MET A 39 2.97 -10.26 7.08
N GLY A 40 3.17 -9.15 7.77
CA GLY A 40 4.28 -9.02 8.69
C GLY A 40 5.22 -7.88 8.24
N PHE A 41 4.61 -6.85 7.68
CA PHE A 41 5.37 -5.70 7.21
C PHE A 41 5.10 -4.48 8.08
N ASP A 42 5.99 -3.51 7.98
CA ASP A 42 5.86 -2.28 8.75
C ASP A 42 5.17 -1.22 7.89
N ARG A 43 4.15 -0.61 8.49
CA ARG A 43 3.39 0.41 7.80
C ARG A 43 4.32 1.29 6.96
N THR A 44 5.36 1.77 7.61
CA THR A 44 6.34 2.62 6.94
C THR A 44 6.84 1.94 5.66
N GLN A 45 7.37 0.74 5.84
CA GLN A 45 7.89 -0.02 4.72
C GLN A 45 6.86 -0.08 3.59
N VAL A 46 5.60 -0.24 3.98
CA VAL A 46 4.52 -0.31 3.02
C VAL A 46 4.35 1.06 2.34
N GLU A 47 3.89 2.02 3.13
CA GLU A 47 3.69 3.37 2.62
C GLU A 47 4.80 3.73 1.62
N VAL A 48 6.03 3.57 2.07
CA VAL A 48 7.17 3.88 1.23
C VAL A 48 7.03 3.16 -0.10
N ALA A 49 6.83 1.85 -0.01
CA ALA A 49 6.68 1.03 -1.20
C ALA A 49 5.53 1.60 -2.05
N LEU A 50 4.35 1.59 -1.48
CA LEU A 50 3.17 2.09 -2.17
C LEU A 50 3.55 3.33 -2.98
N ALA A 51 4.48 4.10 -2.43
CA ALA A 51 4.94 5.30 -3.10
C ALA A 51 5.62 4.93 -4.42
N ALA A 52 6.61 4.07 -4.32
CA ALA A 52 7.34 3.63 -5.49
C ALA A 52 6.51 2.59 -6.24
N ALA A 53 5.38 2.25 -5.65
CA ALA A 53 4.48 1.27 -6.25
C ALA A 53 3.44 1.99 -7.10
N ASP A 54 3.10 3.20 -6.66
CA ASP A 54 2.12 4.00 -7.38
C ASP A 54 0.71 3.53 -7.00
N ASP A 55 0.55 3.21 -5.74
CA ASP A 55 -0.73 2.75 -5.23
C ASP A 55 -0.97 1.31 -5.70
N ASP A 56 0.13 0.59 -5.90
CA ASP A 56 0.07 -0.78 -6.34
C ASP A 56 0.46 -1.71 -5.19
N LEU A 57 -0.32 -2.77 -5.02
CA LEU A 57 -0.06 -3.72 -3.97
C LEU A 57 0.90 -4.80 -4.48
N THR A 58 0.45 -5.51 -5.50
CA THR A 58 1.26 -6.56 -6.10
C THR A 58 2.71 -6.10 -6.25
N VAL A 59 2.86 -4.84 -6.61
CA VAL A 59 4.19 -4.26 -6.78
C VAL A 59 4.80 -3.97 -5.41
N ALA A 60 4.02 -3.28 -4.58
CA ALA A 60 4.47 -2.94 -3.25
C ALA A 60 5.12 -4.16 -2.60
N VAL A 61 4.33 -5.23 -2.52
CA VAL A 61 4.82 -6.46 -1.93
C VAL A 61 6.27 -6.70 -2.35
N GLU A 62 6.48 -6.71 -3.66
CA GLU A 62 7.81 -6.91 -4.20
C GLU A 62 8.83 -6.02 -3.47
N ILE A 63 8.43 -4.78 -3.26
CA ILE A 63 9.28 -3.82 -2.58
C ILE A 63 9.49 -4.27 -1.13
N LEU A 64 8.38 -4.60 -0.47
CA LEU A 64 8.43 -5.04 0.91
C LEU A 64 9.31 -6.29 1.01
N MET A 65 9.09 -7.21 0.08
CA MET A 65 9.84 -8.45 0.05
C MET A 65 11.35 -8.16 0.05
N SER A 66 11.75 -7.24 -0.80
CA SER A 66 13.15 -6.86 -0.91
C SER A 66 13.60 -6.15 0.37
N GLN A 67 12.78 -5.22 0.82
CA GLN A 67 13.08 -4.47 2.03
C GLN A 67 13.47 -5.42 3.16
N SER A 68 12.58 -6.36 3.44
CA SER A 68 12.81 -7.33 4.49
C SER A 68 12.09 -8.64 4.17
N GLY A 69 12.71 -9.73 4.58
CA GLY A 69 12.14 -11.05 4.34
C GLY A 69 13.05 -12.15 4.90
N PRO A 70 12.45 -13.37 5.05
CA PRO A 70 13.19 -14.50 5.56
C PRO A 70 14.15 -15.06 4.52
N SER A 71 15.02 -15.95 4.97
CA SER A 71 16.00 -16.56 4.09
C SER A 71 15.29 -17.41 3.03
N SER A 72 14.97 -16.77 1.91
CA SER A 72 14.29 -17.44 0.82
C SER A 72 15.13 -17.34 -0.46
N GLY A 73 15.39 -16.11 -0.86
CA GLY A 73 16.16 -15.86 -2.05
C GLY A 73 16.73 -14.44 -2.06
N GLY A 1 -7.67 24.53 46.54
CA GLY A 1 -7.83 24.78 45.12
C GLY A 1 -8.12 23.49 44.36
N SER A 2 -8.16 23.60 43.04
CA SER A 2 -8.43 22.45 42.20
C SER A 2 -7.39 22.38 41.08
N SER A 3 -7.04 21.15 40.72
CA SER A 3 -6.06 20.93 39.66
C SER A 3 -6.77 20.61 38.35
N GLY A 4 -7.99 20.11 38.48
CA GLY A 4 -8.79 19.76 37.32
C GLY A 4 -10.27 20.08 37.54
N SER A 5 -10.83 20.81 36.58
CA SER A 5 -12.23 21.19 36.66
C SER A 5 -12.79 21.40 35.25
N SER A 6 -12.17 22.32 34.53
CA SER A 6 -12.60 22.62 33.17
C SER A 6 -11.76 21.82 32.17
N GLY A 7 -12.32 21.67 30.97
CA GLY A 7 -11.63 20.95 29.92
C GLY A 7 -12.61 20.48 28.84
N SER A 8 -12.48 21.07 27.67
CA SER A 8 -13.34 20.72 26.56
C SER A 8 -12.51 20.44 25.31
N ARG A 9 -13.17 19.86 24.31
CA ARG A 9 -12.50 19.54 23.07
C ARG A 9 -13.50 18.93 22.08
N GLN A 10 -13.23 19.18 20.80
CA GLN A 10 -14.10 18.68 19.75
C GLN A 10 -13.38 18.76 18.39
N ALA A 11 -13.61 17.74 17.58
CA ALA A 11 -13.00 17.69 16.26
C ALA A 11 -14.10 17.74 15.19
N PRO A 12 -13.75 18.39 14.04
CA PRO A 12 -14.69 18.51 12.94
C PRO A 12 -14.84 17.18 12.19
N ILE A 13 -15.68 17.21 11.17
CA ILE A 13 -15.91 16.03 10.36
C ILE A 13 -15.63 16.35 8.89
N ALA A 14 -15.14 15.35 8.19
CA ALA A 14 -14.82 15.51 6.78
C ALA A 14 -14.90 14.15 6.08
N ASN A 15 -15.67 14.13 5.00
CA ASN A 15 -15.84 12.90 4.23
C ASN A 15 -14.93 12.93 3.00
N ALA A 16 -14.01 12.00 2.96
CA ALA A 16 -13.08 11.92 1.85
C ALA A 16 -13.45 10.73 0.96
N ALA A 17 -13.33 10.94 -0.34
CA ALA A 17 -13.65 9.90 -1.30
C ALA A 17 -12.37 9.41 -1.97
N VAL A 18 -12.43 8.21 -2.50
CA VAL A 18 -11.28 7.62 -3.17
C VAL A 18 -11.75 6.44 -4.04
N LEU A 19 -11.54 6.58 -5.33
CA LEU A 19 -11.94 5.56 -6.28
C LEU A 19 -10.68 4.91 -6.87
N PRO A 20 -10.78 3.58 -7.13
CA PRO A 20 -9.68 2.84 -7.70
C PRO A 20 -9.52 3.15 -9.19
N GLN A 21 -8.27 3.09 -9.65
CA GLN A 21 -7.97 3.35 -11.04
C GLN A 21 -6.49 3.68 -11.21
N SER A 22 -5.90 4.20 -10.13
CA SER A 22 -4.49 4.58 -10.15
C SER A 22 -4.22 5.52 -11.31
N GLN A 23 -4.09 6.80 -10.98
CA GLN A 23 -3.82 7.82 -11.98
C GLN A 23 -2.52 8.56 -11.65
N GLY A 24 -2.34 8.82 -10.37
CA GLY A 24 -1.16 9.52 -9.91
C GLY A 24 -1.17 9.70 -8.39
N ARG A 25 -0.08 10.25 -7.88
CA ARG A 25 0.05 10.47 -6.45
C ARG A 25 0.03 9.14 -5.70
N VAL A 26 0.50 9.18 -4.46
CA VAL A 26 0.54 8.00 -3.63
C VAL A 26 -0.87 7.70 -3.09
N ALA A 27 -1.12 6.42 -2.87
CA ALA A 27 -2.41 6.00 -2.35
C ALA A 27 -2.27 5.61 -0.87
N ALA A 28 -1.47 4.60 -0.64
CA ALA A 28 -1.24 4.12 0.72
C ALA A 28 -2.57 4.08 1.48
N SER A 29 -3.36 3.07 1.17
CA SER A 29 -4.65 2.91 1.80
C SER A 29 -4.53 1.97 3.01
N GLU A 30 -4.98 2.47 4.15
CA GLU A 30 -4.92 1.68 5.37
C GLU A 30 -5.25 0.21 5.08
N GLU A 31 -6.31 0.01 4.33
CA GLU A 31 -6.74 -1.33 3.97
C GLU A 31 -5.53 -2.17 3.54
N GLN A 32 -4.79 -1.63 2.58
CA GLN A 32 -3.62 -2.31 2.07
C GLN A 32 -2.56 -2.44 3.17
N ILE A 33 -2.24 -1.30 3.76
CA ILE A 33 -1.24 -1.26 4.82
C ILE A 33 -1.42 -2.48 5.73
N GLN A 34 -2.68 -2.80 5.99
CA GLN A 34 -2.99 -3.94 6.84
C GLN A 34 -2.66 -5.25 6.12
N LYS A 35 -3.04 -5.30 4.85
CA LYS A 35 -2.78 -6.49 4.04
C LYS A 35 -1.29 -6.79 4.05
N LEU A 36 -0.50 -5.72 3.97
CA LEU A 36 0.95 -5.87 3.97
C LEU A 36 1.44 -6.03 5.41
N VAL A 37 1.00 -5.12 6.26
CA VAL A 37 1.39 -5.15 7.66
C VAL A 37 1.07 -6.53 8.24
N ALA A 38 0.01 -7.14 7.72
CA ALA A 38 -0.40 -8.45 8.18
C ALA A 38 0.55 -9.50 7.60
N MET A 39 1.17 -9.15 6.49
CA MET A 39 2.10 -10.06 5.83
C MET A 39 3.47 -10.02 6.51
N GLY A 40 3.52 -9.28 7.62
CA GLY A 40 4.77 -9.16 8.37
C GLY A 40 5.58 -7.95 7.89
N PHE A 41 4.86 -6.96 7.39
CA PHE A 41 5.49 -5.75 6.89
C PHE A 41 5.22 -4.57 7.83
N ASP A 42 5.95 -3.49 7.59
CA ASP A 42 5.80 -2.30 8.40
C ASP A 42 4.97 -1.26 7.64
N ARG A 43 3.98 -0.71 8.33
CA ARG A 43 3.11 0.27 7.73
C ARG A 43 3.93 1.25 6.88
N THR A 44 4.96 1.79 7.49
CA THR A 44 5.83 2.74 6.80
C THR A 44 6.31 2.16 5.47
N GLN A 45 7.02 1.05 5.57
CA GLN A 45 7.55 0.39 4.39
C GLN A 45 6.44 0.23 3.33
N VAL A 46 5.26 -0.12 3.82
CA VAL A 46 4.12 -0.31 2.94
C VAL A 46 3.82 0.99 2.22
N GLU A 47 3.75 2.07 3.00
CA GLU A 47 3.47 3.39 2.44
C GLU A 47 4.58 3.79 1.47
N VAL A 48 5.82 3.64 1.93
CA VAL A 48 6.97 3.99 1.12
C VAL A 48 6.90 3.24 -0.20
N ALA A 49 6.98 1.92 -0.11
CA ALA A 49 6.93 1.07 -1.29
C ALA A 49 5.76 1.50 -2.17
N LEU A 50 4.56 1.39 -1.61
CA LEU A 50 3.36 1.77 -2.34
C LEU A 50 3.64 3.04 -3.15
N ALA A 51 4.53 3.86 -2.63
CA ALA A 51 4.89 5.09 -3.30
C ALA A 51 5.68 4.78 -4.57
N ALA A 52 6.74 4.02 -4.40
CA ALA A 52 7.59 3.63 -5.52
C ALA A 52 6.88 2.53 -6.32
N ALA A 53 5.75 2.09 -5.78
CA ALA A 53 4.98 1.05 -6.44
C ALA A 53 3.91 1.70 -7.33
N ASP A 54 4.05 3.00 -7.51
CA ASP A 54 3.10 3.75 -8.33
C ASP A 54 1.69 3.52 -7.79
N ASP A 55 1.61 3.24 -6.51
CA ASP A 55 0.33 3.01 -5.87
C ASP A 55 -0.07 1.54 -6.05
N ASP A 56 0.68 0.86 -6.90
CA ASP A 56 0.42 -0.55 -7.17
C ASP A 56 0.95 -1.39 -6.01
N LEU A 57 0.03 -2.03 -5.32
CA LEU A 57 0.39 -2.87 -4.18
C LEU A 57 1.20 -4.07 -4.68
N THR A 58 0.67 -4.70 -5.72
CA THR A 58 1.33 -5.87 -6.29
C THR A 58 2.83 -5.59 -6.47
N VAL A 59 3.14 -4.34 -6.74
CA VAL A 59 4.53 -3.94 -6.93
C VAL A 59 5.15 -3.61 -5.56
N ALA A 60 4.28 -3.20 -4.64
CA ALA A 60 4.74 -2.86 -3.31
C ALA A 60 5.15 -4.13 -2.56
N VAL A 61 4.24 -5.09 -2.55
CA VAL A 61 4.49 -6.36 -1.89
C VAL A 61 5.90 -6.84 -2.25
N GLU A 62 6.22 -6.71 -3.52
CA GLU A 62 7.53 -7.13 -4.01
C GLU A 62 8.64 -6.36 -3.28
N ILE A 63 8.44 -5.06 -3.19
CA ILE A 63 9.41 -4.20 -2.53
C ILE A 63 9.51 -4.57 -1.06
N LEU A 64 8.34 -4.65 -0.42
CA LEU A 64 8.27 -5.00 0.98
C LEU A 64 9.08 -6.27 1.23
N MET A 65 8.92 -7.23 0.32
CA MET A 65 9.63 -8.49 0.43
C MET A 65 11.13 -8.28 0.26
N SER A 66 11.49 -7.25 -0.48
CA SER A 66 12.89 -6.94 -0.72
C SER A 66 13.06 -5.44 -0.91
N GLN A 67 13.15 -4.73 0.22
CA GLN A 67 13.33 -3.29 0.19
C GLN A 67 14.57 -2.89 0.98
N SER A 68 14.72 -3.49 2.16
CA SER A 68 15.85 -3.21 3.01
C SER A 68 16.52 -4.51 3.45
N GLY A 69 17.69 -4.37 4.03
CA GLY A 69 18.43 -5.53 4.51
C GLY A 69 17.49 -6.58 5.11
N PRO A 70 17.18 -7.60 4.27
CA PRO A 70 16.30 -8.68 4.70
C PRO A 70 17.02 -9.63 5.64
N SER A 71 16.23 -10.45 6.32
CA SER A 71 16.77 -11.42 7.26
C SER A 71 17.04 -12.75 6.55
N SER A 72 17.79 -13.60 7.23
CA SER A 72 18.11 -14.90 6.67
C SER A 72 18.88 -15.74 7.70
N GLY A 73 18.29 -16.85 8.08
CA GLY A 73 18.89 -17.75 9.05
C GLY A 73 18.36 -19.17 8.91
N GLY A 1 26.48 43.89 -24.54
CA GLY A 1 26.47 42.44 -24.65
C GLY A 1 25.05 41.91 -24.79
N SER A 2 24.92 40.87 -25.60
CA SER A 2 23.62 40.25 -25.83
C SER A 2 23.69 38.75 -25.53
N SER A 3 22.54 38.20 -25.17
CA SER A 3 22.46 36.78 -24.86
C SER A 3 21.77 36.03 -26.00
N GLY A 4 20.98 36.79 -26.76
CA GLY A 4 20.27 36.20 -27.88
C GLY A 4 19.62 34.87 -27.50
N SER A 5 18.47 34.97 -26.86
CA SER A 5 17.75 33.78 -26.44
C SER A 5 16.56 33.52 -27.37
N SER A 6 16.68 32.43 -28.13
CA SER A 6 15.62 32.06 -29.07
C SER A 6 15.71 30.57 -29.38
N GLY A 7 15.05 29.79 -28.54
CA GLY A 7 15.03 28.35 -28.71
C GLY A 7 14.14 27.68 -27.65
N SER A 8 13.39 26.69 -28.11
CA SER A 8 12.49 25.97 -27.22
C SER A 8 13.09 24.59 -26.89
N ARG A 9 12.85 24.16 -25.66
CA ARG A 9 13.35 22.88 -25.20
C ARG A 9 12.78 22.55 -23.82
N GLN A 10 11.66 21.84 -23.84
CA GLN A 10 11.01 21.44 -22.60
C GLN A 10 10.31 20.09 -22.77
N ALA A 11 10.21 19.37 -21.66
CA ALA A 11 9.57 18.06 -21.68
C ALA A 11 8.22 18.15 -20.97
N PRO A 12 7.25 17.34 -21.46
CA PRO A 12 5.91 17.32 -20.89
C PRO A 12 5.91 16.56 -19.55
N ILE A 13 6.58 17.14 -18.58
CA ILE A 13 6.65 16.54 -17.26
C ILE A 13 6.06 17.49 -16.22
N ALA A 14 5.03 17.00 -15.54
CA ALA A 14 4.37 17.79 -14.52
C ALA A 14 3.96 16.89 -13.36
N ASN A 15 3.88 17.49 -12.18
CA ASN A 15 3.51 16.75 -10.99
C ASN A 15 2.05 17.05 -10.65
N ALA A 16 1.39 16.03 -10.10
CA ALA A 16 -0.01 16.17 -9.73
C ALA A 16 -0.12 16.22 -8.21
N ALA A 17 -1.17 16.89 -7.75
CA ALA A 17 -1.41 17.02 -6.32
C ALA A 17 -2.43 15.96 -5.88
N VAL A 18 -2.46 15.73 -4.57
CA VAL A 18 -3.38 14.75 -4.01
C VAL A 18 -4.44 15.49 -3.17
N LEU A 19 -5.14 16.40 -3.82
CA LEU A 19 -6.17 17.18 -3.15
C LEU A 19 -7.51 16.44 -3.27
N PRO A 20 -8.34 16.58 -2.20
CA PRO A 20 -9.64 15.94 -2.18
C PRO A 20 -10.62 16.65 -3.10
N GLN A 21 -10.29 16.68 -4.38
CA GLN A 21 -11.13 17.33 -5.36
C GLN A 21 -10.45 17.32 -6.73
N SER A 22 -10.44 16.14 -7.36
CA SER A 22 -9.82 15.99 -8.66
C SER A 22 -9.96 14.54 -9.13
N GLN A 23 -9.86 14.36 -10.44
CA GLN A 23 -9.96 13.05 -11.03
C GLN A 23 -8.63 12.30 -10.90
N GLY A 24 -8.37 11.84 -9.68
CA GLY A 24 -7.14 11.11 -9.42
C GLY A 24 -7.32 10.13 -8.26
N ARG A 25 -6.65 9.00 -8.37
CA ARG A 25 -6.73 7.97 -7.35
C ARG A 25 -5.76 8.28 -6.20
N VAL A 26 -6.14 7.83 -5.01
CA VAL A 26 -5.33 8.05 -3.83
C VAL A 26 -4.14 7.08 -3.85
N ALA A 27 -3.08 7.49 -3.16
CA ALA A 27 -1.88 6.67 -3.08
C ALA A 27 -1.78 6.03 -1.71
N ALA A 28 -1.16 4.86 -1.67
CA ALA A 28 -0.99 4.14 -0.41
C ALA A 28 -2.35 4.08 0.30
N SER A 29 -3.11 3.06 -0.03
CA SER A 29 -4.42 2.87 0.58
C SER A 29 -4.32 1.89 1.76
N GLU A 30 -5.02 2.23 2.82
CA GLU A 30 -5.02 1.40 4.02
C GLU A 30 -5.17 -0.08 3.63
N GLU A 31 -6.13 -0.32 2.75
CA GLU A 31 -6.39 -1.68 2.29
C GLU A 31 -5.07 -2.36 1.89
N GLN A 32 -4.09 -1.55 1.57
CA GLN A 32 -2.79 -2.06 1.16
C GLN A 32 -1.85 -2.14 2.37
N ILE A 33 -1.86 -1.07 3.16
CA ILE A 33 -1.01 -1.01 4.35
C ILE A 33 -1.31 -2.22 5.23
N GLN A 34 -2.60 -2.50 5.39
CA GLN A 34 -3.02 -3.63 6.20
C GLN A 34 -2.67 -4.95 5.53
N LYS A 35 -3.12 -5.08 4.29
CA LYS A 35 -2.86 -6.28 3.52
C LYS A 35 -1.37 -6.63 3.61
N LEU A 36 -0.57 -5.61 3.87
CA LEU A 36 0.87 -5.79 3.99
C LEU A 36 1.23 -5.91 5.47
N VAL A 37 0.79 -4.93 6.24
CA VAL A 37 1.06 -4.91 7.67
C VAL A 37 0.65 -6.25 8.28
N ALA A 38 -0.41 -6.81 7.72
CA ALA A 38 -0.92 -8.08 8.21
C ALA A 38 0.08 -9.19 7.86
N MET A 39 0.69 -9.04 6.69
CA MET A 39 1.67 -10.02 6.24
C MET A 39 2.90 -10.03 7.15
N GLY A 40 2.95 -9.04 8.04
CA GLY A 40 4.06 -8.93 8.96
C GLY A 40 5.10 -7.92 8.46
N PHE A 41 4.58 -6.84 7.88
CA PHE A 41 5.44 -5.79 7.36
C PHE A 41 5.32 -4.52 8.20
N ASP A 42 6.28 -3.62 7.99
CA ASP A 42 6.30 -2.37 8.72
C ASP A 42 5.53 -1.31 7.92
N ARG A 43 4.59 -0.67 8.61
CA ARG A 43 3.77 0.35 7.98
C ARG A 43 4.64 1.26 7.12
N THR A 44 5.73 1.72 7.71
CA THR A 44 6.66 2.59 7.00
C THR A 44 7.04 1.99 5.65
N GLN A 45 7.68 0.82 5.72
CA GLN A 45 8.11 0.13 4.51
C GLN A 45 6.99 0.14 3.47
N VAL A 46 5.82 -0.29 3.90
CA VAL A 46 4.67 -0.34 3.02
C VAL A 46 4.45 1.04 2.39
N GLU A 47 4.18 2.01 3.25
CA GLU A 47 3.95 3.36 2.80
C GLU A 47 5.01 3.77 1.78
N VAL A 48 6.26 3.63 2.18
CA VAL A 48 7.37 3.98 1.30
C VAL A 48 7.26 3.18 0.00
N ALA A 49 6.85 1.92 0.15
CA ALA A 49 6.69 1.05 -1.00
C ALA A 49 5.56 1.57 -1.89
N LEU A 50 4.36 1.57 -1.31
CA LEU A 50 3.18 2.04 -2.03
C LEU A 50 3.56 3.26 -2.88
N ALA A 51 4.40 4.11 -2.29
CA ALA A 51 4.84 5.31 -2.97
C ALA A 51 5.51 4.92 -4.30
N ALA A 52 6.50 4.05 -4.19
CA ALA A 52 7.22 3.60 -5.36
C ALA A 52 6.37 2.57 -6.12
N ALA A 53 5.30 2.14 -5.46
CA ALA A 53 4.40 1.17 -6.05
C ALA A 53 3.38 1.90 -6.92
N ASP A 54 3.02 3.10 -6.49
CA ASP A 54 2.06 3.90 -7.22
C ASP A 54 0.65 3.46 -6.83
N ASP A 55 0.52 3.00 -5.60
CA ASP A 55 -0.77 2.55 -5.09
C ASP A 55 -1.02 1.12 -5.58
N ASP A 56 0.07 0.43 -5.89
CA ASP A 56 -0.03 -0.94 -6.36
C ASP A 56 0.43 -1.89 -5.25
N LEU A 57 -0.38 -2.91 -5.02
CA LEU A 57 -0.08 -3.89 -4.00
C LEU A 57 0.91 -4.91 -4.56
N THR A 58 0.46 -5.64 -5.57
CA THR A 58 1.29 -6.65 -6.20
C THR A 58 2.72 -6.12 -6.38
N VAL A 59 2.82 -4.82 -6.57
CA VAL A 59 4.11 -4.19 -6.76
C VAL A 59 4.75 -3.92 -5.39
N ALA A 60 3.97 -3.26 -4.54
CA ALA A 60 4.45 -2.94 -3.20
C ALA A 60 5.14 -4.17 -2.60
N VAL A 61 4.38 -5.25 -2.51
CA VAL A 61 4.90 -6.49 -1.96
C VAL A 61 6.34 -6.70 -2.45
N GLU A 62 6.48 -6.74 -3.77
CA GLU A 62 7.78 -6.93 -4.38
C GLU A 62 8.82 -6.06 -3.68
N ILE A 63 8.41 -4.85 -3.34
CA ILE A 63 9.29 -3.92 -2.67
C ILE A 63 9.53 -4.39 -1.23
N LEU A 64 8.43 -4.62 -0.53
CA LEU A 64 8.51 -5.07 0.85
C LEU A 64 9.44 -6.29 0.94
N MET A 65 9.27 -7.19 -0.02
CA MET A 65 10.07 -8.40 -0.07
C MET A 65 11.55 -8.06 -0.24
N SER A 66 11.80 -6.95 -0.92
CA SER A 66 13.15 -6.50 -1.16
C SER A 66 13.76 -5.93 0.12
N GLN A 67 13.54 -4.64 0.31
CA GLN A 67 14.05 -3.97 1.51
C GLN A 67 15.41 -4.54 1.89
N SER A 68 16.23 -4.79 0.87
CA SER A 68 17.56 -5.34 1.09
C SER A 68 18.56 -4.64 0.18
N GLY A 69 18.41 -4.87 -1.11
CA GLY A 69 19.30 -4.28 -2.09
C GLY A 69 20.33 -5.30 -2.59
N PRO A 70 21.55 -4.78 -2.89
CA PRO A 70 22.62 -5.63 -3.37
C PRO A 70 23.21 -6.46 -2.25
N SER A 71 23.69 -7.65 -2.61
CA SER A 71 24.28 -8.55 -1.64
C SER A 71 23.22 -8.98 -0.61
N SER A 72 22.59 -10.11 -0.90
CA SER A 72 21.56 -10.63 -0.01
C SER A 72 22.19 -11.10 1.30
N GLY A 73 21.77 -10.46 2.38
CA GLY A 73 22.28 -10.80 3.70
C GLY A 73 23.65 -10.15 3.94
N GLY A 1 -36.45 -20.85 31.94
CA GLY A 1 -35.53 -21.98 31.98
C GLY A 1 -34.45 -21.83 30.92
N SER A 2 -34.63 -22.53 29.81
CA SER A 2 -33.67 -22.48 28.72
C SER A 2 -34.22 -21.63 27.59
N SER A 3 -33.33 -20.86 26.99
CA SER A 3 -33.71 -19.99 25.88
C SER A 3 -32.96 -20.38 24.61
N GLY A 4 -32.75 -21.69 24.48
CA GLY A 4 -32.05 -22.21 23.31
C GLY A 4 -32.56 -21.57 22.03
N SER A 5 -31.65 -21.41 21.08
CA SER A 5 -32.00 -20.82 19.80
C SER A 5 -31.13 -21.42 18.69
N SER A 6 -31.54 -21.14 17.45
CA SER A 6 -30.82 -21.65 16.30
C SER A 6 -31.31 -20.97 15.02
N GLY A 7 -30.40 -20.83 14.08
CA GLY A 7 -30.73 -20.19 12.81
C GLY A 7 -30.10 -20.95 11.63
N SER A 8 -30.63 -20.69 10.45
CA SER A 8 -30.14 -21.33 9.25
C SER A 8 -30.94 -20.87 8.04
N ARG A 9 -30.42 -21.18 6.86
CA ARG A 9 -31.07 -20.80 5.62
C ARG A 9 -31.06 -19.28 5.46
N GLN A 10 -29.96 -18.78 4.92
CA GLN A 10 -29.82 -17.35 4.71
C GLN A 10 -28.59 -17.06 3.83
N ALA A 11 -28.85 -16.91 2.54
CA ALA A 11 -27.79 -16.62 1.60
C ALA A 11 -28.00 -15.23 0.98
N PRO A 12 -27.40 -14.21 1.66
CA PRO A 12 -27.52 -12.84 1.19
C PRO A 12 -26.63 -12.60 -0.03
N ILE A 13 -27.22 -12.83 -1.19
CA ILE A 13 -26.49 -12.64 -2.45
C ILE A 13 -26.74 -11.21 -2.95
N ALA A 14 -25.65 -10.56 -3.34
CA ALA A 14 -25.72 -9.21 -3.85
C ALA A 14 -24.40 -8.85 -4.52
N ASN A 15 -24.51 -8.09 -5.61
CA ASN A 15 -23.34 -7.67 -6.36
C ASN A 15 -23.24 -6.14 -6.33
N ALA A 16 -22.02 -5.68 -6.15
CA ALA A 16 -21.77 -4.24 -6.10
C ALA A 16 -20.90 -3.84 -7.30
N ALA A 17 -21.09 -2.60 -7.74
CA ALA A 17 -20.32 -2.08 -8.86
C ALA A 17 -19.28 -1.08 -8.35
N VAL A 18 -18.10 -1.17 -8.93
CA VAL A 18 -17.01 -0.28 -8.54
C VAL A 18 -16.39 0.33 -9.80
N LEU A 19 -16.49 1.64 -9.91
CA LEU A 19 -15.94 2.35 -11.04
C LEU A 19 -14.97 3.43 -10.55
N PRO A 20 -13.66 3.21 -10.85
CA PRO A 20 -12.63 4.15 -10.46
C PRO A 20 -12.67 5.41 -11.32
N GLN A 21 -13.42 6.39 -10.86
CA GLN A 21 -13.55 7.65 -11.58
C GLN A 21 -14.42 8.63 -10.79
N SER A 22 -13.76 9.56 -10.12
CA SER A 22 -14.46 10.56 -9.34
C SER A 22 -13.47 11.60 -8.81
N GLN A 23 -12.35 11.10 -8.32
CA GLN A 23 -11.31 11.97 -7.78
C GLN A 23 -10.06 11.17 -7.44
N GLY A 24 -8.93 11.84 -7.52
CA GLY A 24 -7.65 11.20 -7.22
C GLY A 24 -7.52 10.91 -5.73
N ARG A 25 -6.91 9.77 -5.43
CA ARG A 25 -6.70 9.37 -4.04
C ARG A 25 -5.22 9.10 -3.78
N VAL A 26 -4.75 9.63 -2.66
CA VAL A 26 -3.36 9.45 -2.27
C VAL A 26 -3.06 7.96 -2.11
N ALA A 27 -1.79 7.62 -2.27
CA ALA A 27 -1.37 6.24 -2.15
C ALA A 27 -1.40 5.82 -0.68
N ALA A 28 -0.62 4.80 -0.37
CA ALA A 28 -0.56 4.30 1.00
C ALA A 28 -1.96 4.26 1.60
N SER A 29 -2.68 3.19 1.28
CA SER A 29 -4.03 3.03 1.77
C SER A 29 -4.06 1.98 2.89
N GLU A 30 -4.70 2.34 3.99
CA GLU A 30 -4.81 1.44 5.12
C GLU A 30 -5.04 0.00 4.65
N GLU A 31 -6.01 -0.14 3.76
CA GLU A 31 -6.34 -1.44 3.21
C GLU A 31 -5.06 -2.20 2.84
N GLN A 32 -4.22 -1.53 2.07
CA GLN A 32 -2.97 -2.13 1.64
C GLN A 32 -2.02 -2.30 2.82
N ILE A 33 -1.79 -1.20 3.52
CA ILE A 33 -0.90 -1.21 4.68
C ILE A 33 -1.22 -2.43 5.54
N GLN A 34 -2.52 -2.66 5.73
CA GLN A 34 -2.96 -3.79 6.52
C GLN A 34 -2.72 -5.11 5.77
N LYS A 35 -3.00 -5.07 4.48
CA LYS A 35 -2.81 -6.23 3.63
C LYS A 35 -1.33 -6.64 3.65
N LEU A 36 -0.49 -5.67 3.92
CA LEU A 36 0.95 -5.91 3.97
C LEU A 36 1.37 -6.15 5.42
N VAL A 37 0.99 -5.20 6.28
CA VAL A 37 1.32 -5.30 7.69
C VAL A 37 0.80 -6.63 8.24
N ALA A 38 -0.36 -7.04 7.74
CA ALA A 38 -0.97 -8.27 8.17
C ALA A 38 -0.05 -9.45 7.80
N MET A 39 0.66 -9.27 6.70
CA MET A 39 1.57 -10.30 6.22
C MET A 39 2.85 -10.33 7.06
N GLY A 40 3.15 -9.18 7.65
CA GLY A 40 4.35 -9.05 8.47
C GLY A 40 5.26 -7.94 7.94
N PHE A 41 4.63 -6.86 7.48
CA PHE A 41 5.37 -5.74 6.96
C PHE A 41 5.17 -4.50 7.84
N ASP A 42 6.07 -3.54 7.66
CA ASP A 42 6.01 -2.30 8.42
C ASP A 42 5.21 -1.27 7.64
N ARG A 43 4.20 -0.71 8.30
CA ARG A 43 3.35 0.29 7.68
C ARG A 43 4.20 1.27 6.86
N THR A 44 5.27 1.74 7.49
CA THR A 44 6.16 2.69 6.84
C THR A 44 6.66 2.11 5.51
N GLN A 45 7.22 0.91 5.60
CA GLN A 45 7.75 0.24 4.41
C GLN A 45 6.65 0.11 3.35
N VAL A 46 5.44 -0.15 3.82
CA VAL A 46 4.30 -0.29 2.93
C VAL A 46 4.05 1.03 2.21
N GLU A 47 4.08 2.11 2.99
CA GLU A 47 3.86 3.44 2.44
C GLU A 47 4.95 3.78 1.42
N VAL A 48 6.17 3.91 1.92
CA VAL A 48 7.30 4.24 1.08
C VAL A 48 7.21 3.42 -0.22
N ALA A 49 7.09 2.13 -0.05
CA ALA A 49 6.99 1.23 -1.20
C ALA A 49 5.81 1.64 -2.06
N LEU A 50 4.62 1.54 -1.47
CA LEU A 50 3.40 1.90 -2.17
C LEU A 50 3.65 3.16 -3.01
N ALA A 51 4.55 3.99 -2.51
CA ALA A 51 4.89 5.22 -3.18
C ALA A 51 5.57 4.91 -4.51
N ALA A 52 6.73 4.27 -4.42
CA ALA A 52 7.48 3.90 -5.60
C ALA A 52 6.74 2.80 -6.36
N ALA A 53 5.72 2.26 -5.70
CA ALA A 53 4.92 1.20 -6.29
C ALA A 53 3.86 1.82 -7.21
N ASP A 54 3.51 3.06 -6.90
CA ASP A 54 2.51 3.77 -7.69
C ASP A 54 1.12 3.36 -7.24
N ASP A 55 0.96 3.25 -5.92
CA ASP A 55 -0.32 2.87 -5.35
C ASP A 55 -0.65 1.43 -5.79
N ASP A 56 0.40 0.64 -5.98
CA ASP A 56 0.23 -0.73 -6.39
C ASP A 56 0.63 -1.66 -5.24
N LEU A 57 -0.20 -2.67 -5.02
CA LEU A 57 0.06 -3.63 -3.96
C LEU A 57 1.00 -4.72 -4.47
N THR A 58 0.54 -5.39 -5.52
CA THR A 58 1.33 -6.46 -6.12
C THR A 58 2.78 -6.01 -6.31
N VAL A 59 2.94 -4.71 -6.50
CA VAL A 59 4.26 -4.14 -6.69
C VAL A 59 4.90 -3.86 -5.34
N ALA A 60 4.16 -3.13 -4.51
CA ALA A 60 4.64 -2.78 -3.18
C ALA A 60 5.18 -4.04 -2.50
N VAL A 61 4.32 -5.05 -2.42
CA VAL A 61 4.69 -6.30 -1.79
C VAL A 61 6.09 -6.69 -2.25
N GLU A 62 6.30 -6.63 -3.56
CA GLU A 62 7.60 -6.98 -4.13
C GLU A 62 8.69 -6.11 -3.52
N ILE A 63 8.35 -4.85 -3.30
CA ILE A 63 9.31 -3.91 -2.72
C ILE A 63 9.55 -4.27 -1.26
N LEU A 64 8.45 -4.49 -0.54
CA LEU A 64 8.54 -4.85 0.86
C LEU A 64 9.42 -6.08 1.03
N MET A 65 9.17 -7.06 0.17
CA MET A 65 9.94 -8.30 0.21
C MET A 65 11.43 -8.01 0.13
N SER A 66 11.80 -7.16 -0.81
CA SER A 66 13.19 -6.80 -0.99
C SER A 66 13.76 -6.20 0.29
N GLN A 67 12.92 -5.40 0.94
CA GLN A 67 13.32 -4.75 2.18
C GLN A 67 13.33 -5.77 3.33
N SER A 68 14.10 -6.82 3.14
CA SER A 68 14.20 -7.87 4.14
C SER A 68 12.84 -8.55 4.31
N GLY A 69 12.83 -9.86 4.04
CA GLY A 69 11.61 -10.63 4.16
C GLY A 69 11.66 -11.55 5.38
N PRO A 70 11.04 -12.75 5.23
CA PRO A 70 11.03 -13.72 6.31
C PRO A 70 12.38 -14.41 6.46
N SER A 71 13.01 -14.67 5.33
CA SER A 71 14.31 -15.32 5.32
C SER A 71 14.91 -15.29 3.90
N SER A 72 14.22 -15.97 3.00
CA SER A 72 14.66 -16.03 1.61
C SER A 72 16.18 -16.25 1.57
N GLY A 73 16.56 -17.52 1.63
CA GLY A 73 17.97 -17.87 1.58
C GLY A 73 18.18 -19.33 1.99
N GLY A 1 -24.21 -20.15 49.06
CA GLY A 1 -25.38 -19.37 48.67
C GLY A 1 -24.97 -18.10 47.93
N SER A 2 -25.84 -17.67 47.02
CA SER A 2 -25.58 -16.48 46.24
C SER A 2 -26.85 -15.61 46.19
N SER A 3 -26.66 -14.35 46.56
CA SER A 3 -27.78 -13.41 46.57
C SER A 3 -27.51 -12.29 45.57
N GLY A 4 -26.87 -12.66 44.46
CA GLY A 4 -26.56 -11.70 43.42
C GLY A 4 -27.83 -11.24 42.70
N SER A 5 -27.79 -9.99 42.25
CA SER A 5 -28.94 -9.42 41.55
C SER A 5 -28.72 -9.54 40.04
N SER A 6 -29.83 -9.49 39.31
CA SER A 6 -29.78 -9.59 37.86
C SER A 6 -28.88 -8.49 37.30
N GLY A 7 -28.60 -8.61 36.01
CA GLY A 7 -27.76 -7.64 35.33
C GLY A 7 -27.05 -8.27 34.12
N SER A 8 -27.28 -7.66 32.96
CA SER A 8 -26.68 -8.16 31.74
C SER A 8 -26.08 -7.00 30.95
N ARG A 9 -25.03 -7.30 30.20
CA ARG A 9 -24.36 -6.30 29.40
C ARG A 9 -24.95 -6.27 27.98
N GLN A 10 -24.92 -5.08 27.39
CA GLN A 10 -25.45 -4.91 26.05
C GLN A 10 -24.34 -4.44 25.10
N ALA A 11 -24.56 -4.68 23.82
CA ALA A 11 -23.60 -4.29 22.81
C ALA A 11 -24.29 -3.41 21.76
N PRO A 12 -23.50 -2.44 21.23
CA PRO A 12 -24.02 -1.54 20.21
C PRO A 12 -24.15 -2.24 18.86
N ILE A 13 -25.20 -1.88 18.13
CA ILE A 13 -25.44 -2.46 16.83
C ILE A 13 -25.00 -1.47 15.75
N ALA A 14 -24.20 -1.99 14.82
CA ALA A 14 -23.70 -1.16 13.73
C ALA A 14 -23.53 -2.03 12.48
N ASN A 15 -23.88 -1.45 11.35
CA ASN A 15 -23.77 -2.17 10.08
C ASN A 15 -22.74 -1.46 9.20
N ALA A 16 -22.16 -2.23 8.29
CA ALA A 16 -21.15 -1.71 7.39
C ALA A 16 -21.77 -1.54 6.00
N ALA A 17 -21.83 -0.28 5.56
CA ALA A 17 -22.39 0.03 4.26
C ALA A 17 -21.26 0.35 3.29
N VAL A 18 -21.06 -0.55 2.34
CA VAL A 18 -20.02 -0.37 1.34
C VAL A 18 -20.56 0.48 0.19
N LEU A 19 -20.76 1.76 0.48
CA LEU A 19 -21.28 2.68 -0.51
C LEU A 19 -20.16 3.01 -1.51
N PRO A 20 -20.57 3.23 -2.79
CA PRO A 20 -19.63 3.55 -3.84
C PRO A 20 -19.15 5.00 -3.71
N GLN A 21 -17.83 5.15 -3.72
CA GLN A 21 -17.23 6.47 -3.61
C GLN A 21 -17.03 7.07 -5.00
N SER A 22 -16.60 8.33 -5.01
CA SER A 22 -16.36 9.03 -6.26
C SER A 22 -14.85 9.15 -6.51
N GLN A 23 -14.51 9.30 -7.78
CA GLN A 23 -13.12 9.44 -8.17
C GLN A 23 -12.49 10.65 -7.50
N GLY A 24 -11.76 10.38 -6.42
CA GLY A 24 -11.10 11.44 -5.68
C GLY A 24 -10.58 10.94 -4.34
N ARG A 25 -9.37 10.40 -4.37
CA ARG A 25 -8.75 9.87 -3.16
C ARG A 25 -7.22 9.93 -3.29
N VAL A 26 -6.57 9.42 -2.25
CA VAL A 26 -5.11 9.40 -2.23
C VAL A 26 -4.62 7.96 -2.18
N ALA A 27 -3.41 7.75 -2.65
CA ALA A 27 -2.82 6.43 -2.66
C ALA A 27 -2.62 5.96 -1.22
N ALA A 28 -1.80 4.92 -1.08
CA ALA A 28 -1.52 4.36 0.23
C ALA A 28 -2.80 4.32 1.05
N SER A 29 -3.54 3.24 0.90
CA SER A 29 -4.80 3.06 1.61
C SER A 29 -4.59 2.10 2.78
N GLU A 30 -5.15 2.47 3.93
CA GLU A 30 -5.05 1.65 5.12
C GLU A 30 -5.16 0.17 4.76
N GLU A 31 -6.17 -0.13 3.94
CA GLU A 31 -6.40 -1.49 3.52
C GLU A 31 -5.08 -2.16 3.13
N GLN A 32 -4.35 -1.48 2.27
CA GLN A 32 -3.07 -1.99 1.80
C GLN A 32 -2.11 -2.18 2.99
N ILE A 33 -1.86 -1.08 3.68
CA ILE A 33 -0.97 -1.11 4.83
C ILE A 33 -1.25 -2.36 5.66
N GLN A 34 -2.54 -2.62 5.86
CA GLN A 34 -2.95 -3.78 6.62
C GLN A 34 -2.72 -5.06 5.82
N LYS A 35 -3.06 -4.99 4.54
CA LYS A 35 -2.90 -6.13 3.66
C LYS A 35 -1.43 -6.56 3.65
N LEU A 36 -0.56 -5.60 3.92
CA LEU A 36 0.86 -5.85 3.94
C LEU A 36 1.31 -6.10 5.38
N VAL A 37 0.94 -5.18 6.25
CA VAL A 37 1.29 -5.29 7.66
C VAL A 37 0.87 -6.66 8.18
N ALA A 38 -0.22 -7.17 7.62
CA ALA A 38 -0.73 -8.47 8.01
C ALA A 38 0.28 -9.55 7.64
N MET A 39 0.99 -9.29 6.54
CA MET A 39 1.99 -10.23 6.07
C MET A 39 3.24 -10.20 6.95
N GLY A 40 3.44 -9.06 7.58
CA GLY A 40 4.60 -8.89 8.45
C GLY A 40 5.49 -7.74 7.97
N PHE A 41 4.84 -6.65 7.58
CA PHE A 41 5.57 -5.49 7.10
C PHE A 41 5.23 -4.25 7.93
N ASP A 42 6.20 -3.34 7.99
CA ASP A 42 6.02 -2.11 8.74
C ASP A 42 5.13 -1.14 7.95
N ARG A 43 4.17 -0.56 8.65
CA ARG A 43 3.26 0.37 8.01
C ARG A 43 4.00 1.25 7.02
N THR A 44 5.15 1.75 7.46
CA THR A 44 5.96 2.62 6.62
C THR A 44 6.42 1.86 5.38
N GLN A 45 7.20 0.80 5.62
CA GLN A 45 7.72 -0.01 4.54
C GLN A 45 6.65 -0.20 3.45
N VAL A 46 5.41 -0.19 3.89
CA VAL A 46 4.29 -0.36 2.99
C VAL A 46 4.08 0.94 2.19
N GLU A 47 3.88 2.01 2.94
CA GLU A 47 3.65 3.31 2.32
C GLU A 47 4.81 3.65 1.38
N VAL A 48 6.02 3.60 1.91
CA VAL A 48 7.20 3.89 1.13
C VAL A 48 7.08 3.22 -0.24
N ALA A 49 7.06 1.89 -0.21
CA ALA A 49 6.94 1.12 -1.43
C ALA A 49 5.75 1.63 -2.25
N LEU A 50 4.57 1.49 -1.66
CA LEU A 50 3.35 1.92 -2.31
C LEU A 50 3.62 3.23 -3.05
N ALA A 51 4.55 4.01 -2.51
CA ALA A 51 4.90 5.28 -3.10
C ALA A 51 5.59 5.04 -4.44
N ALA A 52 6.67 4.27 -4.39
CA ALA A 52 7.42 3.95 -5.58
C ALA A 52 6.59 3.03 -6.48
N ALA A 53 5.74 2.25 -5.83
CA ALA A 53 4.89 1.32 -6.56
C ALA A 53 3.86 2.10 -7.36
N ASP A 54 3.53 3.28 -6.85
CA ASP A 54 2.55 4.14 -7.51
C ASP A 54 1.13 3.68 -7.15
N ASP A 55 1.02 3.17 -5.92
CA ASP A 55 -0.26 2.70 -5.43
C ASP A 55 -0.50 1.27 -5.93
N ASP A 56 0.60 0.60 -6.24
CA ASP A 56 0.53 -0.77 -6.73
C ASP A 56 0.91 -1.73 -5.60
N LEU A 57 -0.06 -2.50 -5.16
CA LEU A 57 0.15 -3.46 -4.09
C LEU A 57 1.06 -4.58 -4.60
N THR A 58 0.58 -5.28 -5.61
CA THR A 58 1.34 -6.38 -6.19
C THR A 58 2.82 -6.02 -6.25
N VAL A 59 3.11 -4.86 -6.81
CA VAL A 59 4.47 -4.39 -6.93
C VAL A 59 5.04 -4.11 -5.53
N ALA A 60 4.33 -3.27 -4.79
CA ALA A 60 4.74 -2.91 -3.46
C ALA A 60 5.23 -4.17 -2.73
N VAL A 61 4.35 -5.16 -2.66
CA VAL A 61 4.68 -6.41 -2.00
C VAL A 61 6.12 -6.78 -2.32
N GLU A 62 6.41 -6.88 -3.62
CA GLU A 62 7.74 -7.23 -4.07
C GLU A 62 8.78 -6.34 -3.38
N ILE A 63 8.46 -5.07 -3.30
CA ILE A 63 9.36 -4.10 -2.67
C ILE A 63 9.51 -4.44 -1.19
N LEU A 64 8.36 -4.63 -0.55
CA LEU A 64 8.35 -4.96 0.88
C LEU A 64 9.19 -6.22 1.11
N MET A 65 8.96 -7.20 0.26
CA MET A 65 9.69 -8.46 0.37
C MET A 65 11.21 -8.22 0.33
N SER A 66 11.62 -7.48 -0.69
CA SER A 66 13.03 -7.18 -0.86
C SER A 66 13.68 -6.89 0.51
N GLN A 67 13.03 -6.00 1.26
CA GLN A 67 13.51 -5.63 2.57
C GLN A 67 13.73 -6.89 3.43
N SER A 68 12.66 -7.64 3.61
CA SER A 68 12.72 -8.85 4.40
C SER A 68 13.72 -9.83 3.78
N GLY A 69 14.69 -10.22 4.60
CA GLY A 69 15.70 -11.16 4.15
C GLY A 69 15.15 -12.58 4.08
N PRO A 70 16.09 -13.54 3.81
CA PRO A 70 15.71 -14.94 3.71
C PRO A 70 15.43 -15.54 5.09
N SER A 71 16.25 -15.12 6.05
CA SER A 71 16.11 -15.61 7.42
C SER A 71 16.35 -14.47 8.39
N SER A 72 15.28 -13.76 8.72
CA SER A 72 15.35 -12.64 9.64
C SER A 72 16.51 -11.73 9.26
N GLY A 73 16.21 -10.79 8.36
CA GLY A 73 17.21 -9.85 7.90
C GLY A 73 16.95 -8.45 8.48
N GLY A 1 36.43 11.09 -32.99
CA GLY A 1 36.92 12.00 -31.97
C GLY A 1 35.84 13.00 -31.57
N SER A 2 34.97 12.57 -30.67
CA SER A 2 33.90 13.42 -30.19
C SER A 2 34.24 13.97 -28.81
N SER A 3 33.45 14.95 -28.39
CA SER A 3 33.66 15.57 -27.09
C SER A 3 32.89 14.80 -26.00
N GLY A 4 31.87 14.07 -26.45
CA GLY A 4 31.06 13.28 -25.54
C GLY A 4 29.57 13.49 -25.83
N SER A 5 28.88 14.03 -24.84
CA SER A 5 27.45 14.29 -24.97
C SER A 5 26.68 12.97 -24.87
N SER A 6 26.84 12.14 -25.89
CA SER A 6 26.16 10.85 -25.92
C SER A 6 27.17 9.74 -26.21
N GLY A 7 27.58 9.07 -25.14
CA GLY A 7 28.53 7.98 -25.25
C GLY A 7 27.95 6.67 -24.72
N SER A 8 27.76 6.65 -23.41
CA SER A 8 27.20 5.47 -22.76
C SER A 8 25.74 5.72 -22.37
N ARG A 9 25.54 6.76 -21.58
CA ARG A 9 24.20 7.11 -21.13
C ARG A 9 23.61 5.98 -20.29
N GLN A 10 23.03 6.37 -19.16
CA GLN A 10 22.43 5.40 -18.26
C GLN A 10 21.32 4.63 -18.97
N ALA A 11 20.88 3.55 -18.34
CA ALA A 11 19.83 2.72 -18.91
C ALA A 11 18.50 3.47 -18.83
N PRO A 12 17.96 3.82 -20.04
CA PRO A 12 16.70 4.52 -20.12
C PRO A 12 15.52 3.59 -19.81
N ILE A 13 15.54 3.04 -18.62
CA ILE A 13 14.49 2.13 -18.20
C ILE A 13 13.69 2.77 -17.05
N ALA A 14 12.58 3.38 -17.42
CA ALA A 14 11.72 4.03 -16.44
C ALA A 14 10.45 4.53 -17.13
N ASN A 15 9.32 4.21 -16.50
CA ASN A 15 8.03 4.62 -17.05
C ASN A 15 7.65 5.99 -16.49
N ALA A 16 7.62 6.97 -17.37
CA ALA A 16 7.28 8.33 -16.97
C ALA A 16 5.86 8.64 -17.45
N ALA A 17 4.94 8.63 -16.49
CA ALA A 17 3.54 8.91 -16.80
C ALA A 17 3.18 10.30 -16.26
N VAL A 18 2.53 11.08 -17.12
CA VAL A 18 2.13 12.42 -16.74
C VAL A 18 0.82 12.35 -15.95
N LEU A 19 0.89 12.78 -14.69
CA LEU A 19 -0.28 12.78 -13.84
C LEU A 19 -1.22 13.91 -14.24
N PRO A 20 -2.54 13.64 -14.08
CA PRO A 20 -3.55 14.62 -14.43
C PRO A 20 -3.62 15.74 -13.39
N GLN A 21 -3.72 16.97 -13.89
CA GLN A 21 -3.80 18.12 -13.01
C GLN A 21 -5.26 18.50 -12.75
N SER A 22 -6.03 17.49 -12.36
CA SER A 22 -7.44 17.71 -12.08
C SER A 22 -8.03 16.46 -11.41
N GLN A 23 -7.85 16.39 -10.10
CA GLN A 23 -8.35 15.27 -9.33
C GLN A 23 -7.54 14.00 -9.64
N GLY A 24 -7.62 13.06 -8.72
CA GLY A 24 -6.90 11.81 -8.88
C GLY A 24 -7.41 10.75 -7.89
N ARG A 25 -6.47 10.19 -7.14
CA ARG A 25 -6.81 9.16 -6.17
C ARG A 25 -5.78 9.14 -5.04
N VAL A 26 -6.27 8.92 -3.84
CA VAL A 26 -5.41 8.87 -2.67
C VAL A 26 -4.37 7.76 -2.85
N ALA A 27 -3.26 7.92 -2.14
CA ALA A 27 -2.18 6.94 -2.22
C ALA A 27 -1.99 6.29 -0.85
N ALA A 28 -1.67 5.01 -0.88
CA ALA A 28 -1.46 4.26 0.35
C ALA A 28 -2.76 4.21 1.14
N SER A 29 -3.44 3.08 1.03
CA SER A 29 -4.70 2.89 1.74
C SER A 29 -4.53 1.87 2.87
N GLU A 30 -5.09 2.22 4.02
CA GLU A 30 -4.99 1.34 5.18
C GLU A 30 -5.14 -0.12 4.75
N GLU A 31 -6.15 -0.38 3.94
CA GLU A 31 -6.40 -1.72 3.46
C GLU A 31 -5.09 -2.38 3.02
N GLN A 32 -4.33 -1.64 2.23
CA GLN A 32 -3.06 -2.15 1.73
C GLN A 32 -2.06 -2.29 2.89
N ILE A 33 -1.89 -1.19 3.62
CA ILE A 33 -0.98 -1.18 4.75
C ILE A 33 -1.25 -2.39 5.64
N GLN A 34 -2.54 -2.65 5.84
CA GLN A 34 -2.96 -3.77 6.66
C GLN A 34 -2.76 -5.09 5.92
N LYS A 35 -2.99 -5.04 4.61
CA LYS A 35 -2.84 -6.22 3.77
C LYS A 35 -1.36 -6.61 3.71
N LEU A 36 -0.52 -5.62 3.93
CA LEU A 36 0.92 -5.85 3.90
C LEU A 36 1.42 -6.05 5.33
N VAL A 37 1.01 -5.15 6.21
CA VAL A 37 1.41 -5.22 7.61
C VAL A 37 1.00 -6.57 8.18
N ALA A 38 -0.20 -7.01 7.80
CA ALA A 38 -0.72 -8.27 8.27
C ALA A 38 0.23 -9.40 7.84
N MET A 39 0.73 -9.28 6.63
CA MET A 39 1.64 -10.27 6.09
C MET A 39 2.95 -10.31 6.90
N GLY A 40 3.21 -9.21 7.59
CA GLY A 40 4.41 -9.11 8.40
C GLY A 40 5.32 -7.98 7.90
N PHE A 41 4.68 -6.92 7.43
CA PHE A 41 5.42 -5.77 6.91
C PHE A 41 5.22 -4.55 7.81
N ASP A 42 6.06 -3.55 7.58
CA ASP A 42 5.99 -2.32 8.35
C ASP A 42 5.18 -1.27 7.57
N ARG A 43 4.17 -0.73 8.23
CA ARG A 43 3.32 0.26 7.61
C ARG A 43 4.17 1.26 6.81
N THR A 44 5.21 1.76 7.47
CA THR A 44 6.10 2.71 6.83
C THR A 44 6.62 2.16 5.50
N GLN A 45 7.08 0.92 5.55
CA GLN A 45 7.60 0.27 4.36
C GLN A 45 6.51 0.14 3.30
N VAL A 46 5.30 -0.17 3.77
CA VAL A 46 4.17 -0.32 2.87
C VAL A 46 3.90 1.01 2.17
N GLU A 47 4.01 2.09 2.94
CA GLU A 47 3.79 3.42 2.41
C GLU A 47 4.88 3.78 1.39
N VAL A 48 6.09 3.90 1.90
CA VAL A 48 7.22 4.24 1.06
C VAL A 48 7.15 3.43 -0.23
N ALA A 49 7.04 2.13 -0.07
CA ALA A 49 6.96 1.23 -1.22
C ALA A 49 5.76 1.62 -2.07
N LEU A 50 4.58 1.51 -1.49
CA LEU A 50 3.36 1.85 -2.19
C LEU A 50 3.58 3.11 -3.02
N ALA A 51 4.48 3.95 -2.54
CA ALA A 51 4.80 5.18 -3.23
C ALA A 51 5.55 4.87 -4.53
N ALA A 52 6.63 4.12 -4.37
CA ALA A 52 7.45 3.73 -5.51
C ALA A 52 6.74 2.60 -6.28
N ALA A 53 5.63 2.16 -5.71
CA ALA A 53 4.86 1.09 -6.33
C ALA A 53 3.72 1.70 -7.15
N ASP A 54 3.81 3.01 -7.34
CA ASP A 54 2.80 3.72 -8.11
C ASP A 54 1.42 3.47 -7.48
N ASP A 55 1.43 3.26 -6.18
CA ASP A 55 0.19 3.01 -5.45
C ASP A 55 -0.28 1.58 -5.76
N ASP A 56 0.64 0.78 -6.26
CA ASP A 56 0.33 -0.60 -6.60
C ASP A 56 0.69 -1.51 -5.42
N LEU A 57 -0.09 -2.56 -5.27
CA LEU A 57 0.14 -3.52 -4.18
C LEU A 57 1.06 -4.62 -4.68
N THR A 58 0.64 -5.28 -5.76
CA THR A 58 1.43 -6.36 -6.34
C THR A 58 2.88 -5.95 -6.48
N VAL A 59 3.08 -4.64 -6.66
CA VAL A 59 4.42 -4.10 -6.82
C VAL A 59 5.01 -3.81 -5.44
N ALA A 60 4.23 -3.10 -4.64
CA ALA A 60 4.66 -2.75 -3.29
C ALA A 60 5.15 -4.00 -2.58
N VAL A 61 4.28 -5.00 -2.53
CA VAL A 61 4.61 -6.26 -1.88
C VAL A 61 6.03 -6.68 -2.28
N GLU A 62 6.28 -6.64 -3.58
CA GLU A 62 7.58 -7.01 -4.11
C GLU A 62 8.68 -6.17 -3.43
N ILE A 63 8.37 -4.91 -3.22
CA ILE A 63 9.31 -3.99 -2.60
C ILE A 63 9.47 -4.36 -1.12
N LEU A 64 8.32 -4.54 -0.47
CA LEU A 64 8.32 -4.89 0.94
C LEU A 64 9.16 -6.15 1.16
N MET A 65 8.94 -7.12 0.28
CA MET A 65 9.67 -8.37 0.35
C MET A 65 11.19 -8.13 0.35
N SER A 66 11.64 -7.43 -0.68
CA SER A 66 13.05 -7.13 -0.81
C SER A 66 13.62 -6.68 0.54
N GLN A 67 12.85 -5.85 1.22
CA GLN A 67 13.26 -5.34 2.52
C GLN A 67 13.40 -6.50 3.52
N SER A 68 12.29 -7.17 3.76
CA SER A 68 12.27 -8.29 4.69
C SER A 68 13.13 -7.96 5.91
N GLY A 69 12.55 -7.21 6.83
CA GLY A 69 13.25 -6.83 8.03
C GLY A 69 12.27 -6.55 9.18
N PRO A 70 12.09 -7.59 10.05
CA PRO A 70 11.19 -7.46 11.18
C PRO A 70 11.80 -6.59 12.28
N SER A 71 10.95 -6.20 13.22
CA SER A 71 11.39 -5.37 14.32
C SER A 71 11.85 -6.24 15.49
N SER A 72 13.16 -6.33 15.66
CA SER A 72 13.73 -7.13 16.72
C SER A 72 15.23 -6.87 16.82
N GLY A 73 15.80 -7.29 17.94
CA GLY A 73 17.23 -7.11 18.18
C GLY A 73 17.65 -7.78 19.49
N GLY A 1 -35.10 -1.91 -30.18
CA GLY A 1 -36.17 -0.94 -30.07
C GLY A 1 -36.16 0.01 -31.27
N SER A 2 -36.92 1.09 -31.13
CA SER A 2 -37.02 2.09 -32.18
C SER A 2 -35.90 3.12 -32.02
N SER A 3 -35.10 3.26 -33.07
CA SER A 3 -34.00 4.20 -33.07
C SER A 3 -34.12 5.15 -34.26
N GLY A 4 -35.35 5.48 -34.60
CA GLY A 4 -35.61 6.37 -35.72
C GLY A 4 -35.94 7.78 -35.22
N SER A 5 -35.00 8.35 -34.48
CA SER A 5 -35.19 9.69 -33.94
C SER A 5 -33.92 10.13 -33.21
N SER A 6 -33.88 11.41 -32.88
CA SER A 6 -32.73 11.97 -32.18
C SER A 6 -32.67 11.42 -30.76
N GLY A 7 -31.96 10.31 -30.61
CA GLY A 7 -31.80 9.68 -29.32
C GLY A 7 -30.96 8.40 -29.43
N SER A 8 -31.49 7.44 -30.17
CA SER A 8 -30.81 6.18 -30.36
C SER A 8 -30.67 5.45 -29.02
N ARG A 9 -31.13 4.21 -29.01
CA ARG A 9 -31.07 3.40 -27.80
C ARG A 9 -29.62 2.97 -27.53
N GLN A 10 -29.34 2.79 -26.25
CA GLN A 10 -28.00 2.37 -25.85
C GLN A 10 -26.94 3.09 -26.68
N ALA A 11 -25.79 2.45 -26.80
CA ALA A 11 -24.69 3.01 -27.57
C ALA A 11 -24.37 2.08 -28.74
N PRO A 12 -23.96 2.71 -29.87
CA PRO A 12 -23.63 1.96 -31.07
C PRO A 12 -22.27 1.26 -30.92
N ILE A 13 -21.97 0.42 -31.90
CA ILE A 13 -20.71 -0.31 -31.89
C ILE A 13 -19.56 0.67 -32.00
N ALA A 14 -18.82 0.82 -30.90
CA ALA A 14 -17.68 1.72 -30.87
C ALA A 14 -16.89 1.48 -29.59
N ASN A 15 -15.57 1.58 -29.71
CA ASN A 15 -14.69 1.38 -28.58
C ASN A 15 -14.75 2.60 -27.67
N ALA A 16 -14.94 2.34 -26.38
CA ALA A 16 -15.01 3.42 -25.41
C ALA A 16 -13.86 3.28 -24.41
N ALA A 17 -13.27 4.42 -24.08
CA ALA A 17 -12.15 4.44 -23.14
C ALA A 17 -12.56 5.23 -21.90
N VAL A 18 -11.84 4.98 -20.82
CA VAL A 18 -12.10 5.67 -19.57
C VAL A 18 -10.89 6.53 -19.19
N LEU A 19 -11.12 7.84 -19.16
CA LEU A 19 -10.07 8.78 -18.82
C LEU A 19 -9.98 8.91 -17.30
N PRO A 20 -8.73 9.12 -16.81
CA PRO A 20 -8.49 9.27 -15.39
C PRO A 20 -8.96 10.64 -14.89
N GLN A 21 -8.68 10.90 -13.63
CA GLN A 21 -9.06 12.16 -13.02
C GLN A 21 -7.85 12.84 -12.38
N SER A 22 -8.01 14.11 -12.07
CA SER A 22 -6.94 14.89 -11.46
C SER A 22 -6.23 14.05 -10.40
N GLN A 23 -4.94 13.86 -10.61
CA GLN A 23 -4.13 13.08 -9.68
C GLN A 23 -4.53 11.60 -9.75
N GLY A 24 -3.53 10.75 -9.57
CA GLY A 24 -3.75 9.31 -9.62
C GLY A 24 -4.18 8.78 -8.26
N ARG A 25 -5.37 9.21 -7.85
CA ARG A 25 -5.91 8.78 -6.57
C ARG A 25 -4.86 8.94 -5.47
N VAL A 26 -5.23 8.50 -4.27
CA VAL A 26 -4.33 8.58 -3.14
C VAL A 26 -3.30 7.45 -3.22
N ALA A 27 -2.17 7.67 -2.57
CA ALA A 27 -1.11 6.68 -2.56
C ALA A 27 -1.04 6.04 -1.17
N ALA A 28 -0.73 4.75 -1.17
CA ALA A 28 -0.62 4.01 0.08
C ALA A 28 -1.93 4.14 0.85
N SER A 29 -2.78 3.15 0.69
CA SER A 29 -4.06 3.14 1.37
C SER A 29 -4.05 2.12 2.52
N GLU A 30 -4.81 2.44 3.56
CA GLU A 30 -4.89 1.56 4.72
C GLU A 30 -5.08 0.11 4.27
N GLU A 31 -6.01 -0.08 3.36
CA GLU A 31 -6.30 -1.41 2.84
C GLU A 31 -4.99 -2.15 2.50
N GLN A 32 -4.14 -1.45 1.78
CA GLN A 32 -2.86 -2.00 1.38
C GLN A 32 -1.93 -2.14 2.59
N ILE A 33 -1.69 -1.02 3.25
CA ILE A 33 -0.83 -0.99 4.41
C ILE A 33 -1.14 -2.21 5.29
N GLN A 34 -2.42 -2.50 5.41
CA GLN A 34 -2.87 -3.63 6.21
C GLN A 34 -2.56 -4.94 5.49
N LYS A 35 -3.04 -5.03 4.25
CA LYS A 35 -2.82 -6.22 3.45
C LYS A 35 -1.34 -6.62 3.53
N LEU A 36 -0.51 -5.63 3.78
CA LEU A 36 0.92 -5.88 3.89
C LEU A 36 1.30 -6.03 5.36
N VAL A 37 0.90 -5.05 6.15
CA VAL A 37 1.19 -5.06 7.57
C VAL A 37 0.75 -6.39 8.17
N ALA A 38 -0.27 -6.97 7.54
CA ALA A 38 -0.80 -8.24 8.00
C ALA A 38 0.17 -9.36 7.61
N MET A 39 0.82 -9.17 6.47
CA MET A 39 1.76 -10.15 5.98
C MET A 39 2.99 -10.23 6.90
N GLY A 40 3.18 -9.17 7.66
CA GLY A 40 4.32 -9.10 8.58
C GLY A 40 5.27 -7.98 8.19
N PHE A 41 4.72 -6.96 7.54
CA PHE A 41 5.51 -5.82 7.11
C PHE A 41 5.22 -4.59 7.98
N ASP A 42 6.12 -3.63 7.89
CA ASP A 42 5.98 -2.40 8.66
C ASP A 42 5.23 -1.37 7.82
N ARG A 43 4.28 -0.70 8.46
CA ARG A 43 3.49 0.31 7.79
C ARG A 43 4.37 1.17 6.89
N THR A 44 5.45 1.69 7.49
CA THR A 44 6.38 2.53 6.76
C THR A 44 6.84 1.83 5.49
N GLN A 45 7.41 0.64 5.67
CA GLN A 45 7.90 -0.14 4.55
C GLN A 45 6.84 -0.19 3.44
N VAL A 46 5.59 -0.29 3.86
CA VAL A 46 4.49 -0.35 2.93
C VAL A 46 4.29 1.03 2.29
N GLU A 47 3.80 1.96 3.10
CA GLU A 47 3.56 3.31 2.63
C GLU A 47 4.66 3.73 1.65
N VAL A 48 5.89 3.47 2.04
CA VAL A 48 7.04 3.81 1.22
C VAL A 48 6.90 3.12 -0.14
N ALA A 49 6.76 1.81 -0.08
CA ALA A 49 6.62 1.02 -1.29
C ALA A 49 5.47 1.57 -2.14
N LEU A 50 4.28 1.55 -1.55
CA LEU A 50 3.11 2.04 -2.24
C LEU A 50 3.48 3.29 -3.04
N ALA A 51 4.44 4.03 -2.51
CA ALA A 51 4.88 5.25 -3.16
C ALA A 51 5.57 4.88 -4.49
N ALA A 52 6.61 4.07 -4.38
CA ALA A 52 7.36 3.64 -5.54
C ALA A 52 6.50 2.70 -6.37
N ALA A 53 5.51 2.12 -5.71
CA ALA A 53 4.61 1.19 -6.38
C ALA A 53 3.63 1.98 -7.24
N ASP A 54 3.34 3.19 -6.81
CA ASP A 54 2.41 4.05 -7.54
C ASP A 54 0.98 3.68 -7.17
N ASP A 55 0.80 3.31 -5.91
CA ASP A 55 -0.51 2.92 -5.42
C ASP A 55 -0.80 1.47 -5.84
N ASP A 56 0.27 0.72 -6.02
CA ASP A 56 0.15 -0.67 -6.41
C ASP A 56 0.47 -1.56 -5.22
N LEU A 57 -0.29 -2.64 -5.08
CA LEU A 57 -0.09 -3.58 -3.99
C LEU A 57 0.91 -4.64 -4.43
N THR A 58 0.55 -5.36 -5.49
CA THR A 58 1.40 -6.41 -6.01
C THR A 58 2.87 -6.02 -5.89
N VAL A 59 3.21 -4.89 -6.50
CA VAL A 59 4.57 -4.40 -6.46
C VAL A 59 5.00 -4.20 -5.00
N ALA A 60 4.24 -3.35 -4.31
CA ALA A 60 4.53 -3.06 -2.92
C ALA A 60 5.07 -4.33 -2.24
N VAL A 61 4.35 -5.42 -2.46
CA VAL A 61 4.74 -6.70 -1.87
C VAL A 61 6.18 -7.02 -2.27
N GLU A 62 6.41 -6.99 -3.57
CA GLU A 62 7.74 -7.27 -4.10
C GLU A 62 8.77 -6.29 -3.52
N ILE A 63 8.33 -5.05 -3.39
CA ILE A 63 9.20 -4.01 -2.85
C ILE A 63 9.49 -4.31 -1.38
N LEU A 64 8.43 -4.60 -0.64
CA LEU A 64 8.57 -4.90 0.77
C LEU A 64 9.55 -6.06 0.95
N MET A 65 9.42 -7.05 0.07
CA MET A 65 10.28 -8.22 0.12
C MET A 65 11.76 -7.80 0.09
N SER A 66 12.10 -7.03 -0.93
CA SER A 66 13.46 -6.56 -1.10
C SER A 66 13.87 -5.71 0.11
N GLN A 67 13.00 -4.76 0.45
CA GLN A 67 13.26 -3.89 1.58
C GLN A 67 13.80 -4.68 2.76
N SER A 68 13.04 -5.68 3.17
CA SER A 68 13.44 -6.53 4.28
C SER A 68 12.84 -7.93 4.11
N GLY A 69 13.53 -8.90 4.68
CA GLY A 69 13.08 -10.28 4.60
C GLY A 69 12.69 -10.81 5.99
N PRO A 70 12.98 -12.12 6.20
CA PRO A 70 12.66 -12.76 7.47
C PRO A 70 13.65 -12.33 8.56
N SER A 71 13.18 -11.42 9.41
CA SER A 71 13.99 -10.90 10.49
C SER A 71 14.83 -12.04 11.10
N SER A 72 16.13 -11.89 11.00
CA SER A 72 17.04 -12.90 11.53
C SER A 72 16.96 -12.93 13.06
N GLY A 73 17.14 -11.75 13.65
CA GLY A 73 17.08 -11.62 15.09
C GLY A 73 17.88 -10.40 15.57
N GLY A 1 35.35 45.40 2.62
CA GLY A 1 34.93 44.62 1.47
C GLY A 1 35.27 43.13 1.67
N SER A 2 34.36 42.29 1.22
CA SER A 2 34.54 40.85 1.33
C SER A 2 34.59 40.22 -0.06
N SER A 3 35.00 38.95 -0.09
CA SER A 3 35.10 38.23 -1.34
C SER A 3 33.86 37.35 -1.53
N GLY A 4 33.22 37.02 -0.42
CA GLY A 4 32.03 36.19 -0.45
C GLY A 4 32.33 34.77 0.05
N SER A 5 31.26 34.03 0.27
CA SER A 5 31.40 32.66 0.75
C SER A 5 30.02 32.03 0.95
N SER A 6 30.02 30.73 1.16
CA SER A 6 28.78 30.00 1.37
C SER A 6 29.04 28.73 2.16
N GLY A 7 27.96 28.11 2.62
CA GLY A 7 28.06 26.89 3.40
C GLY A 7 27.17 25.79 2.81
N SER A 8 26.99 24.74 3.60
CA SER A 8 26.16 23.63 3.18
C SER A 8 25.48 22.99 4.39
N ARG A 9 24.23 22.59 4.18
CA ARG A 9 23.45 21.98 5.25
C ARG A 9 22.53 20.90 4.68
N GLN A 10 22.27 19.89 5.50
CA GLN A 10 21.40 18.79 5.08
C GLN A 10 19.95 19.09 5.48
N ALA A 11 19.04 18.46 4.76
CA ALA A 11 17.62 18.64 5.02
C ALA A 11 17.04 17.33 5.56
N PRO A 12 16.68 17.35 6.86
CA PRO A 12 16.11 16.18 7.50
C PRO A 12 14.65 15.97 7.08
N ILE A 13 14.15 14.79 7.35
CA ILE A 13 12.77 14.45 7.02
C ILE A 13 11.83 15.22 7.93
N ALA A 14 10.94 15.97 7.32
CA ALA A 14 9.97 16.75 8.06
C ALA A 14 8.86 17.23 7.12
N ASN A 15 8.12 16.27 6.60
CA ASN A 15 7.03 16.57 5.68
C ASN A 15 5.70 16.12 6.30
N ALA A 16 4.69 16.94 6.12
CA ALA A 16 3.37 16.63 6.66
C ALA A 16 2.59 15.80 5.63
N ALA A 17 1.99 14.73 6.12
CA ALA A 17 1.22 13.85 5.26
C ALA A 17 -0.21 14.39 5.13
N VAL A 18 -0.69 14.40 3.90
CA VAL A 18 -2.04 14.88 3.63
C VAL A 18 -2.71 13.97 2.59
N LEU A 19 -3.77 13.32 3.04
CA LEU A 19 -4.51 12.41 2.18
C LEU A 19 -5.38 13.23 1.21
N PRO A 20 -5.02 13.12 -0.09
CA PRO A 20 -5.75 13.84 -1.12
C PRO A 20 -7.11 13.18 -1.40
N GLN A 21 -8.16 13.95 -1.15
CA GLN A 21 -9.51 13.46 -1.36
C GLN A 21 -9.86 13.51 -2.85
N SER A 22 -8.99 14.16 -3.60
CA SER A 22 -9.21 14.29 -5.04
C SER A 22 -8.19 15.27 -5.63
N GLN A 23 -7.12 14.71 -6.18
CA GLN A 23 -6.07 15.51 -6.79
C GLN A 23 -5.65 14.91 -8.12
N GLY A 24 -5.46 13.61 -8.11
CA GLY A 24 -5.05 12.90 -9.32
C GLY A 24 -4.52 11.51 -8.98
N ARG A 25 -3.27 11.49 -8.52
CA ARG A 25 -2.63 10.24 -8.16
C ARG A 25 -3.30 9.63 -6.92
N VAL A 26 -2.94 8.39 -6.64
CA VAL A 26 -3.50 7.68 -5.50
C VAL A 26 -2.43 7.55 -4.41
N ALA A 27 -2.90 7.41 -3.18
CA ALA A 27 -2.00 7.27 -2.05
C ALA A 27 -2.31 5.98 -1.30
N ALA A 28 -1.27 5.39 -0.73
CA ALA A 28 -1.42 4.15 0.01
C ALA A 28 -2.71 4.20 0.81
N SER A 29 -3.40 3.06 0.84
CA SER A 29 -4.65 2.96 1.57
C SER A 29 -4.49 2.03 2.77
N GLU A 30 -5.02 2.46 3.89
CA GLU A 30 -4.95 1.67 5.12
C GLU A 30 -5.10 0.18 4.81
N GLU A 31 -6.12 -0.12 4.01
CA GLU A 31 -6.39 -1.49 3.63
C GLU A 31 -5.10 -2.19 3.22
N GLN A 32 -4.39 -1.56 2.30
CA GLN A 32 -3.13 -2.11 1.81
C GLN A 32 -2.15 -2.30 2.97
N ILE A 33 -1.91 -1.20 3.68
CA ILE A 33 -1.00 -1.23 4.81
C ILE A 33 -1.31 -2.45 5.68
N GLN A 34 -2.60 -2.71 5.84
CA GLN A 34 -3.04 -3.84 6.65
C GLN A 34 -2.84 -5.15 5.88
N LYS A 35 -3.05 -5.08 4.57
CA LYS A 35 -2.89 -6.24 3.73
C LYS A 35 -1.42 -6.67 3.72
N LEU A 36 -0.55 -5.70 3.97
CA LEU A 36 0.87 -5.96 4.00
C LEU A 36 1.32 -6.19 5.45
N VAL A 37 0.94 -5.24 6.30
CA VAL A 37 1.29 -5.32 7.71
C VAL A 37 0.83 -6.67 8.27
N ALA A 38 -0.29 -7.14 7.76
CA ALA A 38 -0.84 -8.41 8.19
C ALA A 38 0.09 -9.54 7.77
N MET A 39 0.78 -9.32 6.66
CA MET A 39 1.71 -10.30 6.14
C MET A 39 3.00 -10.31 6.96
N GLY A 40 3.30 -9.17 7.55
CA GLY A 40 4.51 -9.03 8.35
C GLY A 40 5.41 -7.92 7.82
N PHE A 41 4.78 -6.77 7.54
CA PHE A 41 5.52 -5.64 7.01
C PHE A 41 5.24 -4.38 7.85
N ASP A 42 6.18 -3.45 7.79
CA ASP A 42 6.05 -2.21 8.53
C ASP A 42 5.20 -1.22 7.73
N ARG A 43 4.23 -0.64 8.40
CA ARG A 43 3.34 0.32 7.75
C ARG A 43 4.15 1.28 6.88
N THR A 44 5.26 1.76 7.43
CA THR A 44 6.11 2.68 6.72
C THR A 44 6.59 2.05 5.40
N GLN A 45 7.16 0.86 5.53
CA GLN A 45 7.65 0.15 4.36
C GLN A 45 6.55 0.00 3.31
N VAL A 46 5.34 -0.21 3.81
CA VAL A 46 4.19 -0.38 2.93
C VAL A 46 3.93 0.93 2.19
N GLU A 47 3.96 2.02 2.95
CA GLU A 47 3.73 3.33 2.38
C GLU A 47 4.83 3.68 1.39
N VAL A 48 6.05 3.82 1.92
CA VAL A 48 7.19 4.15 1.09
C VAL A 48 7.12 3.37 -0.22
N ALA A 49 6.98 2.05 -0.08
CA ALA A 49 6.89 1.18 -1.24
C ALA A 49 5.72 1.63 -2.12
N LEU A 50 4.52 1.52 -1.55
CA LEU A 50 3.31 1.91 -2.26
C LEU A 50 3.60 3.19 -3.07
N ALA A 51 4.50 3.99 -2.55
CA ALA A 51 4.87 5.24 -3.21
C ALA A 51 5.59 4.92 -4.52
N ALA A 52 6.67 4.16 -4.40
CA ALA A 52 7.46 3.79 -5.55
C ALA A 52 6.73 2.68 -6.32
N ALA A 53 5.64 2.21 -5.73
CA ALA A 53 4.85 1.15 -6.33
C ALA A 53 3.70 1.78 -7.13
N ASP A 54 3.81 3.08 -7.33
CA ASP A 54 2.78 3.81 -8.07
C ASP A 54 1.40 3.43 -7.53
N ASP A 55 1.31 3.36 -6.21
CA ASP A 55 0.06 3.01 -5.55
C ASP A 55 -0.36 1.61 -6.00
N ASP A 56 0.62 0.73 -6.10
CA ASP A 56 0.37 -0.64 -6.51
C ASP A 56 0.77 -1.59 -5.39
N LEU A 57 -0.12 -2.53 -5.10
CA LEU A 57 0.13 -3.50 -4.05
C LEU A 57 1.07 -4.58 -4.58
N THR A 58 0.61 -5.26 -5.62
CA THR A 58 1.39 -6.32 -6.22
C THR A 58 2.86 -5.93 -6.29
N VAL A 59 3.10 -4.70 -6.76
CA VAL A 59 4.46 -4.19 -6.88
C VAL A 59 5.02 -3.94 -5.48
N ALA A 60 4.27 -3.15 -4.71
CA ALA A 60 4.69 -2.82 -3.37
C ALA A 60 5.22 -4.08 -2.67
N VAL A 61 4.37 -5.10 -2.64
CA VAL A 61 4.72 -6.36 -2.01
C VAL A 61 6.18 -6.70 -2.36
N GLU A 62 6.47 -6.68 -3.65
CA GLU A 62 7.81 -6.98 -4.13
C GLU A 62 8.83 -6.09 -3.43
N ILE A 63 8.47 -4.82 -3.29
CA ILE A 63 9.35 -3.86 -2.64
C ILE A 63 9.51 -4.24 -1.17
N LEU A 64 8.38 -4.51 -0.53
CA LEU A 64 8.38 -4.89 0.87
C LEU A 64 9.27 -6.12 1.06
N MET A 65 9.08 -7.08 0.18
CA MET A 65 9.84 -8.32 0.25
C MET A 65 11.35 -8.03 0.17
N SER A 66 11.70 -7.14 -0.75
CA SER A 66 13.10 -6.77 -0.93
C SER A 66 13.28 -5.29 -0.59
N GLN A 67 12.79 -4.90 0.58
CA GLN A 67 12.90 -3.53 1.03
C GLN A 67 14.36 -3.17 1.30
N SER A 68 14.94 -3.90 2.25
CA SER A 68 16.33 -3.67 2.62
C SER A 68 17.12 -4.97 2.48
N GLY A 69 16.52 -6.06 2.94
CA GLY A 69 17.15 -7.36 2.89
C GLY A 69 16.23 -8.39 2.22
N PRO A 70 16.58 -9.69 2.42
CA PRO A 70 15.80 -10.77 1.84
C PRO A 70 14.50 -10.98 2.62
N SER A 71 13.67 -9.94 2.61
CA SER A 71 12.40 -9.99 3.31
C SER A 71 12.63 -10.12 4.82
N SER A 72 11.57 -9.87 5.57
CA SER A 72 11.64 -9.94 7.01
C SER A 72 10.24 -9.77 7.62
N GLY A 73 9.99 -10.54 8.66
CA GLY A 73 8.71 -10.48 9.34
C GLY A 73 8.77 -11.20 10.69
N GLY A 1 -33.73 10.07 30.74
CA GLY A 1 -34.05 8.68 30.47
C GLY A 1 -34.71 8.52 29.09
N SER A 2 -34.59 7.33 28.54
CA SER A 2 -35.16 7.03 27.25
C SER A 2 -35.78 5.63 27.24
N SER A 3 -36.52 5.35 26.19
CA SER A 3 -37.16 4.05 26.05
C SER A 3 -36.41 3.20 25.03
N GLY A 4 -35.09 3.37 25.02
CA GLY A 4 -34.26 2.63 24.09
C GLY A 4 -34.49 3.07 22.64
N SER A 5 -33.53 2.76 21.79
CA SER A 5 -33.63 3.12 20.39
C SER A 5 -34.52 2.12 19.66
N SER A 6 -34.97 2.52 18.47
CA SER A 6 -35.82 1.68 17.66
C SER A 6 -35.06 0.43 17.23
N GLY A 7 -35.60 -0.72 17.62
CA GLY A 7 -34.98 -1.98 17.28
C GLY A 7 -34.07 -2.48 18.41
N SER A 8 -33.96 -3.80 18.50
CA SER A 8 -33.14 -4.41 19.53
C SER A 8 -32.42 -5.64 18.97
N ARG A 9 -31.17 -5.79 19.36
CA ARG A 9 -30.37 -6.91 18.91
C ARG A 9 -28.93 -6.80 19.44
N GLN A 10 -28.28 -7.94 19.55
CA GLN A 10 -26.91 -7.98 20.03
C GLN A 10 -26.05 -6.95 19.30
N ALA A 11 -24.79 -6.89 19.69
CA ALA A 11 -23.86 -5.95 19.09
C ALA A 11 -23.38 -6.52 17.75
N PRO A 12 -23.15 -5.59 16.78
CA PRO A 12 -22.70 -5.97 15.46
C PRO A 12 -21.22 -6.36 15.47
N ILE A 13 -20.92 -7.43 14.76
CA ILE A 13 -19.55 -7.92 14.68
C ILE A 13 -19.08 -7.87 13.23
N ALA A 14 -17.85 -7.39 13.06
CA ALA A 14 -17.27 -7.29 11.73
C ALA A 14 -18.09 -6.31 10.88
N ASN A 15 -17.38 -5.41 10.23
CA ASN A 15 -18.03 -4.42 9.39
C ASN A 15 -17.67 -4.67 7.93
N ALA A 16 -18.65 -4.47 7.07
CA ALA A 16 -18.46 -4.67 5.64
C ALA A 16 -17.40 -3.71 5.13
N ALA A 17 -16.50 -4.25 4.33
CA ALA A 17 -15.42 -3.45 3.77
C ALA A 17 -15.92 -2.77 2.49
N VAL A 18 -15.55 -1.49 2.35
CA VAL A 18 -15.96 -0.72 1.19
C VAL A 18 -14.98 0.44 1.00
N LEU A 19 -14.26 0.40 -0.11
CA LEU A 19 -13.30 1.44 -0.43
C LEU A 19 -13.61 2.03 -1.80
N PRO A 20 -13.33 3.34 -1.94
CA PRO A 20 -13.58 4.04 -3.20
C PRO A 20 -12.53 3.67 -4.25
N GLN A 21 -12.86 3.95 -5.49
CA GLN A 21 -11.96 3.67 -6.60
C GLN A 21 -10.61 4.36 -6.38
N SER A 22 -9.58 3.55 -6.23
CA SER A 22 -8.24 4.07 -6.01
C SER A 22 -7.73 4.73 -7.30
N GLN A 23 -8.02 6.02 -7.42
CA GLN A 23 -7.59 6.77 -8.58
C GLN A 23 -7.58 8.27 -8.27
N GLY A 24 -6.39 8.76 -7.97
CA GLY A 24 -6.22 10.18 -7.65
C GLY A 24 -5.63 10.36 -6.25
N ARG A 25 -6.41 9.96 -5.25
CA ARG A 25 -5.97 10.07 -3.87
C ARG A 25 -4.55 9.55 -3.72
N VAL A 26 -3.88 10.03 -2.69
CA VAL A 26 -2.51 9.62 -2.42
C VAL A 26 -2.48 8.11 -2.15
N ALA A 27 -1.31 7.53 -2.39
CA ALA A 27 -1.13 6.10 -2.19
C ALA A 27 -1.15 5.80 -0.69
N ALA A 28 -0.52 4.70 -0.33
CA ALA A 28 -0.46 4.29 1.06
C ALA A 28 -1.87 4.30 1.66
N SER A 29 -2.62 3.26 1.36
CA SER A 29 -3.98 3.13 1.86
C SER A 29 -4.05 2.05 2.93
N GLU A 30 -4.74 2.38 4.02
CA GLU A 30 -4.89 1.45 5.12
C GLU A 30 -5.12 0.03 4.59
N GLU A 31 -6.11 -0.09 3.72
CA GLU A 31 -6.45 -1.37 3.14
C GLU A 31 -5.18 -2.13 2.77
N GLN A 32 -4.28 -1.42 2.10
CA GLN A 32 -3.02 -2.02 1.68
C GLN A 32 -2.09 -2.19 2.88
N ILE A 33 -1.84 -1.07 3.55
CA ILE A 33 -0.97 -1.09 4.72
C ILE A 33 -1.30 -2.30 5.58
N GLN A 34 -2.59 -2.58 5.71
CA GLN A 34 -3.04 -3.71 6.50
C GLN A 34 -2.78 -5.01 5.75
N LYS A 35 -3.02 -4.99 4.46
CA LYS A 35 -2.82 -6.15 3.62
C LYS A 35 -1.34 -6.54 3.65
N LEU A 36 -0.51 -5.55 3.93
CA LEU A 36 0.93 -5.77 3.99
C LEU A 36 1.35 -5.99 5.45
N VAL A 37 0.94 -5.05 6.30
CA VAL A 37 1.26 -5.13 7.71
C VAL A 37 0.87 -6.51 8.24
N ALA A 38 -0.18 -7.06 7.65
CA ALA A 38 -0.66 -8.37 8.04
C ALA A 38 0.32 -9.45 7.55
N MET A 39 0.88 -9.20 6.37
CA MET A 39 1.82 -10.14 5.79
C MET A 39 3.12 -10.18 6.60
N GLY A 40 3.34 -9.13 7.36
CA GLY A 40 4.53 -9.03 8.19
C GLY A 40 5.42 -7.87 7.76
N PHE A 41 4.77 -6.75 7.47
CA PHE A 41 5.48 -5.56 7.04
C PHE A 41 5.18 -4.37 7.96
N ASP A 42 5.98 -3.33 7.81
CA ASP A 42 5.81 -2.14 8.61
C ASP A 42 5.02 -1.10 7.81
N ARG A 43 4.05 -0.49 8.47
CA ARG A 43 3.22 0.52 7.84
C ARG A 43 4.07 1.42 6.93
N THR A 44 5.21 1.83 7.47
CA THR A 44 6.12 2.68 6.72
C THR A 44 6.60 1.96 5.45
N GLN A 45 7.33 0.88 5.66
CA GLN A 45 7.85 0.11 4.54
C GLN A 45 6.77 -0.08 3.48
N VAL A 46 5.52 -0.10 3.94
CA VAL A 46 4.40 -0.27 3.03
C VAL A 46 4.18 1.03 2.25
N GLU A 47 4.00 2.11 3.00
CA GLU A 47 3.78 3.42 2.39
C GLU A 47 4.91 3.74 1.41
N VAL A 48 6.13 3.71 1.94
CA VAL A 48 7.30 4.00 1.13
C VAL A 48 7.18 3.29 -0.21
N ALA A 49 7.16 1.96 -0.14
CA ALA A 49 7.05 1.14 -1.34
C ALA A 49 5.82 1.59 -2.14
N LEU A 50 4.67 1.43 -1.52
CA LEU A 50 3.41 1.82 -2.16
C LEU A 50 3.63 3.12 -2.94
N ALA A 51 4.53 3.94 -2.43
CA ALA A 51 4.83 5.22 -3.06
C ALA A 51 5.50 4.95 -4.42
N ALA A 52 6.58 4.19 -4.38
CA ALA A 52 7.31 3.86 -5.59
C ALA A 52 6.53 2.83 -6.39
N ALA A 53 5.56 2.21 -5.72
CA ALA A 53 4.74 1.20 -6.35
C ALA A 53 3.63 1.88 -7.16
N ASP A 54 3.47 3.18 -6.91
CA ASP A 54 2.46 3.95 -7.59
C ASP A 54 1.07 3.50 -7.13
N ASP A 55 0.98 3.23 -5.84
CA ASP A 55 -0.28 2.78 -5.27
C ASP A 55 -0.52 1.32 -5.62
N ASP A 56 0.50 0.71 -6.22
CA ASP A 56 0.42 -0.68 -6.62
C ASP A 56 0.79 -1.57 -5.44
N LEU A 57 -0.02 -2.60 -5.23
CA LEU A 57 0.21 -3.53 -4.14
C LEU A 57 1.12 -4.65 -4.63
N THR A 58 0.61 -5.40 -5.59
CA THR A 58 1.36 -6.52 -6.15
C THR A 58 2.83 -6.13 -6.33
N VAL A 59 3.06 -4.85 -6.58
CA VAL A 59 4.40 -4.35 -6.76
C VAL A 59 5.01 -4.03 -5.40
N ALA A 60 4.24 -3.32 -4.59
CA ALA A 60 4.69 -2.94 -3.27
C ALA A 60 5.19 -4.20 -2.52
N VAL A 61 4.31 -5.18 -2.45
CA VAL A 61 4.65 -6.42 -1.78
C VAL A 61 6.05 -6.87 -2.20
N GLU A 62 6.29 -6.81 -3.50
CA GLU A 62 7.58 -7.20 -4.05
C GLU A 62 8.68 -6.33 -3.44
N ILE A 63 8.37 -5.06 -3.27
CA ILE A 63 9.34 -4.12 -2.71
C ILE A 63 9.54 -4.43 -1.23
N LEU A 64 8.42 -4.60 -0.53
CA LEU A 64 8.46 -4.90 0.89
C LEU A 64 9.31 -6.15 1.12
N MET A 65 9.07 -7.15 0.29
CA MET A 65 9.81 -8.40 0.39
C MET A 65 11.32 -8.14 0.33
N SER A 66 11.72 -7.28 -0.59
CA SER A 66 13.11 -6.95 -0.76
C SER A 66 13.67 -6.36 0.54
N GLN A 67 12.82 -5.61 1.23
CA GLN A 67 13.21 -4.99 2.48
C GLN A 67 13.75 -6.05 3.45
N SER A 68 12.96 -7.09 3.64
CA SER A 68 13.34 -8.17 4.54
C SER A 68 12.50 -9.41 4.26
N GLY A 69 13.11 -10.56 4.46
CA GLY A 69 12.42 -11.83 4.23
C GLY A 69 12.91 -12.49 2.94
N PRO A 70 13.85 -13.46 3.10
CA PRO A 70 14.40 -14.16 1.96
C PRO A 70 13.39 -15.18 1.41
N SER A 71 12.51 -14.68 0.55
CA SER A 71 11.48 -15.53 -0.05
C SER A 71 10.90 -16.47 1.01
N SER A 72 9.99 -15.93 1.81
CA SER A 72 9.35 -16.70 2.86
C SER A 72 7.88 -16.94 2.50
N GLY A 73 7.27 -17.86 3.24
CA GLY A 73 5.87 -18.19 3.02
C GLY A 73 5.67 -18.81 1.63
N GLY A 1 -35.40 -24.16 18.54
CA GLY A 1 -34.78 -23.82 17.28
C GLY A 1 -35.58 -24.36 16.10
N SER A 2 -36.06 -23.44 15.27
CA SER A 2 -36.85 -23.81 14.12
C SER A 2 -36.25 -23.20 12.85
N SER A 3 -36.22 -24.00 11.79
CA SER A 3 -35.68 -23.55 10.52
C SER A 3 -36.81 -23.07 9.61
N GLY A 4 -38.00 -23.57 9.87
CA GLY A 4 -39.17 -23.20 9.08
C GLY A 4 -38.96 -23.55 7.61
N SER A 5 -39.27 -22.57 6.77
CA SER A 5 -39.12 -22.75 5.34
C SER A 5 -39.41 -21.43 4.60
N SER A 6 -40.60 -20.93 4.82
CA SER A 6 -41.02 -19.68 4.20
C SER A 6 -40.99 -19.83 2.67
N GLY A 7 -42.10 -20.31 2.14
CA GLY A 7 -42.22 -20.51 0.71
C GLY A 7 -42.54 -19.19 0.00
N SER A 8 -41.54 -18.68 -0.70
CA SER A 8 -41.69 -17.42 -1.43
C SER A 8 -40.44 -17.13 -2.24
N ARG A 9 -39.33 -17.03 -1.54
CA ARG A 9 -38.05 -16.75 -2.18
C ARG A 9 -38.14 -15.46 -2.98
N GLN A 10 -37.73 -14.37 -2.35
CA GLN A 10 -37.76 -13.07 -3.00
C GLN A 10 -36.83 -13.06 -4.22
N ALA A 11 -37.39 -12.63 -5.34
CA ALA A 11 -36.63 -12.57 -6.57
C ALA A 11 -36.51 -11.10 -7.02
N PRO A 12 -35.41 -10.45 -6.56
CA PRO A 12 -35.18 -9.05 -6.90
C PRO A 12 -34.68 -8.94 -8.35
N ILE A 13 -35.24 -7.95 -9.04
CA ILE A 13 -34.87 -7.71 -10.43
C ILE A 13 -34.31 -6.30 -10.56
N ALA A 14 -33.34 -6.15 -11.46
CA ALA A 14 -32.72 -4.87 -11.70
C ALA A 14 -32.10 -4.36 -10.39
N ASN A 15 -30.78 -4.32 -10.37
CA ASN A 15 -30.05 -3.87 -9.21
C ASN A 15 -29.19 -2.67 -9.58
N ALA A 16 -28.90 -1.84 -8.58
CA ALA A 16 -28.08 -0.66 -8.80
C ALA A 16 -26.74 -0.85 -8.11
N ALA A 17 -25.72 -0.22 -8.68
CA ALA A 17 -24.37 -0.31 -8.14
C ALA A 17 -23.97 1.06 -7.57
N VAL A 18 -22.94 1.03 -6.73
CA VAL A 18 -22.45 2.25 -6.12
C VAL A 18 -21.11 2.63 -6.75
N LEU A 19 -21.06 3.83 -7.31
CA LEU A 19 -19.84 4.31 -7.95
C LEU A 19 -18.88 4.85 -6.87
N PRO A 20 -17.57 4.68 -7.14
CA PRO A 20 -16.55 5.13 -6.22
C PRO A 20 -16.40 6.66 -6.27
N GLN A 21 -15.50 7.17 -5.44
CA GLN A 21 -15.26 8.59 -5.39
C GLN A 21 -13.85 8.88 -4.86
N SER A 22 -13.37 10.08 -5.13
CA SER A 22 -12.04 10.48 -4.70
C SER A 22 -11.84 11.98 -4.93
N GLN A 23 -10.78 12.50 -4.33
CA GLN A 23 -10.48 13.91 -4.47
C GLN A 23 -9.07 14.20 -3.94
N GLY A 24 -8.08 13.84 -4.73
CA GLY A 24 -6.69 14.05 -4.36
C GLY A 24 -6.38 13.36 -3.03
N ARG A 25 -5.87 12.14 -3.13
CA ARG A 25 -5.52 11.38 -1.94
C ARG A 25 -4.20 10.62 -2.16
N VAL A 26 -3.58 10.25 -1.05
CA VAL A 26 -2.33 9.52 -1.11
C VAL A 26 -2.58 8.11 -1.65
N ALA A 27 -1.53 7.53 -2.22
CA ALA A 27 -1.62 6.19 -2.77
C ALA A 27 -1.81 5.19 -1.64
N ALA A 28 -0.75 5.00 -0.86
CA ALA A 28 -0.78 4.08 0.25
C ALA A 28 -2.14 4.20 0.97
N SER A 29 -2.89 3.12 0.91
CA SER A 29 -4.20 3.09 1.54
C SER A 29 -4.18 2.13 2.73
N GLU A 30 -4.84 2.54 3.80
CA GLU A 30 -4.92 1.73 5.01
C GLU A 30 -5.07 0.25 4.64
N GLU A 31 -6.01 -0.01 3.74
CA GLU A 31 -6.26 -1.37 3.30
C GLU A 31 -4.94 -2.08 2.98
N GLN A 32 -4.17 -1.44 2.12
CA GLN A 32 -2.89 -2.00 1.71
C GLN A 32 -1.98 -2.18 2.93
N ILE A 33 -1.73 -1.06 3.62
CA ILE A 33 -0.88 -1.09 4.79
C ILE A 33 -1.20 -2.34 5.61
N GLN A 34 -2.48 -2.62 5.75
CA GLN A 34 -2.93 -3.78 6.50
C GLN A 34 -2.64 -5.06 5.72
N LYS A 35 -3.06 -5.05 4.46
CA LYS A 35 -2.87 -6.20 3.59
C LYS A 35 -1.39 -6.61 3.62
N LEU A 36 -0.55 -5.63 3.90
CA LEU A 36 0.89 -5.86 3.96
C LEU A 36 1.30 -6.11 5.41
N VAL A 37 0.90 -5.19 6.27
CA VAL A 37 1.22 -5.30 7.69
C VAL A 37 0.80 -6.67 8.20
N ALA A 38 -0.30 -7.17 7.63
CA ALA A 38 -0.82 -8.47 8.02
C ALA A 38 0.19 -9.55 7.63
N MET A 39 0.92 -9.29 6.56
CA MET A 39 1.92 -10.22 6.08
C MET A 39 3.18 -10.18 6.95
N GLY A 40 3.40 -9.04 7.57
CA GLY A 40 4.55 -8.86 8.43
C GLY A 40 5.45 -7.74 7.92
N PHE A 41 4.83 -6.60 7.65
CA PHE A 41 5.56 -5.45 7.16
C PHE A 41 5.20 -4.19 7.95
N ASP A 42 6.19 -3.31 8.09
CA ASP A 42 5.98 -2.08 8.82
C ASP A 42 5.11 -1.14 7.99
N ARG A 43 4.14 -0.54 8.66
CA ARG A 43 3.23 0.38 7.99
C ARG A 43 4.01 1.27 7.00
N THR A 44 5.15 1.76 7.46
CA THR A 44 5.98 2.61 6.64
C THR A 44 6.45 1.85 5.39
N GLN A 45 7.22 0.80 5.63
CA GLN A 45 7.73 -0.01 4.54
C GLN A 45 6.67 -0.20 3.46
N VAL A 46 5.42 -0.18 3.90
CA VAL A 46 4.31 -0.33 2.98
C VAL A 46 4.11 0.97 2.19
N GLU A 47 3.90 2.04 2.94
CA GLU A 47 3.69 3.35 2.33
C GLU A 47 4.85 3.68 1.39
N VAL A 48 6.06 3.62 1.94
CA VAL A 48 7.26 3.92 1.17
C VAL A 48 7.15 3.24 -0.20
N ALA A 49 7.07 1.92 -0.16
CA ALA A 49 6.96 1.13 -1.39
C ALA A 49 5.75 1.62 -2.19
N LEU A 50 4.58 1.47 -1.59
CA LEU A 50 3.36 1.88 -2.25
C LEU A 50 3.59 3.19 -2.99
N ALA A 51 4.50 3.99 -2.45
CA ALA A 51 4.83 5.27 -3.04
C ALA A 51 5.53 5.03 -4.40
N ALA A 52 6.61 4.26 -4.35
CA ALA A 52 7.36 3.95 -5.55
C ALA A 52 6.54 3.01 -6.42
N ALA A 53 5.69 2.23 -5.78
CA ALA A 53 4.85 1.29 -6.48
C ALA A 53 3.81 2.04 -7.30
N ASP A 54 3.41 3.19 -6.78
CA ASP A 54 2.43 4.03 -7.44
C ASP A 54 1.03 3.54 -7.07
N ASP A 55 0.90 3.09 -5.83
CA ASP A 55 -0.38 2.60 -5.34
C ASP A 55 -0.58 1.16 -5.80
N ASP A 56 0.50 0.58 -6.32
CA ASP A 56 0.45 -0.80 -6.79
C ASP A 56 0.87 -1.73 -5.67
N LEU A 57 -0.11 -2.49 -5.18
CA LEU A 57 0.14 -3.44 -4.10
C LEU A 57 1.05 -4.56 -4.62
N THR A 58 0.53 -5.30 -5.58
CA THR A 58 1.28 -6.40 -6.16
C THR A 58 2.76 -6.04 -6.28
N VAL A 59 3.00 -4.80 -6.68
CA VAL A 59 4.37 -4.31 -6.83
C VAL A 59 4.97 -4.05 -5.45
N ALA A 60 4.23 -3.28 -4.65
CA ALA A 60 4.67 -2.94 -3.31
C ALA A 60 5.23 -4.20 -2.63
N VAL A 61 4.38 -5.21 -2.55
CA VAL A 61 4.77 -6.47 -1.93
C VAL A 61 6.20 -6.80 -2.33
N GLU A 62 6.42 -6.89 -3.64
CA GLU A 62 7.73 -7.21 -4.15
C GLU A 62 8.80 -6.33 -3.49
N ILE A 63 8.44 -5.06 -3.32
CA ILE A 63 9.34 -4.10 -2.70
C ILE A 63 9.50 -4.44 -1.22
N LEU A 64 8.37 -4.62 -0.56
CA LEU A 64 8.37 -4.94 0.86
C LEU A 64 9.21 -6.20 1.09
N MET A 65 8.98 -7.19 0.24
CA MET A 65 9.71 -8.44 0.34
C MET A 65 11.22 -8.19 0.40
N SER A 66 11.72 -7.46 -0.59
CA SER A 66 13.13 -7.14 -0.66
C SER A 66 13.55 -6.33 0.58
N GLN A 67 12.90 -5.18 0.73
CA GLN A 67 13.20 -4.30 1.85
C GLN A 67 13.40 -5.12 3.12
N SER A 68 12.41 -5.94 3.44
CA SER A 68 12.47 -6.78 4.62
C SER A 68 12.40 -5.92 5.88
N GLY A 69 13.45 -5.14 6.10
CA GLY A 69 13.51 -4.28 7.25
C GLY A 69 14.51 -4.80 8.28
N PRO A 70 14.00 -5.63 9.22
CA PRO A 70 14.83 -6.21 10.26
C PRO A 70 15.70 -7.33 9.70
N SER A 71 16.74 -6.93 8.99
CA SER A 71 17.65 -7.89 8.39
C SER A 71 19.10 -7.48 8.66
N SER A 72 19.88 -8.45 9.14
CA SER A 72 21.28 -8.19 9.44
C SER A 72 22.18 -9.04 8.54
N GLY A 73 21.73 -10.27 8.31
CA GLY A 73 22.47 -11.19 7.46
C GLY A 73 21.92 -12.61 7.60
N GLY A 1 -35.43 -12.75 31.57
CA GLY A 1 -35.94 -13.78 30.68
C GLY A 1 -35.56 -13.49 29.23
N SER A 2 -34.45 -14.09 28.82
CA SER A 2 -33.96 -13.90 27.46
C SER A 2 -34.13 -15.20 26.67
N SER A 3 -34.63 -15.06 25.45
CA SER A 3 -34.85 -16.19 24.58
C SER A 3 -33.74 -16.28 23.54
N GLY A 4 -33.10 -15.14 23.30
CA GLY A 4 -32.02 -15.07 22.33
C GLY A 4 -32.25 -13.94 21.33
N SER A 5 -31.16 -13.34 20.91
CA SER A 5 -31.23 -12.24 19.95
C SER A 5 -29.82 -11.79 19.56
N SER A 6 -29.47 -12.05 18.32
CA SER A 6 -28.15 -11.68 17.81
C SER A 6 -28.04 -12.06 16.33
N GLY A 7 -27.70 -11.07 15.52
CA GLY A 7 -27.56 -11.28 14.10
C GLY A 7 -28.15 -10.11 13.30
N SER A 8 -27.30 -9.51 12.47
CA SER A 8 -27.74 -8.39 11.66
C SER A 8 -27.46 -8.69 10.18
N ARG A 9 -26.19 -8.74 9.84
CA ARG A 9 -25.79 -9.01 8.47
C ARG A 9 -24.53 -9.88 8.45
N GLN A 10 -24.75 -11.19 8.54
CA GLN A 10 -23.65 -12.13 8.54
C GLN A 10 -22.77 -11.94 9.77
N ALA A 11 -22.04 -12.98 10.11
CA ALA A 11 -21.15 -12.95 11.26
C ALA A 11 -19.92 -12.11 10.93
N PRO A 12 -19.41 -11.40 11.98
CA PRO A 12 -18.24 -10.55 11.81
C PRO A 12 -16.97 -11.40 11.71
N ILE A 13 -16.79 -12.02 10.56
CA ILE A 13 -15.63 -12.85 10.33
C ILE A 13 -14.53 -12.02 9.65
N ALA A 14 -13.30 -12.31 10.01
CA ALA A 14 -12.15 -11.60 9.45
C ALA A 14 -12.25 -10.13 9.83
N ASN A 15 -11.19 -9.40 9.48
CA ASN A 15 -11.14 -7.98 9.77
C ASN A 15 -12.25 -7.25 9.01
N ALA A 16 -13.01 -6.45 9.74
CA ALA A 16 -14.10 -5.72 9.14
C ALA A 16 -13.69 -4.25 9.00
N ALA A 17 -13.64 -3.80 7.74
CA ALA A 17 -13.27 -2.42 7.46
C ALA A 17 -14.46 -1.70 6.82
N VAL A 18 -14.47 -0.38 6.99
CA VAL A 18 -15.53 0.44 6.45
C VAL A 18 -15.01 1.84 6.20
N LEU A 19 -15.03 2.23 4.92
CA LEU A 19 -14.55 3.54 4.53
C LEU A 19 -15.72 4.34 3.94
N PRO A 20 -15.68 5.68 4.18
CA PRO A 20 -16.73 6.56 3.68
C PRO A 20 -16.57 6.79 2.17
N GLN A 21 -17.65 7.26 1.57
CA GLN A 21 -17.66 7.53 0.14
C GLN A 21 -16.96 8.85 -0.15
N SER A 22 -15.68 8.76 -0.49
CA SER A 22 -14.90 9.95 -0.80
C SER A 22 -13.56 9.53 -1.41
N GLN A 23 -13.19 10.23 -2.48
CA GLN A 23 -11.93 9.95 -3.16
C GLN A 23 -10.96 11.10 -2.96
N GLY A 24 -9.72 10.74 -2.64
CA GLY A 24 -8.68 11.73 -2.42
C GLY A 24 -7.57 11.60 -3.46
N ARG A 25 -6.34 11.65 -2.97
CA ARG A 25 -5.18 11.54 -3.84
C ARG A 25 -4.46 10.21 -3.61
N VAL A 26 -3.83 9.73 -4.66
CA VAL A 26 -3.10 8.46 -4.59
C VAL A 26 -1.97 8.60 -3.57
N ALA A 27 -1.62 7.46 -2.98
CA ALA A 27 -0.55 7.44 -1.99
C ALA A 27 -0.51 6.07 -1.32
N ALA A 28 -1.66 5.68 -0.78
CA ALA A 28 -1.76 4.38 -0.11
C ALA A 28 -3.07 4.34 0.68
N SER A 29 -3.60 3.13 0.81
CA SER A 29 -4.83 2.93 1.55
C SER A 29 -4.60 1.99 2.73
N GLU A 30 -5.12 2.40 3.88
CA GLU A 30 -4.97 1.61 5.10
C GLU A 30 -5.12 0.12 4.77
N GLU A 31 -6.20 -0.20 4.06
CA GLU A 31 -6.46 -1.57 3.69
C GLU A 31 -5.17 -2.26 3.24
N GLN A 32 -4.48 -1.62 2.31
CA GLN A 32 -3.24 -2.16 1.79
C GLN A 32 -2.22 -2.31 2.92
N ILE A 33 -2.00 -1.21 3.63
CA ILE A 33 -1.06 -1.22 4.74
C ILE A 33 -1.34 -2.42 5.65
N GLN A 34 -2.61 -2.72 5.80
CA GLN A 34 -3.02 -3.83 6.63
C GLN A 34 -2.77 -5.16 5.89
N LYS A 35 -3.10 -5.15 4.62
CA LYS A 35 -2.93 -6.33 3.79
C LYS A 35 -1.44 -6.70 3.75
N LEU A 36 -0.61 -5.69 3.99
CA LEU A 36 0.84 -5.89 3.97
C LEU A 36 1.32 -6.12 5.40
N VAL A 37 0.95 -5.18 6.27
CA VAL A 37 1.34 -5.27 7.67
C VAL A 37 0.90 -6.61 8.24
N ALA A 38 -0.21 -7.11 7.72
CA ALA A 38 -0.75 -8.37 8.17
C ALA A 38 0.20 -9.50 7.76
N MET A 39 0.87 -9.29 6.64
CA MET A 39 1.81 -10.28 6.12
C MET A 39 3.10 -10.28 6.95
N GLY A 40 3.38 -9.14 7.56
CA GLY A 40 4.57 -9.00 8.37
C GLY A 40 5.45 -7.85 7.88
N PHE A 41 4.78 -6.77 7.48
CA PHE A 41 5.49 -5.60 6.99
C PHE A 41 5.21 -4.38 7.87
N ASP A 42 6.06 -3.38 7.72
CA ASP A 42 5.91 -2.15 8.49
C ASP A 42 5.13 -1.13 7.67
N ARG A 43 4.14 -0.53 8.32
CA ARG A 43 3.30 0.46 7.67
C ARG A 43 4.16 1.41 6.85
N THR A 44 5.25 1.86 7.45
CA THR A 44 6.16 2.77 6.79
C THR A 44 6.68 2.16 5.48
N GLN A 45 7.08 0.90 5.58
CA GLN A 45 7.59 0.18 4.43
C GLN A 45 6.50 0.05 3.35
N VAL A 46 5.28 -0.18 3.82
CA VAL A 46 4.15 -0.33 2.92
C VAL A 46 3.91 0.99 2.19
N GLU A 47 4.01 2.07 2.94
CA GLU A 47 3.80 3.39 2.38
C GLU A 47 4.91 3.73 1.38
N VAL A 48 6.13 3.84 1.91
CA VAL A 48 7.28 4.16 1.09
C VAL A 48 7.19 3.37 -0.22
N ALA A 49 7.04 2.06 -0.08
CA ALA A 49 6.94 1.19 -1.22
C ALA A 49 5.76 1.62 -2.09
N LEU A 50 4.58 1.52 -1.53
CA LEU A 50 3.37 1.90 -2.25
C LEU A 50 3.64 3.18 -3.03
N ALA A 51 4.54 4.00 -2.51
CA ALA A 51 4.90 5.24 -3.15
C ALA A 51 5.69 4.95 -4.43
N ALA A 52 6.77 4.20 -4.26
CA ALA A 52 7.62 3.84 -5.39
C ALA A 52 6.93 2.74 -6.21
N ALA A 53 5.77 2.32 -5.72
CA ALA A 53 5.01 1.28 -6.38
C ALA A 53 3.90 1.92 -7.21
N ASP A 54 3.52 3.12 -6.81
CA ASP A 54 2.48 3.85 -7.51
C ASP A 54 1.11 3.32 -7.07
N ASP A 55 0.99 3.13 -5.77
CA ASP A 55 -0.26 2.63 -5.20
C ASP A 55 -0.56 1.25 -5.78
N ASP A 56 0.50 0.49 -6.01
CA ASP A 56 0.37 -0.84 -6.56
C ASP A 56 0.83 -1.87 -5.52
N LEU A 57 -0.13 -2.63 -5.01
CA LEU A 57 0.17 -3.64 -4.01
C LEU A 57 1.08 -4.70 -4.63
N THR A 58 0.69 -5.16 -5.81
CA THR A 58 1.47 -6.17 -6.52
C THR A 58 2.95 -5.78 -6.53
N VAL A 59 3.21 -4.55 -6.93
CA VAL A 59 4.57 -4.06 -7.00
C VAL A 59 5.09 -3.80 -5.59
N ALA A 60 4.31 -3.04 -4.83
CA ALA A 60 4.67 -2.72 -3.46
C ALA A 60 5.14 -3.99 -2.76
N VAL A 61 4.27 -4.98 -2.74
CA VAL A 61 4.59 -6.25 -2.10
C VAL A 61 6.03 -6.64 -2.45
N GLU A 62 6.31 -6.63 -3.74
CA GLU A 62 7.64 -6.99 -4.20
C GLU A 62 8.70 -6.14 -3.50
N ILE A 63 8.37 -4.87 -3.31
CA ILE A 63 9.27 -3.96 -2.64
C ILE A 63 9.41 -4.35 -1.16
N LEU A 64 8.27 -4.55 -0.53
CA LEU A 64 8.25 -4.94 0.87
C LEU A 64 9.09 -6.20 1.06
N MET A 65 8.88 -7.17 0.17
CA MET A 65 9.61 -8.42 0.24
C MET A 65 11.12 -8.17 0.26
N SER A 66 11.58 -7.39 -0.71
CA SER A 66 12.99 -7.07 -0.80
C SER A 66 13.53 -6.66 0.57
N GLN A 67 12.82 -5.72 1.19
CA GLN A 67 13.21 -5.24 2.50
C GLN A 67 13.18 -6.37 3.52
N SER A 68 12.02 -7.01 3.61
CA SER A 68 11.83 -8.11 4.54
C SER A 68 12.41 -7.74 5.91
N GLY A 69 11.51 -7.24 6.76
CA GLY A 69 11.92 -6.84 8.10
C GLY A 69 12.99 -5.75 8.05
N PRO A 70 13.22 -5.11 9.23
CA PRO A 70 14.21 -4.06 9.34
C PRO A 70 15.63 -4.63 9.33
N SER A 71 15.84 -5.63 10.19
CA SER A 71 17.13 -6.27 10.29
C SER A 71 17.15 -7.56 9.46
N SER A 72 16.24 -8.46 9.81
CA SER A 72 16.14 -9.73 9.11
C SER A 72 14.67 -10.11 8.94
N GLY A 73 14.43 -11.01 7.99
CA GLY A 73 13.07 -11.48 7.72
C GLY A 73 13.09 -12.64 6.74
N GLY A 1 15.22 16.34 -26.21
CA GLY A 1 16.14 15.35 -26.73
C GLY A 1 16.81 14.56 -25.61
N SER A 2 16.11 13.53 -25.16
CA SER A 2 16.61 12.69 -24.09
C SER A 2 17.47 11.55 -24.66
N SER A 3 18.62 11.35 -24.04
CA SER A 3 19.53 10.30 -24.48
C SER A 3 19.30 9.04 -23.66
N GLY A 4 18.74 9.22 -22.47
CA GLY A 4 18.47 8.11 -21.59
C GLY A 4 19.76 7.52 -21.02
N SER A 5 19.60 6.70 -19.99
CA SER A 5 20.75 6.07 -19.35
C SER A 5 21.01 4.72 -19.98
N SER A 6 22.17 4.61 -20.61
CA SER A 6 22.56 3.37 -21.26
C SER A 6 22.62 2.24 -20.24
N GLY A 7 21.76 1.25 -20.44
CA GLY A 7 21.71 0.10 -19.55
C GLY A 7 21.96 -1.20 -20.31
N SER A 8 20.85 -1.85 -20.67
CA SER A 8 20.93 -3.10 -21.40
C SER A 8 20.82 -2.84 -22.90
N ARG A 9 19.70 -2.26 -23.28
CA ARG A 9 19.45 -1.94 -24.69
C ARG A 9 18.31 -0.94 -24.81
N GLN A 10 18.69 0.32 -25.01
CA GLN A 10 17.72 1.39 -25.14
C GLN A 10 16.95 1.57 -23.84
N ALA A 11 16.62 2.83 -23.56
CA ALA A 11 15.89 3.16 -22.35
C ALA A 11 14.53 3.75 -22.73
N PRO A 12 13.45 3.07 -22.26
CA PRO A 12 12.10 3.52 -22.55
C PRO A 12 11.73 4.74 -21.69
N ILE A 13 10.66 5.40 -22.09
CA ILE A 13 10.20 6.58 -21.38
C ILE A 13 8.99 6.21 -20.52
N ALA A 14 9.21 6.18 -19.22
CA ALA A 14 8.14 5.85 -18.29
C ALA A 14 8.24 6.75 -17.06
N ASN A 15 7.89 8.02 -17.26
CA ASN A 15 7.94 8.98 -16.18
C ASN A 15 6.51 9.29 -15.71
N ALA A 16 6.42 9.79 -14.48
CA ALA A 16 5.13 10.12 -13.91
C ALA A 16 4.53 11.31 -14.67
N ALA A 17 3.38 11.05 -15.27
CA ALA A 17 2.69 12.09 -16.04
C ALA A 17 1.49 12.60 -15.22
N VAL A 18 1.21 13.88 -15.41
CA VAL A 18 0.10 14.50 -14.71
C VAL A 18 -1.21 14.17 -15.42
N LEU A 19 -2.07 13.45 -14.73
CA LEU A 19 -3.35 13.06 -15.29
C LEU A 19 -4.44 13.99 -14.76
N PRO A 20 -5.45 14.25 -15.62
CA PRO A 20 -6.56 15.12 -15.25
C PRO A 20 -7.51 14.41 -14.29
N GLN A 21 -8.57 15.12 -13.91
CA GLN A 21 -9.55 14.58 -13.00
C GLN A 21 -10.01 13.19 -13.47
N SER A 22 -9.72 12.20 -12.65
CA SER A 22 -10.08 10.83 -12.96
C SER A 22 -10.19 10.01 -11.67
N GLN A 23 -11.31 10.18 -11.00
CA GLN A 23 -11.55 9.47 -9.76
C GLN A 23 -10.72 10.06 -8.62
N GLY A 24 -9.41 10.08 -8.85
CA GLY A 24 -8.50 10.61 -7.86
C GLY A 24 -7.93 9.50 -6.97
N ARG A 25 -7.00 8.75 -7.53
CA ARG A 25 -6.38 7.66 -6.80
C ARG A 25 -5.63 8.20 -5.58
N VAL A 26 -5.54 7.35 -4.56
CA VAL A 26 -4.85 7.72 -3.34
C VAL A 26 -3.70 6.76 -3.09
N ALA A 27 -2.69 7.26 -2.39
CA ALA A 27 -1.52 6.46 -2.08
C ALA A 27 -1.49 6.14 -0.59
N ALA A 28 -0.97 4.97 -0.26
CA ALA A 28 -0.88 4.55 1.14
C ALA A 28 -2.29 4.48 1.73
N SER A 29 -2.93 3.35 1.52
CA SER A 29 -4.27 3.14 2.03
C SER A 29 -4.27 2.06 3.11
N GLU A 30 -4.92 2.37 4.23
CA GLU A 30 -4.99 1.45 5.33
C GLU A 30 -5.14 0.01 4.82
N GLU A 31 -6.13 -0.16 3.96
CA GLU A 31 -6.40 -1.48 3.38
C GLU A 31 -5.07 -2.16 3.01
N GLN A 32 -4.28 -1.46 2.23
CA GLN A 32 -3.00 -1.98 1.80
C GLN A 32 -2.07 -2.18 3.00
N ILE A 33 -1.82 -1.08 3.69
CA ILE A 33 -0.95 -1.12 4.87
C ILE A 33 -1.28 -2.35 5.70
N GLN A 34 -2.57 -2.61 5.84
CA GLN A 34 -3.03 -3.75 6.60
C GLN A 34 -2.80 -5.05 5.83
N LYS A 35 -3.07 -4.97 4.52
CA LYS A 35 -2.89 -6.12 3.66
C LYS A 35 -1.42 -6.56 3.68
N LEU A 36 -0.56 -5.59 3.94
CA LEU A 36 0.87 -5.85 4.00
C LEU A 36 1.29 -6.10 5.45
N VAL A 37 0.90 -5.16 6.30
CA VAL A 37 1.24 -5.26 7.72
C VAL A 37 0.83 -6.63 8.23
N ALA A 38 -0.26 -7.14 7.68
CA ALA A 38 -0.77 -8.45 8.07
C ALA A 38 0.25 -9.52 7.68
N MET A 39 0.93 -9.27 6.57
CA MET A 39 1.92 -10.19 6.07
C MET A 39 3.19 -10.16 6.92
N GLY A 40 3.41 -9.01 7.53
CA GLY A 40 4.58 -8.83 8.39
C GLY A 40 5.47 -7.70 7.86
N PHE A 41 4.85 -6.55 7.65
CA PHE A 41 5.58 -5.39 7.15
C PHE A 41 5.24 -4.14 7.96
N ASP A 42 6.22 -3.25 8.06
CA ASP A 42 6.03 -2.01 8.80
C ASP A 42 5.13 -1.07 8.00
N ARG A 43 4.15 -0.52 8.69
CA ARG A 43 3.21 0.39 8.06
C ARG A 43 3.95 1.30 7.07
N THR A 44 5.10 1.78 7.50
CA THR A 44 5.90 2.66 6.67
C THR A 44 6.38 1.91 5.42
N GLN A 45 7.16 0.86 5.66
CA GLN A 45 7.69 0.06 4.57
C GLN A 45 6.63 -0.12 3.48
N VAL A 46 5.37 -0.16 3.92
CA VAL A 46 4.26 -0.33 3.00
C VAL A 46 4.06 0.96 2.21
N GLU A 47 3.87 2.05 2.95
CA GLU A 47 3.67 3.34 2.34
C GLU A 47 4.82 3.68 1.39
N VAL A 48 6.02 3.66 1.95
CA VAL A 48 7.21 3.96 1.18
C VAL A 48 7.13 3.25 -0.18
N ALA A 49 7.10 1.92 -0.12
CA ALA A 49 7.01 1.12 -1.32
C ALA A 49 5.83 1.60 -2.16
N LEU A 50 4.64 1.43 -1.60
CA LEU A 50 3.42 1.83 -2.29
C LEU A 50 3.68 3.15 -3.03
N ALA A 51 4.56 3.95 -2.46
CA ALA A 51 4.90 5.23 -3.05
C ALA A 51 5.59 5.00 -4.40
N ALA A 52 6.67 4.22 -4.34
CA ALA A 52 7.42 3.93 -5.55
C ALA A 52 6.65 2.92 -6.40
N ALA A 53 5.73 2.22 -5.74
CA ALA A 53 4.92 1.23 -6.42
C ALA A 53 3.85 1.94 -7.25
N ASP A 54 3.57 3.17 -6.87
CA ASP A 54 2.58 3.97 -7.57
C ASP A 54 1.18 3.46 -7.21
N ASP A 55 0.99 3.21 -5.93
CA ASP A 55 -0.29 2.73 -5.44
C ASP A 55 -0.54 1.31 -5.99
N ASP A 56 0.56 0.61 -6.21
CA ASP A 56 0.48 -0.74 -6.74
C ASP A 56 0.89 -1.74 -5.63
N LEU A 57 -0.11 -2.37 -5.05
CA LEU A 57 0.13 -3.34 -3.99
C LEU A 57 1.02 -4.45 -4.52
N THR A 58 0.51 -5.16 -5.52
CA THR A 58 1.25 -6.25 -6.13
C THR A 58 2.74 -5.91 -6.21
N VAL A 59 3.02 -4.72 -6.72
CA VAL A 59 4.39 -4.27 -6.86
C VAL A 59 4.98 -4.01 -5.47
N ALA A 60 4.27 -3.20 -4.70
CA ALA A 60 4.71 -2.88 -3.35
C ALA A 60 5.25 -4.14 -2.67
N VAL A 61 4.40 -5.16 -2.64
CA VAL A 61 4.77 -6.42 -2.03
C VAL A 61 6.21 -6.77 -2.43
N GLU A 62 6.43 -6.84 -3.72
CA GLU A 62 7.75 -7.16 -4.25
C GLU A 62 8.82 -6.30 -3.58
N ILE A 63 8.47 -5.03 -3.37
CA ILE A 63 9.38 -4.10 -2.74
C ILE A 63 9.53 -4.47 -1.26
N LEU A 64 8.40 -4.64 -0.60
CA LEU A 64 8.39 -4.99 0.81
C LEU A 64 9.23 -6.25 1.02
N MET A 65 9.01 -7.23 0.14
CA MET A 65 9.75 -8.47 0.23
C MET A 65 11.26 -8.24 0.14
N SER A 66 11.63 -7.37 -0.78
CA SER A 66 13.03 -7.05 -0.98
C SER A 66 13.27 -5.57 -0.68
N GLN A 67 12.84 -5.15 0.50
CA GLN A 67 13.00 -3.77 0.91
C GLN A 67 14.32 -3.59 1.67
N SER A 68 14.36 -4.19 2.85
CA SER A 68 15.55 -4.10 3.69
C SER A 68 15.69 -2.69 4.27
N GLY A 69 15.19 -2.55 5.50
CA GLY A 69 15.24 -1.27 6.18
C GLY A 69 16.46 -1.19 7.10
N PRO A 70 16.91 0.07 7.37
CA PRO A 70 18.05 0.29 8.23
C PRO A 70 17.68 0.07 9.70
N SER A 71 17.30 -1.16 10.01
CA SER A 71 16.92 -1.51 11.36
C SER A 71 16.60 -3.00 11.44
N SER A 72 15.52 -3.39 10.78
CA SER A 72 15.10 -4.78 10.77
C SER A 72 14.60 -5.18 12.16
N GLY A 73 13.28 -5.13 12.32
CA GLY A 73 12.66 -5.48 13.58
C GLY A 73 11.47 -4.59 13.88
#